data_8X0V
#
_entry.id   8X0V
#
_cell.length_a   73.524
_cell.length_b   253.461
_cell.length_c   73.694
_cell.angle_alpha   90.000
_cell.angle_beta   102.498
_cell.angle_gamma   90.000
#
_symmetry.space_group_name_H-M   'P 1 21 1'
#
loop_
_entity.id
_entity.type
_entity.pdbx_description
1 polymer 'Cupin conserved barrel domain protein'
2 non-polymer (5~{R})-2-(hydroxymethyl)-3-[(~{E})-non-3-enyl]-5-oxidanyl-cyclohex-2-en-1-one
3 water water
#
_entity_poly.entity_id   1
_entity_poly.type   'polypeptide(L)'
_entity_poly.pdbx_seq_one_letter_code
;MAEQTEQTTTPFVLPGLNYVHSGFPAPGLRQINRHITGHDDNGKSVFLSTDHGDHHRIMGEKQAVANILYSTQETPVQLN
GNVDIDKAAKEEPPLHYHNGSIVRMIDFAPAVESPLHRAVSIDYGIVVEGVFKLVLDSGEERIMRQGDVSVQRATAHKWI
NITDNGTAPGRMMWILLDCHDVVVNGQVMEGYLGDLEKEYVGRGASK
;
_entity_poly.pdbx_strand_id   A,B,C,D,E,F,G,H,I,J,K,L
#
loop_
_chem_comp.id
_chem_comp.type
_chem_comp.name
_chem_comp.formula
XP3 non-polymer (5~{R})-2-(hydroxymethyl)-3-[(~{E})-non-3-enyl]-5-oxidanyl-cyclohex-2-en-1-one 'C16 H26 O3'
#
# COMPACT_ATOMS: atom_id res chain seq x y z
N VAL A 13 22.68 1.11 28.66
CA VAL A 13 22.67 1.65 27.31
C VAL A 13 22.09 0.63 26.33
N LEU A 14 20.82 0.81 25.96
CA LEU A 14 20.20 -0.03 24.95
C LEU A 14 20.88 0.22 23.61
N PRO A 15 21.56 -0.77 23.01
CA PRO A 15 22.23 -0.53 21.73
C PRO A 15 21.22 -0.25 20.63
N GLY A 16 21.57 0.70 19.76
CA GLY A 16 20.74 1.02 18.62
C GLY A 16 19.39 1.62 18.96
N LEU A 17 19.24 2.19 20.15
CA LEU A 17 17.97 2.79 20.52
C LEU A 17 17.59 3.91 19.56
N ASN A 18 16.43 3.77 18.93
CA ASN A 18 15.88 4.76 18.01
C ASN A 18 16.79 5.02 16.81
N TYR A 19 17.64 4.05 16.47
CA TYR A 19 18.55 4.24 15.33
C TYR A 19 17.80 4.18 14.00
N VAL A 20 16.85 3.26 13.88
CA VAL A 20 16.13 3.05 12.62
C VAL A 20 14.96 4.03 12.60
N HIS A 21 15.22 5.24 12.11
CA HIS A 21 14.24 6.31 12.16
C HIS A 21 13.33 6.35 10.94
N SER A 22 13.64 5.62 9.88
CA SER A 22 12.85 5.69 8.64
C SER A 22 12.57 4.30 8.09
N GLY A 23 12.27 3.36 8.97
CA GLY A 23 11.92 2.02 8.52
C GLY A 23 13.06 1.36 7.75
N PHE A 24 12.71 0.67 6.68
CA PHE A 24 13.74 0.06 5.85
C PHE A 24 14.09 0.96 4.68
N PRO A 25 15.39 1.14 4.36
CA PRO A 25 16.57 0.56 5.01
C PRO A 25 17.06 1.37 6.21
N ALA A 26 17.80 0.71 7.11
CA ALA A 26 18.37 1.40 8.25
C ALA A 26 19.41 2.42 7.78
N PRO A 27 19.58 3.51 8.53
CA PRO A 27 20.59 4.51 8.15
C PRO A 27 21.98 3.89 8.01
N GLY A 28 22.62 4.15 6.88
CA GLY A 28 23.91 3.58 6.58
C GLY A 28 23.86 2.32 5.73
N LEU A 29 22.67 1.81 5.42
CA LEU A 29 22.50 0.65 4.57
C LEU A 29 21.69 1.04 3.34
N ARG A 30 21.75 0.19 2.32
CA ARG A 30 21.25 0.55 1.00
C ARG A 30 19.81 0.09 0.79
N GLN A 31 19.03 0.94 0.13
CA GLN A 31 17.77 0.48 -0.44
C GLN A 31 18.05 -0.56 -1.51
N ILE A 32 17.12 -1.48 -1.70
CA ILE A 32 17.33 -2.64 -2.55
C ILE A 32 16.33 -2.61 -3.70
N ASN A 33 16.55 -3.52 -4.65
CA ASN A 33 15.58 -3.89 -5.66
C ASN A 33 15.26 -5.37 -5.50
N ARG A 34 13.97 -5.67 -5.36
CA ARG A 34 13.49 -7.04 -5.42
C ARG A 34 12.71 -7.21 -6.72
N HIS A 35 13.13 -8.18 -7.54
CA HIS A 35 12.47 -8.47 -8.81
C HIS A 35 11.77 -9.81 -8.72
N ILE A 36 10.49 -9.82 -9.09
CA ILE A 36 9.69 -11.04 -9.16
C ILE A 36 9.33 -11.28 -10.62
N THR A 37 9.60 -12.49 -11.09
CA THR A 37 9.32 -12.85 -12.48
C THR A 37 8.06 -13.68 -12.58
N GLY A 38 7.59 -13.85 -13.81
CA GLY A 38 6.40 -14.63 -14.05
C GLY A 38 6.13 -14.72 -15.54
N HIS A 39 5.01 -15.35 -15.87
CA HIS A 39 4.59 -15.53 -17.25
C HIS A 39 3.38 -14.65 -17.54
N ASP A 40 3.37 -14.04 -18.73
CA ASP A 40 2.21 -13.29 -19.15
C ASP A 40 1.20 -14.24 -19.80
N ASP A 41 0.09 -13.69 -20.27
CA ASP A 41 -0.95 -14.53 -20.85
C ASP A 41 -0.57 -15.09 -22.23
N ASN A 42 0.66 -14.88 -22.68
CA ASN A 42 1.17 -15.51 -23.90
C ASN A 42 2.26 -16.53 -23.63
N GLY A 43 2.56 -16.81 -22.36
CA GLY A 43 3.61 -17.73 -22.01
C GLY A 43 5.01 -17.16 -22.04
N LYS A 44 5.16 -15.85 -22.26
CA LYS A 44 6.48 -15.23 -22.25
C LYS A 44 6.86 -14.86 -20.82
N SER A 45 8.12 -15.11 -20.47
CA SER A 45 8.62 -14.78 -19.14
C SER A 45 8.87 -13.27 -19.04
N VAL A 46 8.23 -12.63 -18.06
CA VAL A 46 8.34 -11.19 -17.88
C VAL A 46 8.62 -10.91 -16.40
N PHE A 47 8.98 -9.65 -16.12
CA PHE A 47 9.09 -9.18 -14.76
C PHE A 47 7.73 -8.67 -14.30
N LEU A 48 7.32 -9.07 -13.10
CA LEU A 48 6.04 -8.65 -12.56
C LEU A 48 6.14 -7.46 -11.63
N SER A 49 7.28 -7.28 -10.97
CA SER A 49 7.41 -6.18 -10.00
C SER A 49 8.88 -5.94 -9.69
N THR A 50 9.19 -4.67 -9.44
CA THR A 50 10.45 -4.24 -8.85
C THR A 50 10.11 -3.30 -7.70
N ASP A 51 10.60 -3.60 -6.51
CA ASP A 51 10.17 -2.86 -5.33
C ASP A 51 11.18 -3.06 -4.19
N HIS A 52 10.80 -2.59 -3.00
CA HIS A 52 11.65 -2.60 -1.81
C HIS A 52 11.39 -3.80 -0.91
N GLY A 53 10.69 -4.82 -1.40
CA GLY A 53 10.31 -5.93 -0.55
C GLY A 53 8.88 -5.82 -0.05
N ASP A 54 8.62 -6.32 1.15
CA ASP A 54 7.26 -6.43 1.64
C ASP A 54 7.30 -6.68 3.14
N HIS A 55 6.21 -6.30 3.82
CA HIS A 55 6.01 -6.60 5.24
C HIS A 55 7.17 -6.11 6.09
N HIS A 56 7.55 -4.85 5.88
CA HIS A 56 8.60 -4.25 6.71
C HIS A 56 8.12 -4.14 8.15
N ARG A 57 8.98 -4.51 9.09
CA ARG A 57 8.61 -4.54 10.51
C ARG A 57 9.76 -4.01 11.35
N ILE A 58 9.48 -2.96 12.13
CA ILE A 58 10.44 -2.47 13.10
C ILE A 58 10.56 -3.47 14.25
N MET A 59 11.79 -3.73 14.68
CA MET A 59 12.06 -4.65 15.78
C MET A 59 12.73 -3.90 16.92
N GLY A 60 12.36 -4.26 18.14
CA GLY A 60 12.89 -3.57 19.29
C GLY A 60 12.44 -2.12 19.31
N GLU A 61 13.25 -1.28 19.97
CA GLU A 61 12.97 0.16 20.05
C GLU A 61 13.68 0.87 18.89
N LYS A 62 13.15 0.64 17.70
CA LYS A 62 13.76 1.09 16.45
C LYS A 62 15.23 0.66 16.38
N GLN A 63 15.50 -0.57 16.81
CA GLN A 63 16.83 -1.13 16.82
C GLN A 63 17.12 -2.00 15.60
N ALA A 64 16.08 -2.51 14.93
CA ALA A 64 16.25 -3.29 13.73
C ALA A 64 15.00 -3.16 12.89
N VAL A 65 15.09 -3.60 11.63
CA VAL A 65 13.93 -3.60 10.75
C VAL A 65 14.04 -4.80 9.83
N ALA A 66 12.97 -5.60 9.76
CA ALA A 66 12.95 -6.80 8.95
C ALA A 66 12.27 -6.51 7.62
N ASN A 67 12.62 -7.31 6.61
CA ASN A 67 12.13 -7.15 5.25
C ASN A 67 11.90 -8.54 4.67
N ILE A 68 10.65 -8.84 4.34
CA ILE A 68 10.26 -10.16 3.86
C ILE A 68 10.30 -10.12 2.33
N LEU A 69 11.33 -10.72 1.76
CA LEU A 69 11.49 -10.69 0.30
C LEU A 69 10.57 -11.67 -0.40
N TYR A 70 10.29 -12.83 0.22
CA TYR A 70 9.31 -13.76 -0.31
C TYR A 70 8.96 -14.77 0.76
N SER A 71 7.90 -15.54 0.49
CA SER A 71 7.45 -16.60 1.38
C SER A 71 6.61 -17.58 0.57
N THR A 72 6.59 -18.83 1.02
CA THR A 72 5.75 -19.87 0.44
C THR A 72 5.16 -20.68 1.58
N GLN A 73 4.02 -21.33 1.32
CA GLN A 73 3.30 -22.03 2.37
C GLN A 73 2.96 -23.48 2.00
N GLU A 74 3.57 -24.03 0.96
CA GLU A 74 3.36 -25.43 0.62
C GLU A 74 4.50 -25.91 -0.26
N THR A 75 4.67 -27.24 -0.29
CA THR A 75 5.74 -27.87 -1.04
C THR A 75 5.17 -29.03 -1.84
N PRO A 76 5.36 -29.08 -3.17
CA PRO A 76 6.02 -28.03 -3.96
C PRO A 76 5.15 -26.78 -4.11
N VAL A 77 5.78 -25.66 -4.45
CA VAL A 77 5.06 -24.39 -4.50
C VAL A 77 4.12 -24.38 -5.70
N GLN A 78 2.93 -23.82 -5.51
CA GLN A 78 1.94 -23.68 -6.58
C GLN A 78 2.08 -22.28 -7.18
N LEU A 79 2.51 -22.22 -8.44
CA LEU A 79 2.74 -20.96 -9.14
C LEU A 79 1.59 -20.56 -10.06
N ASN A 80 0.68 -21.47 -10.39
CA ASN A 80 -0.33 -21.19 -11.40
C ASN A 80 -1.36 -20.20 -10.87
N GLY A 81 -1.83 -19.33 -11.76
CA GLY A 81 -2.73 -18.26 -11.37
C GLY A 81 -2.09 -17.28 -10.41
N ASN A 82 -0.77 -17.34 -10.28
CA ASN A 82 0.01 -16.46 -9.41
C ASN A 82 -0.46 -16.51 -7.96
N VAL A 83 -0.93 -17.67 -7.49
CA VAL A 83 -1.45 -17.75 -6.13
C VAL A 83 -0.34 -17.59 -5.10
N ASP A 84 0.90 -17.92 -5.46
CA ASP A 84 2.00 -17.78 -4.51
C ASP A 84 2.33 -16.31 -4.27
N ILE A 85 2.22 -15.48 -5.31
CA ILE A 85 2.43 -14.04 -5.15
C ILE A 85 1.40 -13.46 -4.20
N ASP A 86 0.13 -13.76 -4.44
CA ASP A 86 -0.92 -13.28 -3.56
C ASP A 86 -0.74 -13.80 -2.15
N LYS A 87 -0.41 -15.09 -2.01
CA LYS A 87 -0.22 -15.67 -0.68
C LYS A 87 0.90 -14.97 0.08
N ALA A 88 2.00 -14.64 -0.62
CA ALA A 88 3.11 -13.98 0.05
C ALA A 88 2.77 -12.53 0.39
N ALA A 89 1.97 -11.86 -0.43
CA ALA A 89 1.65 -10.46 -0.21
C ALA A 89 0.43 -10.25 0.67
N LYS A 90 -0.47 -11.25 0.74
CA LYS A 90 -1.74 -11.06 1.44
C LYS A 90 -1.55 -10.91 2.94
N GLU A 91 -0.65 -11.70 3.54
CA GLU A 91 -0.45 -11.69 4.98
C GLU A 91 1.03 -11.53 5.30
N GLU A 92 1.30 -10.84 6.42
CA GLU A 92 2.65 -10.88 6.98
C GLU A 92 2.91 -12.27 7.53
N PRO A 93 4.00 -12.93 7.13
CA PRO A 93 4.22 -14.32 7.54
C PRO A 93 4.64 -14.41 9.01
N PRO A 94 4.43 -15.57 9.63
CA PRO A 94 4.96 -15.80 10.99
C PRO A 94 6.47 -16.03 10.98
N LEU A 95 7.01 -16.47 12.11
CA LEU A 95 8.45 -16.76 12.20
C LEU A 95 8.91 -17.68 11.08
N HIS A 96 8.24 -18.83 10.92
CA HIS A 96 8.50 -19.71 9.79
C HIS A 96 7.22 -20.43 9.40
N TYR A 97 7.15 -20.84 8.14
CA TYR A 97 5.98 -21.46 7.56
C TYR A 97 6.14 -22.98 7.54
N HIS A 98 5.12 -23.69 8.02
CA HIS A 98 5.12 -25.15 7.94
C HIS A 98 5.05 -25.59 6.49
N ASN A 99 5.94 -26.51 6.11
CA ASN A 99 6.04 -27.00 4.73
C ASN A 99 6.28 -25.87 3.74
N GLY A 100 6.92 -24.78 4.19
CA GLY A 100 7.13 -23.63 3.34
C GLY A 100 8.48 -22.95 3.56
N SER A 101 8.59 -21.69 3.12
CA SER A 101 9.83 -20.94 3.21
C SER A 101 9.54 -19.49 3.54
N ILE A 102 10.55 -18.81 4.09
CA ILE A 102 10.52 -17.38 4.33
C ILE A 102 11.92 -16.82 4.07
N VAL A 103 11.99 -15.76 3.28
CA VAL A 103 13.23 -15.03 3.05
C VAL A 103 13.12 -13.73 3.82
N ARG A 104 13.80 -13.64 4.96
CA ARG A 104 13.69 -12.50 5.86
C ARG A 104 15.03 -11.76 5.92
N MET A 105 15.01 -10.50 5.53
CA MET A 105 16.17 -9.62 5.57
C MET A 105 16.02 -8.66 6.74
N ILE A 106 17.04 -8.57 7.59
CA ILE A 106 17.00 -7.74 8.78
C ILE A 106 18.20 -6.80 8.79
N ASP A 107 17.93 -5.51 8.95
CA ASP A 107 18.96 -4.51 9.17
C ASP A 107 19.19 -4.35 10.67
N PHE A 108 20.45 -4.46 11.09
CA PHE A 108 20.83 -4.32 12.49
C PHE A 108 21.39 -2.93 12.73
N ALA A 109 20.90 -2.24 13.77
CA ALA A 109 21.53 -1.02 14.22
C ALA A 109 22.89 -1.36 14.81
N PRO A 110 23.76 -0.37 15.01
CA PRO A 110 25.07 -0.65 15.61
C PRO A 110 24.96 -1.40 16.93
N ALA A 111 25.73 -2.50 17.03
CA ALA A 111 25.90 -3.27 18.26
C ALA A 111 24.62 -3.94 18.73
N VAL A 112 23.62 -4.08 17.87
CA VAL A 112 22.38 -4.74 18.26
C VAL A 112 22.57 -6.25 18.19
N GLU A 113 22.02 -6.95 19.18
CA GLU A 113 22.06 -8.40 19.20
C GLU A 113 20.67 -8.95 19.41
N SER A 114 20.44 -10.15 18.91
CA SER A 114 19.20 -10.85 19.17
C SER A 114 19.25 -11.50 20.55
N PRO A 115 18.10 -11.84 21.10
CA PRO A 115 18.10 -12.72 22.28
C PRO A 115 18.54 -14.11 21.90
N LEU A 116 19.07 -14.83 22.88
CA LEU A 116 19.33 -16.26 22.70
C LEU A 116 17.99 -16.96 22.50
N HIS A 117 17.83 -17.63 21.36
CA HIS A 117 16.54 -18.23 21.02
C HIS A 117 16.76 -19.47 20.17
N ARG A 118 15.71 -20.28 20.09
CA ARG A 118 15.69 -21.44 19.20
C ARG A 118 14.38 -21.44 18.43
N ALA A 119 14.49 -21.41 17.11
CA ALA A 119 13.40 -21.75 16.22
C ALA A 119 13.63 -23.15 15.66
N VAL A 120 12.56 -23.92 15.58
CA VAL A 120 12.61 -25.30 15.05
C VAL A 120 12.43 -25.14 13.54
N SER A 121 13.52 -24.82 12.87
CA SER A 121 13.56 -24.60 11.43
C SER A 121 15.03 -24.70 11.02
N ILE A 122 15.26 -24.94 9.73
CA ILE A 122 16.62 -24.96 9.19
C ILE A 122 16.81 -23.66 8.41
N ASP A 123 17.81 -22.88 8.79
CA ASP A 123 17.99 -21.53 8.29
C ASP A 123 19.29 -21.42 7.52
N TYR A 124 19.21 -20.90 6.29
CA TYR A 124 20.37 -20.51 5.52
C TYR A 124 20.58 -19.01 5.71
N GLY A 125 21.71 -18.63 6.30
CA GLY A 125 22.03 -17.24 6.57
C GLY A 125 23.24 -16.80 5.78
N ILE A 126 23.17 -15.59 5.24
CA ILE A 126 24.29 -14.97 4.52
C ILE A 126 24.43 -13.54 5.01
N VAL A 127 25.69 -13.10 5.18
CA VAL A 127 25.96 -11.74 5.60
C VAL A 127 25.94 -10.86 4.35
N VAL A 128 24.95 -9.97 4.28
CA VAL A 128 24.86 -9.06 3.14
C VAL A 128 25.82 -7.89 3.32
N GLU A 129 25.89 -7.33 4.52
CA GLU A 129 26.83 -6.25 4.80
C GLU A 129 27.19 -6.28 6.28
N GLY A 130 28.48 -6.07 6.55
CA GLY A 130 28.97 -5.96 7.91
C GLY A 130 29.62 -7.22 8.40
N VAL A 131 29.83 -7.25 9.72
CA VAL A 131 30.40 -8.39 10.40
C VAL A 131 29.46 -8.78 11.53
N PHE A 132 29.11 -10.06 11.58
CA PHE A 132 28.22 -10.57 12.61
C PHE A 132 28.91 -11.69 13.37
N LYS A 133 28.57 -11.81 14.64
CA LYS A 133 29.02 -12.91 15.49
C LYS A 133 27.83 -13.82 15.76
N LEU A 134 27.99 -15.11 15.46
CA LEU A 134 26.98 -16.11 15.73
C LEU A 134 27.39 -16.90 16.97
N VAL A 135 26.62 -16.78 18.04
CA VAL A 135 26.93 -17.39 19.33
C VAL A 135 25.86 -18.43 19.64
N LEU A 136 26.29 -19.65 19.90
CA LEU A 136 25.39 -20.75 20.25
C LEU A 136 25.33 -20.91 21.77
N ASP A 137 24.33 -21.67 22.23
CA ASP A 137 24.09 -21.79 23.66
C ASP A 137 25.23 -22.51 24.39
N SER A 138 26.10 -23.22 23.66
CA SER A 138 27.27 -23.83 24.26
C SER A 138 28.35 -22.82 24.58
N GLY A 139 28.27 -21.61 24.01
CA GLY A 139 29.33 -20.63 24.11
C GLY A 139 30.25 -20.59 22.91
N GLU A 140 30.20 -21.59 22.04
CA GLU A 140 30.96 -21.54 20.81
C GLU A 140 30.46 -20.42 19.92
N GLU A 141 31.39 -19.75 19.23
CA GLU A 141 31.05 -18.62 18.39
C GLU A 141 31.82 -18.69 17.09
N ARG A 142 31.26 -18.08 16.06
CA ARG A 142 31.94 -17.85 14.79
C ARG A 142 31.71 -16.41 14.37
N ILE A 143 32.76 -15.79 13.85
CA ILE A 143 32.65 -14.43 13.31
C ILE A 143 32.39 -14.56 11.81
N MET A 144 31.23 -14.07 11.38
CA MET A 144 30.82 -14.17 9.99
C MET A 144 30.95 -12.81 9.32
N ARG A 145 31.66 -12.78 8.20
CA ARG A 145 31.88 -11.57 7.43
C ARG A 145 31.08 -11.65 6.13
N GLN A 146 31.07 -10.54 5.40
CA GLN A 146 30.27 -10.44 4.18
C GLN A 146 30.56 -11.59 3.24
N GLY A 147 29.50 -12.29 2.83
CA GLY A 147 29.61 -13.43 1.96
C GLY A 147 29.59 -14.78 2.66
N ASP A 148 29.93 -14.82 3.95
CA ASP A 148 29.95 -16.07 4.68
C ASP A 148 28.53 -16.58 4.90
N VAL A 149 28.41 -17.90 5.04
CA VAL A 149 27.12 -18.57 5.04
C VAL A 149 27.02 -19.52 6.22
N SER A 150 25.87 -19.52 6.87
CA SER A 150 25.59 -20.39 8.00
C SER A 150 24.38 -21.26 7.70
N VAL A 151 24.45 -22.52 8.14
CA VAL A 151 23.33 -23.45 8.05
C VAL A 151 22.94 -23.76 9.49
N GLN A 152 21.89 -23.10 9.98
CA GLN A 152 21.47 -23.22 11.37
C GLN A 152 20.41 -24.31 11.46
N ARG A 153 20.78 -25.43 12.06
CA ARG A 153 19.91 -26.62 12.09
C ARG A 153 19.19 -26.71 13.43
N ALA A 154 18.18 -25.82 13.57
CA ALA A 154 17.27 -25.82 14.72
C ALA A 154 18.02 -25.71 16.05
N THR A 155 19.08 -24.91 16.06
CA THR A 155 19.93 -24.77 17.24
C THR A 155 19.64 -23.46 17.96
N ALA A 156 19.91 -23.45 19.27
CA ALA A 156 19.75 -22.25 20.07
C ALA A 156 20.93 -21.31 19.85
N HIS A 157 20.65 -20.05 19.57
CA HIS A 157 21.68 -19.15 19.06
C HIS A 157 21.25 -17.71 19.26
N LYS A 158 22.22 -16.81 19.13
CA LYS A 158 21.95 -15.38 19.06
C LYS A 158 22.89 -14.76 18.04
N TRP A 159 22.40 -13.70 17.39
CA TRP A 159 23.17 -12.96 16.40
C TRP A 159 23.56 -11.61 16.99
N ILE A 160 24.85 -11.27 16.89
CA ILE A 160 25.37 -10.00 17.38
C ILE A 160 25.98 -9.25 16.20
N ASN A 161 25.54 -8.01 16.00
CA ASN A 161 26.16 -7.12 15.02
C ASN A 161 27.38 -6.48 15.67
N ILE A 162 28.57 -6.81 15.16
CA ILE A 162 29.81 -6.27 15.68
C ILE A 162 30.53 -5.40 14.66
N THR A 163 29.83 -4.98 13.60
CA THR A 163 30.47 -4.27 12.51
C THR A 163 31.18 -3.01 12.99
N ASP A 164 32.45 -2.88 12.61
CA ASP A 164 33.29 -1.74 12.96
C ASP A 164 33.28 -1.48 14.47
N ASN A 165 33.60 -2.53 15.23
CA ASN A 165 33.66 -2.47 16.68
C ASN A 165 32.36 -1.92 17.27
N GLY A 166 31.24 -2.34 16.69
CA GLY A 166 29.94 -1.98 17.24
C GLY A 166 29.45 -0.59 16.91
N THR A 167 30.02 0.06 15.89
CA THR A 167 29.62 1.41 15.50
C THR A 167 28.89 1.45 14.17
N ALA A 168 28.74 0.32 13.48
CA ALA A 168 28.21 0.33 12.14
C ALA A 168 26.99 -0.58 12.02
N PRO A 169 26.04 -0.23 11.16
CA PRO A 169 24.90 -1.13 10.90
C PRO A 169 25.35 -2.33 10.07
N GLY A 170 24.53 -3.38 10.14
CA GLY A 170 24.78 -4.57 9.36
C GLY A 170 23.48 -5.16 8.83
N ARG A 171 23.62 -6.03 7.84
CA ARG A 171 22.48 -6.64 7.18
C ARG A 171 22.70 -8.14 7.02
N MET A 172 21.72 -8.93 7.45
CA MET A 172 21.68 -10.37 7.24
C MET A 172 20.47 -10.72 6.40
N MET A 173 20.57 -11.83 5.68
CA MET A 173 19.41 -12.42 5.01
C MET A 173 19.33 -13.89 5.36
N TRP A 174 18.15 -14.34 5.77
CA TRP A 174 17.92 -15.73 6.13
C TRP A 174 16.86 -16.33 5.21
N ILE A 175 17.04 -17.59 4.86
CA ILE A 175 16.03 -18.39 4.18
C ILE A 175 15.64 -19.51 5.15
N LEU A 176 14.42 -19.45 5.66
CA LEU A 176 13.96 -20.32 6.72
C LEU A 176 13.08 -21.43 6.15
N LEU A 177 13.46 -22.67 6.39
CA LEU A 177 12.72 -23.83 5.91
C LEU A 177 12.22 -24.66 7.08
N ASP A 178 11.17 -25.43 6.82
CA ASP A 178 10.54 -26.24 7.85
C ASP A 178 11.37 -27.48 8.14
N CYS A 179 11.50 -27.82 9.41
CA CYS A 179 12.20 -29.05 9.79
C CYS A 179 11.41 -29.73 10.90
N HIS A 180 11.71 -31.02 11.08
CA HIS A 180 11.13 -31.75 12.19
C HIS A 180 11.83 -31.37 13.49
N ASP A 181 11.18 -31.68 14.61
CA ASP A 181 11.74 -31.35 15.90
C ASP A 181 13.03 -32.13 16.16
N VAL A 182 13.98 -31.49 16.82
CA VAL A 182 15.24 -32.12 17.17
C VAL A 182 15.07 -32.83 18.51
N VAL A 183 15.45 -34.11 18.55
CA VAL A 183 15.33 -34.92 19.75
C VAL A 183 16.70 -35.51 20.07
N VAL A 184 17.16 -35.29 21.29
CA VAL A 184 18.48 -35.73 21.73
C VAL A 184 18.27 -36.66 22.93
N ASN A 185 18.36 -37.97 22.69
CA ASN A 185 18.26 -38.97 23.76
C ASN A 185 16.96 -38.82 24.54
N GLY A 186 15.84 -38.80 23.80
CA GLY A 186 14.52 -38.84 24.37
C GLY A 186 13.81 -37.49 24.50
N GLN A 187 14.57 -36.40 24.64
CA GLN A 187 14.00 -35.10 24.97
C GLN A 187 13.95 -34.20 23.73
N VAL A 188 12.82 -33.51 23.57
CA VAL A 188 12.67 -32.53 22.50
C VAL A 188 13.46 -31.27 22.85
N MET A 189 14.29 -30.82 21.92
CA MET A 189 14.95 -29.52 22.04
C MET A 189 13.94 -28.47 21.65
N GLU A 190 13.12 -28.05 22.61
CA GLU A 190 11.95 -27.24 22.33
C GLU A 190 12.33 -25.86 21.85
N GLY A 191 11.45 -25.26 21.04
CA GLY A 191 11.66 -23.91 20.59
C GLY A 191 11.33 -22.89 21.67
N TYR A 192 12.08 -21.79 21.66
CA TYR A 192 11.80 -20.68 22.56
C TYR A 192 12.29 -19.40 21.91
N LEU A 193 11.60 -18.30 22.21
CA LEU A 193 11.89 -17.03 21.58
C LEU A 193 12.53 -16.01 22.51
N GLY A 194 12.48 -16.22 23.81
CA GLY A 194 13.02 -15.23 24.73
C GLY A 194 12.28 -13.93 24.60
N ASP A 195 12.99 -12.88 24.17
CA ASP A 195 12.39 -11.57 23.96
C ASP A 195 11.94 -11.34 22.52
N LEU A 196 12.24 -12.25 21.60
CA LEU A 196 11.81 -12.13 20.21
C LEU A 196 10.32 -12.41 20.05
N GLU A 197 9.63 -12.85 21.10
CA GLU A 197 8.19 -13.05 21.04
C GLU A 197 7.48 -11.76 20.65
N LYS A 198 7.98 -10.61 21.14
CA LYS A 198 7.31 -9.34 20.89
C LYS A 198 7.21 -9.02 19.40
N GLU A 199 8.16 -9.50 18.60
CA GLU A 199 8.21 -9.17 17.17
C GLU A 199 7.35 -10.07 16.30
N TYR A 200 6.68 -11.07 16.87
CA TYR A 200 5.87 -11.97 16.06
C TYR A 200 4.55 -12.33 16.74
N VAL B 13 35.60 -14.69 -29.52
CA VAL B 13 36.29 -15.30 -28.39
C VAL B 13 35.30 -15.65 -27.28
N LEU B 14 35.49 -16.81 -26.67
CA LEU B 14 34.62 -17.26 -25.59
C LEU B 14 35.00 -16.54 -24.30
N PRO B 15 34.06 -15.88 -23.61
CA PRO B 15 34.43 -15.08 -22.45
C PRO B 15 34.83 -15.97 -21.27
N GLY B 16 35.82 -15.52 -20.52
CA GLY B 16 36.27 -16.26 -19.37
C GLY B 16 36.97 -17.56 -19.68
N LEU B 17 37.41 -17.75 -20.93
CA LEU B 17 38.13 -18.95 -21.33
C LEU B 17 39.34 -19.18 -20.42
N ASN B 18 39.34 -20.32 -19.73
CA ASN B 18 40.44 -20.73 -18.87
C ASN B 18 40.69 -19.74 -17.73
N TYR B 19 39.66 -19.01 -17.31
CA TYR B 19 39.84 -18.03 -16.25
C TYR B 19 39.89 -18.68 -14.88
N VAL B 20 39.01 -19.64 -14.60
CA VAL B 20 38.98 -20.31 -13.31
C VAL B 20 40.04 -21.39 -13.29
N HIS B 21 41.23 -21.07 -12.77
CA HIS B 21 42.36 -21.98 -12.86
C HIS B 21 42.56 -22.85 -11.63
N SER B 22 41.91 -22.53 -10.51
CA SER B 22 42.06 -23.32 -9.29
C SER B 22 40.74 -23.54 -8.60
N GLY B 23 39.70 -23.88 -9.39
CA GLY B 23 38.39 -24.16 -8.82
C GLY B 23 37.83 -22.97 -8.08
N PHE B 24 37.14 -23.24 -6.97
CA PHE B 24 36.52 -22.22 -6.14
C PHE B 24 37.50 -21.76 -5.07
N PRO B 25 37.67 -20.45 -4.87
CA PRO B 25 36.96 -19.39 -5.60
C PRO B 25 37.66 -19.00 -6.90
N ALA B 26 36.91 -18.40 -7.82
CA ALA B 26 37.50 -17.90 -9.05
C ALA B 26 38.49 -16.79 -8.73
N PRO B 27 39.50 -16.59 -9.57
CA PRO B 27 40.47 -15.50 -9.32
C PRO B 27 39.77 -14.16 -9.25
N GLY B 28 40.05 -13.43 -8.16
CA GLY B 28 39.43 -12.14 -7.91
C GLY B 28 38.31 -12.18 -6.89
N LEU B 29 37.82 -13.36 -6.53
CA LEU B 29 36.77 -13.50 -5.55
C LEU B 29 37.31 -14.19 -4.29
N ARG B 30 36.58 -14.05 -3.20
CA ARG B 30 37.07 -14.43 -1.88
C ARG B 30 36.68 -15.86 -1.53
N GLN B 31 37.62 -16.56 -0.88
CA GLN B 31 37.27 -17.81 -0.21
C GLN B 31 36.27 -17.52 0.90
N ILE B 32 35.40 -18.48 1.17
CA ILE B 32 34.29 -18.28 2.10
C ILE B 32 34.47 -19.19 3.30
N ASN B 33 33.66 -18.92 4.33
CA ASN B 33 33.43 -19.83 5.43
C ASN B 33 31.99 -20.29 5.39
N ARG B 34 31.77 -21.59 5.38
CA ARG B 34 30.44 -22.17 5.58
C ARG B 34 30.41 -22.82 6.95
N HIS B 35 29.46 -22.40 7.79
CA HIS B 35 29.32 -22.94 9.13
C HIS B 35 28.03 -23.73 9.24
N ILE B 36 28.14 -24.96 9.74
CA ILE B 36 27.00 -25.84 9.99
C ILE B 36 26.88 -26.06 11.49
N THR B 37 25.70 -25.82 12.04
CA THR B 37 25.45 -26.01 13.45
C THR B 37 24.74 -27.34 13.71
N GLY B 38 24.77 -27.77 14.96
CA GLY B 38 24.09 -28.98 15.36
C GLY B 38 24.10 -29.12 16.86
N HIS B 39 23.72 -30.30 17.32
CA HIS B 39 23.68 -30.62 18.75
C HIS B 39 24.71 -31.69 19.07
N ASP B 40 25.36 -31.55 20.22
CA ASP B 40 26.25 -32.58 20.70
C ASP B 40 25.47 -33.57 21.57
N ASP B 41 26.18 -34.55 22.14
CA ASP B 41 25.51 -35.63 22.88
C ASP B 41 24.79 -35.13 24.12
N ASN B 42 25.07 -33.91 24.57
CA ASN B 42 24.41 -33.33 25.73
C ASN B 42 23.25 -32.40 25.36
N GLY B 43 22.92 -32.28 24.09
CA GLY B 43 21.88 -31.36 23.66
C GLY B 43 22.32 -29.92 23.54
N LYS B 44 23.62 -29.64 23.62
CA LYS B 44 24.12 -28.30 23.41
C LYS B 44 24.31 -28.03 21.91
N SER B 45 23.95 -26.81 21.52
CA SER B 45 24.14 -26.34 20.14
C SER B 45 25.60 -26.03 19.90
N VAL B 46 26.22 -26.74 18.95
CA VAL B 46 27.63 -26.57 18.65
C VAL B 46 27.82 -26.38 17.15
N PHE B 47 29.01 -25.94 16.77
CA PHE B 47 29.39 -25.87 15.37
C PHE B 47 29.95 -27.23 14.96
N LEU B 48 29.35 -27.84 13.94
CA LEU B 48 29.81 -29.14 13.48
C LEU B 48 30.93 -29.05 12.46
N SER B 49 30.96 -27.99 11.66
CA SER B 49 31.99 -27.88 10.62
C SER B 49 32.12 -26.43 10.18
N THR B 50 33.30 -26.12 9.66
CA THR B 50 33.60 -24.82 9.05
C THR B 50 34.47 -25.12 7.84
N ASP B 51 33.94 -24.89 6.64
CA ASP B 51 34.62 -25.32 5.43
C ASP B 51 34.32 -24.35 4.29
N HIS B 52 34.72 -24.75 3.08
CA HIS B 52 34.56 -23.95 1.88
C HIS B 52 33.32 -24.33 1.07
N GLY B 53 32.38 -25.04 1.68
CA GLY B 53 31.24 -25.53 0.93
C GLY B 53 31.40 -26.98 0.50
N ASP B 54 30.83 -27.34 -0.64
CA ASP B 54 30.82 -28.75 -1.04
C ASP B 54 30.49 -28.85 -2.51
N HIS B 55 30.84 -30.00 -3.09
CA HIS B 55 30.48 -30.37 -4.47
C HIS B 55 30.83 -29.26 -5.46
N HIS B 56 32.07 -28.77 -5.36
CA HIS B 56 32.57 -27.79 -6.32
C HIS B 56 32.53 -28.37 -7.73
N ARG B 57 32.12 -27.55 -8.68
CA ARG B 57 31.93 -28.03 -10.05
C ARG B 57 32.33 -26.93 -11.02
N ILE B 58 33.35 -27.21 -11.83
CA ILE B 58 33.71 -26.32 -12.92
C ILE B 58 32.61 -26.36 -13.97
N MET B 59 32.30 -25.20 -14.55
CA MET B 59 31.35 -25.09 -15.65
C MET B 59 32.05 -24.47 -16.84
N GLY B 60 31.61 -24.87 -18.04
CA GLY B 60 32.22 -24.39 -19.26
C GLY B 60 33.70 -24.78 -19.35
N GLU B 61 34.43 -24.00 -20.14
CA GLU B 61 35.87 -24.20 -20.30
C GLU B 61 36.61 -23.40 -19.24
N LYS B 62 36.42 -23.84 -17.99
CA LYS B 62 36.92 -23.13 -16.81
C LYS B 62 36.41 -21.70 -16.79
N GLN B 63 35.14 -21.52 -17.17
CA GLN B 63 34.51 -20.21 -17.23
C GLN B 63 33.70 -19.87 -15.98
N ALA B 64 33.40 -20.86 -15.15
CA ALA B 64 32.63 -20.64 -13.94
C ALA B 64 32.87 -21.83 -13.02
N VAL B 65 32.51 -21.67 -11.75
CA VAL B 65 32.63 -22.74 -10.78
C VAL B 65 31.49 -22.62 -9.77
N ALA B 66 30.78 -23.71 -9.55
CA ALA B 66 29.65 -23.75 -8.64
C ALA B 66 30.08 -24.32 -7.29
N ASN B 67 29.30 -23.95 -6.26
CA ASN B 67 29.59 -24.36 -4.88
C ASN B 67 28.25 -24.64 -4.22
N ILE B 68 28.03 -25.90 -3.83
CA ILE B 68 26.78 -26.30 -3.18
C ILE B 68 26.97 -26.15 -1.69
N LEU B 69 26.33 -25.14 -1.10
CA LEU B 69 26.51 -24.85 0.31
C LEU B 69 25.68 -25.77 1.19
N TYR B 70 24.52 -26.20 0.72
CA TYR B 70 23.71 -27.19 1.41
C TYR B 70 22.64 -27.68 0.45
N SER B 71 21.93 -28.72 0.88
CA SER B 71 20.79 -29.22 0.14
C SER B 71 19.94 -30.03 1.10
N THR B 72 18.65 -30.12 0.78
CA THR B 72 17.71 -30.96 1.49
C THR B 72 16.88 -31.74 0.48
N GLN B 73 16.38 -32.90 0.91
CA GLN B 73 15.67 -33.79 0.00
C GLN B 73 14.29 -34.19 0.50
N GLU B 74 13.77 -33.54 1.55
CA GLU B 74 12.41 -33.82 2.00
C GLU B 74 11.90 -32.63 2.79
N THR B 75 10.59 -32.57 2.94
CA THR B 75 9.93 -31.47 3.64
C THR B 75 8.86 -32.02 4.57
N PRO B 76 8.93 -31.73 5.88
CA PRO B 76 10.01 -30.98 6.54
C PRO B 76 11.35 -31.73 6.59
N VAL B 77 12.44 -30.97 6.73
CA VAL B 77 13.76 -31.56 6.84
C VAL B 77 13.83 -32.43 8.10
N GLN B 78 14.36 -33.62 7.95
CA GLN B 78 14.68 -34.49 9.08
C GLN B 78 16.13 -34.24 9.49
N LEU B 79 16.33 -33.80 10.73
CA LEU B 79 17.66 -33.46 11.22
C LEU B 79 18.25 -34.46 12.19
N ASN B 80 17.43 -35.31 12.80
CA ASN B 80 17.94 -36.19 13.84
C ASN B 80 18.86 -37.26 13.25
N GLY B 81 19.85 -37.66 14.05
CA GLY B 81 20.89 -38.53 13.54
C GLY B 81 21.79 -37.88 12.51
N ASN B 82 21.69 -36.56 12.33
CA ASN B 82 22.44 -35.82 11.31
C ASN B 82 22.22 -36.40 9.92
N VAL B 83 21.03 -36.95 9.68
CA VAL B 83 20.71 -37.57 8.39
C VAL B 83 20.77 -36.55 7.26
N ASP B 84 20.34 -35.31 7.53
CA ASP B 84 20.36 -34.27 6.51
C ASP B 84 21.79 -33.92 6.12
N ILE B 85 22.72 -33.96 7.07
CA ILE B 85 24.11 -33.66 6.76
C ILE B 85 24.68 -34.74 5.84
N ASP B 86 24.38 -36.00 6.13
CA ASP B 86 24.90 -37.10 5.32
C ASP B 86 24.37 -37.03 3.88
N LYS B 87 23.05 -36.81 3.73
CA LYS B 87 22.47 -36.77 2.40
C LYS B 87 23.04 -35.62 1.57
N ALA B 88 23.28 -34.47 2.20
CA ALA B 88 23.85 -33.34 1.48
C ALA B 88 25.29 -33.61 1.05
N ALA B 89 26.03 -34.40 1.82
CA ALA B 89 27.46 -34.56 1.60
C ALA B 89 27.81 -35.78 0.76
N LYS B 90 26.94 -36.78 0.68
CA LYS B 90 27.31 -38.03 0.02
C LYS B 90 26.98 -38.07 -1.46
N GLU B 91 26.22 -37.11 -1.97
CA GLU B 91 25.88 -37.07 -3.39
C GLU B 91 25.95 -35.63 -3.89
N GLU B 92 26.45 -35.46 -5.11
CA GLU B 92 26.31 -34.18 -5.78
C GLU B 92 24.85 -34.02 -6.20
N PRO B 93 24.16 -32.97 -5.74
CA PRO B 93 22.74 -32.87 -6.09
C PRO B 93 22.55 -32.53 -7.54
N PRO B 94 21.37 -32.87 -8.10
CA PRO B 94 21.04 -32.43 -9.47
C PRO B 94 20.67 -30.96 -9.51
N LEU B 95 20.12 -30.49 -10.64
CA LEU B 95 19.70 -29.11 -10.76
C LEU B 95 18.86 -28.66 -9.57
N HIS B 96 17.79 -29.38 -9.27
CA HIS B 96 16.99 -29.11 -8.08
C HIS B 96 16.49 -30.43 -7.52
N TYR B 97 16.04 -30.37 -6.27
CA TYR B 97 15.51 -31.54 -5.57
C TYR B 97 14.00 -31.42 -5.45
N HIS B 98 13.30 -32.52 -5.70
CA HIS B 98 11.87 -32.57 -5.43
C HIS B 98 11.63 -32.57 -3.92
N ASN B 99 10.69 -31.74 -3.48
CA ASN B 99 10.37 -31.57 -2.06
C ASN B 99 11.59 -31.16 -1.24
N GLY B 100 12.59 -30.54 -1.86
CA GLY B 100 13.80 -30.18 -1.16
C GLY B 100 14.33 -28.82 -1.54
N SER B 101 15.60 -28.58 -1.23
CA SER B 101 16.23 -27.29 -1.46
C SER B 101 17.68 -27.50 -1.91
N ILE B 102 18.21 -26.52 -2.64
CA ILE B 102 19.62 -26.46 -2.98
C ILE B 102 20.08 -25.02 -2.84
N VAL B 103 21.16 -24.81 -2.10
CA VAL B 103 21.84 -23.53 -2.04
C VAL B 103 23.06 -23.64 -2.95
N ARG B 104 22.99 -22.98 -4.11
CA ARG B 104 24.03 -23.08 -5.12
C ARG B 104 24.65 -21.71 -5.33
N MET B 105 25.94 -21.60 -5.05
CA MET B 105 26.73 -20.39 -5.27
C MET B 105 27.61 -20.60 -6.49
N ILE B 106 27.68 -19.59 -7.36
CA ILE B 106 28.40 -19.71 -8.63
C ILE B 106 29.30 -18.50 -8.82
N ASP B 107 30.57 -18.76 -9.12
CA ASP B 107 31.53 -17.72 -9.47
C ASP B 107 31.60 -17.62 -11.00
N PHE B 108 31.36 -16.43 -11.53
CA PHE B 108 31.41 -16.17 -12.96
C PHE B 108 32.75 -15.56 -13.34
N ALA B 109 33.37 -16.08 -14.39
CA ALA B 109 34.50 -15.38 -14.99
C ALA B 109 33.99 -14.13 -15.69
N PRO B 110 34.88 -13.17 -15.99
CA PRO B 110 34.43 -11.91 -16.60
C PRO B 110 33.64 -12.14 -17.89
N ALA B 111 32.50 -11.46 -17.99
CA ALA B 111 31.60 -11.45 -19.15
C ALA B 111 30.94 -12.79 -19.41
N VAL B 112 31.05 -13.76 -18.50
CA VAL B 112 30.51 -15.09 -18.74
C VAL B 112 28.99 -15.05 -18.69
N GLU B 113 28.36 -15.84 -19.56
CA GLU B 113 26.93 -15.83 -19.79
C GLU B 113 26.36 -17.22 -19.59
N SER B 114 25.19 -17.28 -19.00
CA SER B 114 24.48 -18.55 -18.98
C SER B 114 23.65 -18.70 -20.25
N PRO B 115 23.31 -19.93 -20.63
CA PRO B 115 22.38 -20.10 -21.76
C PRO B 115 20.97 -19.68 -21.36
N LEU B 116 20.19 -19.27 -22.35
CA LEU B 116 18.77 -19.08 -22.11
C LEU B 116 18.14 -20.43 -21.81
N HIS B 117 17.64 -20.60 -20.59
CA HIS B 117 17.22 -21.90 -20.11
C HIS B 117 16.05 -21.72 -19.15
N ARG B 118 15.39 -22.83 -18.83
CA ARG B 118 14.33 -22.84 -17.83
C ARG B 118 14.52 -24.04 -16.92
N ALA B 119 14.51 -23.80 -15.62
CA ALA B 119 14.37 -24.83 -14.60
C ALA B 119 12.99 -24.74 -13.99
N VAL B 120 12.34 -25.89 -13.79
CA VAL B 120 11.00 -25.91 -13.19
C VAL B 120 11.24 -25.93 -11.68
N SER B 121 11.46 -24.73 -11.14
CA SER B 121 11.74 -24.51 -9.73
C SER B 121 11.60 -23.03 -9.46
N ILE B 122 11.33 -22.69 -8.21
CA ILE B 122 11.31 -21.29 -7.77
C ILE B 122 12.65 -21.02 -7.09
N ASP B 123 13.37 -20.00 -7.58
CA ASP B 123 14.73 -19.73 -7.16
C ASP B 123 14.80 -18.37 -6.48
N TYR B 124 15.37 -18.33 -5.28
CA TYR B 124 15.73 -17.09 -4.61
C TYR B 124 17.18 -16.78 -4.92
N GLY B 125 17.42 -15.72 -5.68
CA GLY B 125 18.77 -15.33 -6.07
C GLY B 125 19.17 -14.02 -5.42
N ILE B 126 20.45 -13.91 -5.08
CA ILE B 126 21.01 -12.69 -4.52
C ILE B 126 22.41 -12.48 -5.10
N VAL B 127 22.72 -11.25 -5.47
CA VAL B 127 24.05 -10.91 -5.96
C VAL B 127 24.98 -10.77 -4.77
N VAL B 128 26.00 -11.64 -4.69
CA VAL B 128 26.95 -11.57 -3.60
C VAL B 128 28.05 -10.54 -3.90
N GLU B 129 28.57 -10.54 -5.12
CA GLU B 129 29.56 -9.57 -5.53
C GLU B 129 29.44 -9.34 -7.03
N GLY B 130 29.54 -8.09 -7.45
CA GLY B 130 29.52 -7.74 -8.85
C GLY B 130 28.20 -7.18 -9.31
N VAL B 131 28.04 -7.15 -10.64
CA VAL B 131 26.83 -6.68 -11.28
C VAL B 131 26.41 -7.70 -12.32
N PHE B 132 25.15 -8.15 -12.24
CA PHE B 132 24.63 -9.13 -13.17
C PHE B 132 23.40 -8.56 -13.88
N LYS B 133 23.16 -9.05 -15.09
CA LYS B 133 21.99 -8.70 -15.86
C LYS B 133 21.11 -9.94 -16.01
N LEU B 134 19.86 -9.84 -15.61
CA LEU B 134 18.89 -10.92 -15.74
C LEU B 134 18.02 -10.64 -16.95
N VAL B 135 18.18 -11.44 -18.00
CA VAL B 135 17.42 -11.31 -19.22
C VAL B 135 16.45 -12.47 -19.30
N LEU B 136 15.19 -12.18 -19.62
CA LEU B 136 14.16 -13.18 -19.78
C LEU B 136 13.83 -13.36 -21.26
N ASP B 137 13.18 -14.50 -21.57
CA ASP B 137 12.95 -14.84 -22.97
C ASP B 137 12.07 -13.85 -23.71
N SER B 138 11.42 -12.92 -22.99
CA SER B 138 10.69 -11.84 -23.64
C SER B 138 11.59 -10.69 -24.09
N GLY B 139 12.85 -10.69 -23.69
CA GLY B 139 13.73 -9.57 -23.91
C GLY B 139 13.76 -8.56 -22.78
N GLU B 140 12.79 -8.62 -21.88
CA GLU B 140 12.83 -7.80 -20.68
C GLU B 140 14.05 -8.16 -19.84
N GLU B 141 14.63 -7.16 -19.19
CA GLU B 141 15.87 -7.36 -18.47
C GLU B 141 15.95 -6.42 -17.28
N ARG B 142 16.70 -6.85 -16.26
CA ARG B 142 17.01 -6.03 -15.10
C ARG B 142 18.50 -6.14 -14.80
N ILE B 143 19.09 -5.03 -14.40
CA ILE B 143 20.48 -5.01 -13.93
C ILE B 143 20.45 -5.15 -12.42
N MET B 144 21.10 -6.18 -11.91
CA MET B 144 21.09 -6.50 -10.49
C MET B 144 22.48 -6.27 -9.91
N ARG B 145 22.55 -5.44 -8.89
CA ARG B 145 23.80 -5.13 -8.22
C ARG B 145 23.90 -5.88 -6.90
N GLN B 146 25.06 -5.77 -6.26
CA GLN B 146 25.33 -6.48 -5.02
C GLN B 146 24.27 -6.16 -3.97
N GLY B 147 23.71 -7.21 -3.37
CA GLY B 147 22.64 -7.07 -2.41
C GLY B 147 21.24 -7.11 -2.99
N ASP B 148 21.10 -7.13 -4.32
CA ASP B 148 19.78 -7.20 -4.93
C ASP B 148 19.31 -8.65 -5.01
N VAL B 149 17.99 -8.81 -5.06
CA VAL B 149 17.36 -10.12 -4.91
C VAL B 149 16.32 -10.30 -6.01
N SER B 150 16.28 -11.51 -6.57
CA SER B 150 15.29 -11.88 -7.58
C SER B 150 14.54 -13.12 -7.12
N VAL B 151 13.26 -13.18 -7.47
CA VAL B 151 12.43 -14.37 -7.24
C VAL B 151 12.06 -14.92 -8.60
N GLN B 152 12.70 -16.03 -8.98
CA GLN B 152 12.57 -16.63 -10.30
C GLN B 152 11.51 -17.73 -10.23
N ARG B 153 10.33 -17.45 -10.79
CA ARG B 153 9.21 -18.39 -10.71
C ARG B 153 9.12 -19.21 -11.98
N ALA B 154 10.09 -20.12 -12.12
CA ALA B 154 10.13 -21.11 -13.20
C ALA B 154 10.10 -20.45 -14.58
N THR B 155 10.76 -19.31 -14.69
CA THR B 155 10.78 -18.53 -15.93
C THR B 155 12.04 -18.81 -16.73
N ALA B 156 11.92 -18.68 -18.05
CA ALA B 156 13.07 -18.84 -18.95
C ALA B 156 13.94 -17.59 -18.91
N HIS B 157 15.23 -17.78 -18.68
CA HIS B 157 16.10 -16.65 -18.39
C HIS B 157 17.55 -17.01 -18.70
N LYS B 158 18.40 -16.00 -18.67
CA LYS B 158 19.84 -16.17 -18.68
C LYS B 158 20.47 -15.16 -17.72
N TRP B 159 21.62 -15.51 -17.18
CA TRP B 159 22.39 -14.63 -16.31
C TRP B 159 23.63 -14.15 -17.05
N ILE B 160 23.86 -12.84 -17.04
CA ILE B 160 25.02 -12.24 -17.68
C ILE B 160 25.82 -11.50 -16.62
N ASN B 161 27.07 -11.91 -16.42
CA ASN B 161 27.99 -11.18 -15.57
C ASN B 161 28.54 -10.00 -16.36
N ILE B 162 28.18 -8.78 -15.94
CA ILE B 162 28.60 -7.56 -16.61
C ILE B 162 29.52 -6.71 -15.75
N THR B 163 30.03 -7.27 -14.66
CA THR B 163 30.78 -6.48 -13.68
C THR B 163 31.96 -5.76 -14.32
N ASP B 164 32.05 -4.46 -14.07
CA ASP B 164 33.14 -3.61 -14.54
C ASP B 164 33.30 -3.70 -16.05
N ASN B 165 32.20 -3.44 -16.76
CA ASN B 165 32.15 -3.49 -18.22
C ASN B 165 32.72 -4.80 -18.75
N GLY B 166 32.39 -5.91 -18.08
CA GLY B 166 32.78 -7.22 -18.54
C GLY B 166 34.20 -7.63 -18.27
N THR B 167 34.86 -7.01 -17.29
CA THR B 167 36.26 -7.32 -17.00
C THR B 167 36.50 -7.85 -15.59
N ALA B 168 35.44 -8.12 -14.84
CA ALA B 168 35.58 -8.50 -13.45
C ALA B 168 34.76 -9.74 -13.12
N PRO B 169 35.24 -10.59 -12.22
CA PRO B 169 34.45 -11.75 -11.81
C PRO B 169 33.28 -11.34 -10.94
N GLY B 170 32.28 -12.23 -10.86
CA GLY B 170 31.10 -11.97 -10.07
C GLY B 170 30.59 -13.26 -9.44
N ARG B 171 29.82 -13.10 -8.36
CA ARG B 171 29.34 -14.21 -7.57
C ARG B 171 27.85 -14.07 -7.30
N MET B 172 27.09 -15.12 -7.60
CA MET B 172 25.67 -15.21 -7.30
C MET B 172 25.43 -16.34 -6.31
N MET B 173 24.29 -16.27 -5.62
CA MET B 173 23.82 -17.39 -4.82
C MET B 173 22.32 -17.57 -5.02
N TRP B 174 21.91 -18.82 -5.19
CA TRP B 174 20.50 -19.17 -5.37
C TRP B 174 20.09 -20.19 -4.33
N ILE B 175 18.83 -20.13 -3.93
CA ILE B 175 18.19 -21.17 -3.13
C ILE B 175 17.02 -21.69 -3.97
N LEU B 176 17.15 -22.90 -4.48
CA LEU B 176 16.19 -23.47 -5.41
C LEU B 176 15.24 -24.39 -4.67
N LEU B 177 13.95 -24.15 -4.81
CA LEU B 177 12.91 -24.96 -4.19
C LEU B 177 12.08 -25.64 -5.27
N ASP B 178 11.32 -26.65 -4.86
CA ASP B 178 10.50 -27.40 -5.78
C ASP B 178 9.21 -26.64 -6.06
N CYS B 179 8.76 -26.68 -7.31
CA CYS B 179 7.51 -26.03 -7.70
C CYS B 179 6.74 -26.92 -8.67
N HIS B 180 5.43 -26.74 -8.67
CA HIS B 180 4.58 -27.45 -9.62
C HIS B 180 4.80 -26.91 -11.03
N ASP B 181 4.43 -27.72 -12.02
CA ASP B 181 4.52 -27.30 -13.41
C ASP B 181 3.67 -26.06 -13.64
N VAL B 182 4.17 -25.17 -14.49
CA VAL B 182 3.48 -23.94 -14.87
C VAL B 182 2.75 -24.20 -16.19
N VAL B 183 1.43 -24.04 -16.17
CA VAL B 183 0.59 -24.31 -17.33
C VAL B 183 -0.02 -23.00 -17.80
N VAL B 184 0.41 -22.52 -18.97
CA VAL B 184 -0.12 -21.30 -19.56
C VAL B 184 -0.90 -21.69 -20.80
N ASN B 185 -2.19 -21.33 -20.83
CA ASN B 185 -3.09 -21.67 -21.93
C ASN B 185 -3.12 -23.17 -22.20
N GLY B 186 -3.20 -23.96 -21.14
CA GLY B 186 -3.25 -25.40 -21.25
C GLY B 186 -1.96 -26.07 -21.68
N GLN B 187 -0.87 -25.32 -21.84
CA GLN B 187 0.41 -25.86 -22.27
C GLN B 187 1.42 -25.75 -21.14
N VAL B 188 2.17 -26.83 -20.90
CA VAL B 188 3.19 -26.81 -19.87
C VAL B 188 4.37 -25.94 -20.32
N MET B 189 4.84 -25.09 -19.42
CA MET B 189 6.07 -24.32 -19.65
C MET B 189 7.24 -25.24 -19.33
N GLU B 190 7.58 -26.07 -20.31
CA GLU B 190 8.54 -27.14 -20.08
C GLU B 190 9.95 -26.58 -19.87
N GLY B 191 10.63 -27.11 -18.86
CA GLY B 191 12.00 -26.71 -18.62
C GLY B 191 12.93 -27.21 -19.71
N TYR B 192 14.00 -26.47 -19.94
CA TYR B 192 14.97 -26.88 -20.94
C TYR B 192 16.35 -26.33 -20.59
N LEU B 193 17.36 -27.18 -20.70
CA LEU B 193 18.72 -26.69 -20.76
C LEU B 193 18.89 -25.96 -22.09
N GLY B 194 19.62 -24.86 -22.06
CA GLY B 194 19.83 -24.07 -23.27
C GLY B 194 20.99 -24.59 -24.10
N ASP B 195 21.28 -23.85 -25.17
CA ASP B 195 22.48 -24.06 -25.97
C ASP B 195 22.96 -22.70 -26.43
N LEU B 196 24.10 -22.24 -25.87
CA LEU B 196 24.65 -20.96 -26.25
C LEU B 196 25.09 -20.93 -27.71
N GLU B 197 25.56 -22.07 -28.25
CA GLU B 197 26.02 -22.10 -29.63
C GLU B 197 24.91 -21.72 -30.60
N LYS B 198 23.70 -22.22 -30.37
CA LYS B 198 22.58 -21.97 -31.27
C LYS B 198 21.99 -20.57 -31.10
N GLU B 199 22.36 -19.84 -30.05
CA GLU B 199 21.95 -18.44 -29.91
C GLU B 199 22.88 -17.54 -30.72
N VAL C 13 14.82 5.24 -24.98
CA VAL C 13 14.17 5.11 -23.69
C VAL C 13 14.74 6.12 -22.70
N LEU C 14 13.91 6.54 -21.74
CA LEU C 14 14.34 7.54 -20.77
C LEU C 14 15.28 6.91 -19.75
N PRO C 15 16.39 7.56 -19.41
CA PRO C 15 17.30 7.00 -18.39
C PRO C 15 16.65 6.98 -17.02
N GLY C 16 16.81 5.86 -16.32
CA GLY C 16 16.36 5.75 -14.94
C GLY C 16 14.86 5.85 -14.77
N LEU C 17 14.09 5.48 -15.80
CA LEU C 17 12.64 5.53 -15.70
C LEU C 17 12.15 4.60 -14.60
N ASN C 18 11.38 5.17 -13.67
CA ASN C 18 10.74 4.41 -12.58
C ASN C 18 11.75 3.71 -11.68
N TYR C 19 13.02 4.15 -11.71
CA TYR C 19 14.04 3.50 -10.89
C TYR C 19 13.84 3.80 -9.41
N VAL C 20 13.51 5.05 -9.08
CA VAL C 20 13.34 5.45 -7.69
C VAL C 20 11.95 5.05 -7.22
N HIS C 21 11.81 3.83 -6.72
CA HIS C 21 10.48 3.29 -6.40
C HIS C 21 10.04 3.56 -4.98
N SER C 22 10.95 3.99 -4.09
CA SER C 22 10.61 4.19 -2.68
C SER C 22 11.23 5.49 -2.17
N GLY C 23 11.12 6.55 -2.96
CA GLY C 23 11.56 7.88 -2.56
C GLY C 23 13.04 7.91 -2.24
N PHE C 24 13.41 8.77 -1.29
CA PHE C 24 14.79 8.80 -0.83
C PHE C 24 15.00 7.71 0.24
N PRO C 25 16.09 6.94 0.16
CA PRO C 25 17.11 7.03 -0.89
C PRO C 25 16.85 6.11 -2.07
N ALA C 26 17.47 6.42 -3.21
CA ALA C 26 17.32 5.59 -4.39
C ALA C 26 17.87 4.18 -4.13
N PRO C 27 17.39 3.19 -4.88
CA PRO C 27 17.90 1.82 -4.70
C PRO C 27 19.39 1.76 -4.99
N GLY C 28 20.13 1.11 -4.10
CA GLY C 28 21.57 1.03 -4.21
C GLY C 28 22.33 2.15 -3.52
N LEU C 29 21.63 3.10 -2.91
CA LEU C 29 22.25 4.17 -2.15
C LEU C 29 21.81 4.07 -0.70
N ARG C 30 22.61 4.64 0.19
CA ARG C 30 22.43 4.46 1.62
C ARG C 30 21.46 5.49 2.20
N GLN C 31 20.69 5.05 3.19
CA GLN C 31 19.95 5.97 4.03
C GLN C 31 20.93 6.76 4.89
N ILE C 32 20.55 8.00 5.23
CA ILE C 32 21.46 8.92 5.88
C ILE C 32 20.93 9.26 7.27
N ASN C 33 21.80 9.88 8.07
CA ASN C 33 21.43 10.55 9.30
C ASN C 33 21.73 12.03 9.14
N ARG C 34 20.73 12.87 9.38
CA ARG C 34 20.94 14.30 9.50
C ARG C 34 20.80 14.68 10.97
N HIS C 35 21.85 15.31 11.51
CA HIS C 35 21.88 15.72 12.90
C HIS C 35 21.81 17.24 12.97
N ILE C 36 20.87 17.76 13.76
CA ILE C 36 20.74 19.19 14.01
C ILE C 36 20.99 19.42 15.50
N THR C 37 21.93 20.32 15.79
CA THR C 37 22.28 20.66 17.16
C THR C 37 21.58 21.94 17.59
N GLY C 38 21.42 22.10 18.91
CA GLY C 38 20.79 23.27 19.45
C GLY C 38 21.15 23.47 20.90
N HIS C 39 20.43 24.39 21.55
CA HIS C 39 20.65 24.76 22.94
C HIS C 39 19.41 24.48 23.77
N ASP C 40 19.61 23.94 24.97
CA ASP C 40 18.51 23.58 25.85
C ASP C 40 18.22 24.71 26.84
N ASP C 41 17.44 24.40 27.88
CA ASP C 41 16.96 25.43 28.81
C ASP C 41 18.09 26.11 29.56
N ASN C 42 19.22 25.41 29.76
CA ASN C 42 20.30 25.92 30.59
C ASN C 42 21.55 26.22 29.76
N GLY C 43 21.40 26.35 28.45
CA GLY C 43 22.50 26.72 27.59
C GLY C 43 23.42 25.58 27.21
N LYS C 44 23.11 24.35 27.62
CA LYS C 44 23.90 23.20 27.21
C LYS C 44 23.62 22.86 25.75
N SER C 45 24.68 22.51 25.03
CA SER C 45 24.56 22.16 23.61
C SER C 45 24.09 20.72 23.49
N VAL C 46 22.96 20.51 22.81
CA VAL C 46 22.33 19.20 22.71
C VAL C 46 21.95 18.93 21.27
N PHE C 47 21.47 17.71 21.02
CA PHE C 47 20.97 17.31 19.71
C PHE C 47 19.46 17.48 19.70
N LEU C 48 18.96 18.20 18.70
CA LEU C 48 17.52 18.44 18.60
C LEU C 48 16.82 17.40 17.73
N SER C 49 17.52 16.77 16.79
CA SER C 49 16.88 15.80 15.92
C SER C 49 17.92 14.96 15.20
N THR C 50 17.51 13.73 14.87
CA THR C 50 18.22 12.84 13.97
C THR C 50 17.19 12.27 13.01
N ASP C 51 17.37 12.50 11.71
CA ASP C 51 16.33 12.13 10.76
C ASP C 51 16.93 11.92 9.38
N HIS C 52 16.06 11.66 8.40
CA HIS C 52 16.43 11.41 7.02
C HIS C 52 16.48 12.67 6.18
N GLY C 53 16.49 13.85 6.80
CA GLY C 53 16.41 15.08 6.05
C GLY C 53 14.99 15.60 5.93
N ASP C 54 14.71 16.35 4.87
CA ASP C 54 13.43 17.03 4.76
C ASP C 54 13.11 17.31 3.30
N HIS C 55 11.82 17.52 3.03
CA HIS C 55 11.33 17.97 1.73
C HIS C 55 11.85 17.10 0.59
N HIS C 56 11.64 15.79 0.73
CA HIS C 56 11.98 14.88 -0.35
C HIS C 56 11.06 15.12 -1.53
N ARG C 57 11.63 15.20 -2.72
CA ARG C 57 10.85 15.45 -3.93
C ARG C 57 11.36 14.56 -5.04
N ILE C 58 10.45 13.78 -5.63
CA ILE C 58 10.79 13.02 -6.82
C ILE C 58 10.97 13.97 -8.00
N MET C 59 11.94 13.65 -8.85
CA MET C 59 12.20 14.44 -10.05
C MET C 59 12.11 13.54 -11.28
N GLY C 60 11.67 14.12 -12.39
CA GLY C 60 11.45 13.35 -13.59
C GLY C 60 10.39 12.28 -13.35
N GLU C 61 10.48 11.21 -14.14
CA GLU C 61 9.57 10.07 -13.97
C GLU C 61 10.24 9.06 -13.04
N LYS C 62 10.27 9.45 -11.76
CA LYS C 62 10.99 8.70 -10.72
C LYS C 62 12.41 8.36 -11.15
N GLN C 63 13.08 9.35 -11.74
CA GLN C 63 14.45 9.22 -12.21
C GLN C 63 15.47 9.78 -11.22
N ALA C 64 15.03 10.61 -10.28
CA ALA C 64 15.91 11.15 -9.25
C ALA C 64 15.05 11.53 -8.07
N VAL C 65 15.69 11.88 -6.95
CA VAL C 65 14.98 12.34 -5.78
C VAL C 65 15.90 13.28 -5.00
N ALA C 66 15.37 14.45 -4.66
CA ALA C 66 16.10 15.46 -3.93
C ALA C 66 15.80 15.34 -2.44
N ASN C 67 16.74 15.82 -1.63
CA ASN C 67 16.63 15.80 -0.17
C ASN C 67 17.23 17.09 0.34
N ILE C 68 16.43 17.90 1.03
CA ILE C 68 16.85 19.20 1.51
C ILE C 68 17.31 19.02 2.95
N LEU C 69 18.63 19.00 3.14
CA LEU C 69 19.17 18.78 4.48
C LEU C 69 19.04 20.01 5.36
N TYR C 70 19.14 21.20 4.79
CA TYR C 70 18.89 22.43 5.54
C TYR C 70 18.78 23.60 4.57
N SER C 71 18.33 24.73 5.10
CA SER C 71 18.30 25.98 4.33
C SER C 71 18.18 27.13 5.31
N THR C 72 18.75 28.28 4.91
CA THR C 72 18.61 29.52 5.65
C THR C 72 18.04 30.58 4.71
N GLN C 73 17.46 31.63 5.30
CA GLN C 73 16.81 32.66 4.52
C GLN C 73 17.31 34.08 4.82
N GLU C 74 18.33 34.23 5.64
CA GLU C 74 18.91 35.55 5.87
C GLU C 74 20.39 35.39 6.20
N THR C 75 21.10 36.52 6.19
CA THR C 75 22.54 36.55 6.43
C THR C 75 22.88 37.79 7.25
N PRO C 76 23.49 37.63 8.44
CA PRO C 76 23.82 36.34 9.07
C PRO C 76 22.59 35.59 9.59
N VAL C 77 22.74 34.29 9.82
CA VAL C 77 21.60 33.43 10.14
C VAL C 77 21.12 33.71 11.56
N GLN C 78 19.80 33.74 11.74
CA GLN C 78 19.18 34.02 13.03
C GLN C 78 18.77 32.69 13.67
N LEU C 79 19.44 32.33 14.75
CA LEU C 79 19.23 31.04 15.41
C LEU C 79 18.32 31.13 16.64
N ASN C 80 18.16 32.31 17.22
CA ASN C 80 17.44 32.44 18.49
C ASN C 80 15.97 32.08 18.32
N GLY C 81 15.41 31.45 19.35
CA GLY C 81 14.07 30.93 19.26
C GLY C 81 13.89 29.80 18.27
N ASN C 82 14.98 29.25 17.73
CA ASN C 82 14.94 28.16 16.75
C ASN C 82 14.09 28.52 15.54
N VAL C 83 14.01 29.81 15.21
CA VAL C 83 13.17 30.22 14.09
C VAL C 83 13.78 29.77 12.77
N ASP C 84 15.11 29.62 12.72
CA ASP C 84 15.75 29.09 11.53
C ASP C 84 15.31 27.66 11.26
N ILE C 85 15.23 26.83 12.31
CA ILE C 85 14.72 25.48 12.17
C ILE C 85 13.27 25.52 11.67
N ASP C 86 12.50 26.48 12.18
CA ASP C 86 11.11 26.61 11.76
C ASP C 86 11.02 26.98 10.28
N LYS C 87 11.83 27.96 9.85
CA LYS C 87 11.79 28.37 8.44
C LYS C 87 12.20 27.22 7.53
N ALA C 88 13.20 26.43 7.94
CA ALA C 88 13.68 25.34 7.10
C ALA C 88 12.62 24.27 6.91
N ALA C 89 11.88 23.95 7.97
CA ALA C 89 10.97 22.81 7.94
C ALA C 89 9.55 23.17 7.50
N LYS C 90 9.14 24.44 7.59
CA LYS C 90 7.73 24.76 7.42
C LYS C 90 7.31 24.85 5.96
N GLU C 91 8.24 25.17 5.05
CA GLU C 91 7.92 25.20 3.63
C GLU C 91 9.10 24.66 2.84
N GLU C 92 8.78 23.98 1.74
CA GLU C 92 9.82 23.46 0.86
C GLU C 92 10.54 24.61 0.18
N PRO C 93 11.85 24.73 0.31
CA PRO C 93 12.56 25.87 -0.25
C PRO C 93 12.51 25.88 -1.76
N PRO C 94 12.71 27.04 -2.39
CA PRO C 94 12.84 27.09 -3.85
C PRO C 94 14.19 26.55 -4.30
N LEU C 95 14.52 26.73 -5.58
CA LEU C 95 15.85 26.36 -6.07
C LEU C 95 16.95 27.06 -5.29
N HIS C 96 16.70 28.28 -4.84
CA HIS C 96 17.77 29.16 -4.38
C HIS C 96 17.17 30.30 -3.56
N TYR C 97 17.72 30.53 -2.37
CA TYR C 97 17.24 31.56 -1.46
C TYR C 97 18.08 32.81 -1.59
N HIS C 98 17.41 33.96 -1.65
CA HIS C 98 18.12 35.23 -1.67
C HIS C 98 18.64 35.55 -0.27
N ASN C 99 19.91 35.95 -0.20
CA ASN C 99 20.61 36.18 1.06
C ASN C 99 20.64 34.95 1.96
N GLY C 100 20.47 33.77 1.39
CA GLY C 100 20.42 32.56 2.19
C GLY C 100 21.21 31.39 1.63
N SER C 101 20.80 30.18 1.99
CA SER C 101 21.53 28.97 1.61
C SER C 101 20.56 27.81 1.52
N ILE C 102 20.91 26.81 0.71
CA ILE C 102 20.17 25.56 0.64
C ILE C 102 21.17 24.42 0.52
N VAL C 103 21.01 23.40 1.36
CA VAL C 103 21.78 22.17 1.26
C VAL C 103 20.88 21.16 0.55
N ARG C 104 21.11 20.95 -0.74
CA ARG C 104 20.29 20.06 -1.55
C ARG C 104 21.11 18.83 -1.94
N MET C 105 20.65 17.67 -1.51
CA MET C 105 21.25 16.38 -1.83
C MET C 105 20.33 15.64 -2.80
N ILE C 106 20.90 15.07 -3.85
CA ILE C 106 20.11 14.43 -4.91
C ILE C 106 20.71 13.07 -5.24
N ASP C 107 19.85 12.04 -5.25
CA ASP C 107 20.21 10.72 -5.74
C ASP C 107 19.84 10.61 -7.22
N PHE C 108 20.80 10.20 -8.04
CA PHE C 108 20.59 10.04 -9.48
C PHE C 108 20.41 8.56 -9.80
N ALA C 109 19.34 8.24 -10.52
CA ALA C 109 19.22 6.91 -11.09
C ALA C 109 20.30 6.72 -12.16
N PRO C 110 20.60 5.47 -12.52
CA PRO C 110 21.70 5.24 -13.47
C PRO C 110 21.52 6.00 -14.77
N ALA C 111 22.57 6.72 -15.18
CA ALA C 111 22.69 7.46 -16.44
C ALA C 111 21.72 8.63 -16.54
N VAL C 112 21.02 8.97 -15.46
CA VAL C 112 20.16 10.15 -15.50
C VAL C 112 21.01 11.40 -15.57
N GLU C 113 20.63 12.33 -16.45
CA GLU C 113 21.34 13.58 -16.61
C GLU C 113 20.39 14.75 -16.41
N SER C 114 20.94 15.87 -16.01
CA SER C 114 20.20 17.09 -15.76
C SER C 114 20.05 17.90 -17.04
N PRO C 115 19.04 18.75 -17.12
CA PRO C 115 18.97 19.68 -18.26
C PRO C 115 20.07 20.71 -18.16
N LEU C 116 20.58 21.12 -19.31
CA LEU C 116 21.46 22.28 -19.35
C LEU C 116 20.71 23.48 -18.82
N HIS C 117 21.23 24.10 -17.76
CA HIS C 117 20.48 25.13 -17.05
C HIS C 117 21.46 26.10 -16.39
N ARG C 118 20.94 27.27 -16.05
CA ARG C 118 21.70 28.25 -15.29
C ARG C 118 20.83 28.79 -14.17
N ALA C 119 21.42 28.90 -12.98
CA ALA C 119 20.79 29.55 -11.84
C ALA C 119 21.72 30.66 -11.35
N VAL C 120 21.15 31.80 -10.97
CA VAL C 120 21.99 32.88 -10.48
C VAL C 120 22.38 32.50 -9.05
N SER C 121 23.51 31.81 -8.92
CA SER C 121 23.83 31.08 -7.70
C SER C 121 25.27 30.62 -7.77
N ILE C 122 25.98 30.72 -6.65
CA ILE C 122 27.28 30.07 -6.49
C ILE C 122 27.05 28.77 -5.73
N ASP C 123 27.49 27.66 -6.33
CA ASP C 123 27.15 26.32 -5.86
C ASP C 123 28.41 25.61 -5.40
N TYR C 124 28.40 25.13 -4.16
CA TYR C 124 29.41 24.20 -3.68
C TYR C 124 28.89 22.78 -3.89
N GLY C 125 29.54 22.02 -4.74
CA GLY C 125 29.12 20.67 -5.08
C GLY C 125 30.17 19.65 -4.69
N ILE C 126 29.72 18.55 -4.10
CA ILE C 126 30.62 17.45 -3.73
C ILE C 126 29.95 16.14 -4.14
N VAL C 127 30.72 15.28 -4.82
CA VAL C 127 30.23 13.94 -5.14
C VAL C 127 30.20 13.12 -3.86
N VAL C 128 29.00 12.71 -3.44
CA VAL C 128 28.89 11.87 -2.24
C VAL C 128 29.11 10.41 -2.59
N GLU C 129 28.62 9.97 -3.74
CA GLU C 129 28.85 8.60 -4.19
C GLU C 129 28.69 8.54 -5.70
N GLY C 130 29.57 7.78 -6.34
CA GLY C 130 29.50 7.58 -7.77
C GLY C 130 30.47 8.42 -8.55
N VAL C 131 30.20 8.52 -9.85
CA VAL C 131 31.04 9.28 -10.78
C VAL C 131 30.12 10.15 -11.62
N PHE C 132 30.37 11.46 -11.62
CA PHE C 132 29.56 12.41 -12.35
C PHE C 132 30.40 13.14 -13.38
N LYS C 133 29.75 13.55 -14.47
CA LYS C 133 30.35 14.38 -15.49
C LYS C 133 29.68 15.76 -15.45
N LEU C 134 30.46 16.80 -15.22
CA LEU C 134 29.97 18.17 -15.23
C LEU C 134 30.27 18.78 -16.59
N VAL C 135 29.22 19.14 -17.33
CA VAL C 135 29.34 19.66 -18.69
C VAL C 135 28.80 21.07 -18.72
N LEU C 136 29.60 22.00 -19.21
CA LEU C 136 29.22 23.41 -19.31
C LEU C 136 28.70 23.72 -20.71
N ASP C 137 28.11 24.91 -20.86
CA ASP C 137 27.49 25.27 -22.14
C ASP C 137 28.52 25.50 -23.24
N SER C 138 29.79 25.66 -22.90
CA SER C 138 30.84 25.80 -23.90
C SER C 138 31.29 24.45 -24.46
N GLY C 139 30.94 23.35 -23.80
CA GLY C 139 31.38 22.02 -24.18
C GLY C 139 32.42 21.42 -23.26
N GLU C 140 33.10 22.25 -22.46
CA GLU C 140 34.09 21.75 -21.54
C GLU C 140 33.45 20.89 -20.47
N GLU C 141 34.10 19.76 -20.15
CA GLU C 141 33.60 18.85 -19.14
C GLU C 141 34.71 18.47 -18.17
N ARG C 142 34.31 18.10 -16.96
CA ARG C 142 35.20 17.50 -15.97
C ARG C 142 34.48 16.30 -15.37
N ILE C 143 35.19 15.17 -15.29
CA ILE C 143 34.66 13.98 -14.64
C ILE C 143 35.02 14.05 -13.16
N MET C 144 34.01 14.03 -12.30
CA MET C 144 34.20 14.20 -10.87
C MET C 144 33.88 12.90 -10.14
N ARG C 145 34.85 12.40 -9.40
CA ARG C 145 34.70 11.16 -8.65
C ARG C 145 34.38 11.49 -7.19
N GLN C 146 34.19 10.45 -6.38
CA GLN C 146 33.74 10.63 -5.01
C GLN C 146 34.71 11.51 -4.22
N GLY C 147 34.18 12.54 -3.58
CA GLY C 147 34.98 13.45 -2.80
C GLY C 147 35.51 14.65 -3.55
N ASP C 148 35.27 14.73 -4.86
CA ASP C 148 35.69 15.90 -5.63
C ASP C 148 34.70 17.04 -5.45
N VAL C 149 35.20 18.27 -5.56
CA VAL C 149 34.44 19.46 -5.22
C VAL C 149 34.45 20.41 -6.40
N SER C 150 33.27 20.96 -6.72
CA SER C 150 33.10 21.95 -7.78
C SER C 150 32.55 23.23 -7.19
N VAL C 151 33.01 24.37 -7.71
CA VAL C 151 32.50 25.68 -7.34
C VAL C 151 31.84 26.27 -8.58
N GLN C 152 30.52 26.13 -8.67
CA GLN C 152 29.77 26.62 -9.81
C GLN C 152 29.43 28.08 -9.60
N ARG C 153 30.02 28.97 -10.40
CA ARG C 153 29.80 30.41 -10.27
C ARG C 153 28.80 30.87 -11.32
N ALA C 154 27.51 30.62 -11.03
CA ALA C 154 26.39 31.07 -11.85
C ALA C 154 26.53 30.65 -13.32
N THR C 155 27.25 29.57 -13.58
CA THR C 155 27.51 29.13 -14.94
C THR C 155 26.40 28.19 -15.42
N ALA C 156 26.29 28.07 -16.74
CA ALA C 156 25.31 27.18 -17.36
C ALA C 156 25.93 25.80 -17.55
N HIS C 157 25.23 24.77 -17.07
CA HIS C 157 25.83 23.45 -16.96
C HIS C 157 24.74 22.39 -16.93
N LYS C 158 25.17 21.14 -17.08
CA LYS C 158 24.32 19.98 -16.81
C LYS C 158 25.15 18.92 -16.09
N TRP C 159 24.49 18.19 -15.19
CA TRP C 159 25.12 17.12 -14.44
C TRP C 159 24.70 15.78 -15.03
N ILE C 160 25.68 14.92 -15.32
CA ILE C 160 25.41 13.60 -15.88
C ILE C 160 25.97 12.55 -14.93
N ASN C 161 25.09 11.69 -14.42
CA ASN C 161 25.52 10.53 -13.67
C ASN C 161 26.06 9.48 -14.64
N ILE C 162 27.32 9.11 -14.48
CA ILE C 162 27.96 8.12 -15.33
C ILE C 162 28.51 6.94 -14.51
N THR C 163 28.04 6.80 -13.27
CA THR C 163 28.58 5.79 -12.37
C THR C 163 28.48 4.39 -12.97
N ASP C 164 29.59 3.68 -12.96
CA ASP C 164 29.70 2.32 -13.50
C ASP C 164 29.15 2.22 -14.91
N ASN C 165 29.63 3.13 -15.77
CA ASN C 165 29.28 3.16 -17.18
C ASN C 165 27.77 3.23 -17.38
N GLY C 166 27.11 4.07 -16.59
CA GLY C 166 25.69 4.34 -16.75
C GLY C 166 24.75 3.33 -16.12
N THR C 167 25.25 2.41 -15.30
CA THR C 167 24.42 1.37 -14.71
C THR C 167 24.27 1.48 -13.20
N ALA C 168 24.87 2.49 -12.58
CA ALA C 168 24.81 2.58 -11.13
C ALA C 168 24.23 3.92 -10.68
N PRO C 169 23.59 3.96 -9.51
CA PRO C 169 23.11 5.24 -8.99
C PRO C 169 24.27 6.07 -8.44
N GLY C 170 23.99 7.37 -8.30
CA GLY C 170 24.97 8.30 -7.75
C GLY C 170 24.27 9.36 -6.92
N ARG C 171 25.06 9.97 -6.03
CA ARG C 171 24.54 10.97 -5.11
C ARG C 171 25.42 12.20 -5.10
N MET C 172 24.81 13.36 -5.30
CA MET C 172 25.47 14.66 -5.20
C MET C 172 24.88 15.44 -4.04
N MET C 173 25.69 16.31 -3.45
CA MET C 173 25.19 17.31 -2.51
C MET C 173 25.67 18.69 -2.93
N TRP C 174 24.76 19.65 -2.91
CA TRP C 174 25.07 21.04 -3.24
C TRP C 174 24.72 21.93 -2.06
N ILE C 175 25.52 22.97 -1.87
CA ILE C 175 25.17 24.10 -1.02
C ILE C 175 25.09 25.32 -1.92
N LEU C 176 23.89 25.87 -2.06
CA LEU C 176 23.65 26.98 -2.97
C LEU C 176 23.62 28.28 -2.18
N LEU C 177 24.40 29.26 -2.64
CA LEU C 177 24.47 30.57 -2.01
C LEU C 177 23.99 31.63 -2.99
N ASP C 178 23.47 32.73 -2.46
CA ASP C 178 22.99 33.81 -3.30
C ASP C 178 24.17 34.58 -3.88
N CYS C 179 24.05 34.94 -5.16
CA CYS C 179 25.05 35.78 -5.81
C CYS C 179 24.36 36.92 -6.55
N HIS C 180 25.14 37.94 -6.89
CA HIS C 180 24.66 39.01 -7.72
C HIS C 180 24.68 38.60 -9.18
N ASP C 181 23.76 39.16 -9.97
CA ASP C 181 23.68 38.86 -11.38
C ASP C 181 25.04 39.02 -12.05
N VAL C 182 25.38 38.07 -12.91
CA VAL C 182 26.66 38.08 -13.60
C VAL C 182 26.50 38.84 -14.90
N VAL C 183 27.38 39.81 -15.12
CA VAL C 183 27.35 40.65 -16.31
C VAL C 183 28.63 40.41 -17.10
N VAL C 184 28.47 39.98 -18.35
CA VAL C 184 29.58 39.78 -19.28
C VAL C 184 29.34 40.69 -20.48
N ASN C 185 30.26 41.64 -20.68
CA ASN C 185 30.19 42.58 -21.80
C ASN C 185 28.89 43.37 -21.80
N GLY C 186 28.53 43.89 -20.63
CA GLY C 186 27.30 44.65 -20.49
C GLY C 186 26.03 43.84 -20.56
N GLN C 187 26.12 42.52 -20.74
CA GLN C 187 24.96 41.66 -20.86
C GLN C 187 24.83 40.81 -19.61
N VAL C 188 23.63 40.83 -19.03
CA VAL C 188 23.31 39.97 -17.89
C VAL C 188 23.05 38.56 -18.41
N MET C 189 23.87 37.61 -17.96
CA MET C 189 23.70 36.21 -18.31
C MET C 189 22.51 35.65 -17.52
N GLU C 190 21.41 35.38 -18.21
CA GLU C 190 20.14 35.15 -17.54
C GLU C 190 20.01 33.70 -17.10
N GLY C 191 19.24 33.49 -16.02
CA GLY C 191 18.91 32.14 -15.60
C GLY C 191 17.87 31.51 -16.51
N TYR C 192 17.97 30.19 -16.65
CA TYR C 192 16.97 29.44 -17.40
C TYR C 192 16.92 28.01 -16.87
N LEU C 193 15.72 27.44 -16.84
CA LEU C 193 15.53 26.12 -16.26
C LEU C 193 15.82 24.99 -17.24
N GLY C 194 15.78 25.27 -18.54
CA GLY C 194 16.03 24.24 -19.52
C GLY C 194 14.90 23.25 -19.64
N ASP C 195 14.55 22.61 -18.52
CA ASP C 195 13.45 21.65 -18.47
C ASP C 195 12.94 21.49 -17.05
N VAL D 13 50.70 9.78 25.27
CA VAL D 13 51.21 9.99 23.93
C VAL D 13 50.16 10.69 23.06
N LEU D 14 50.59 11.73 22.36
CA LEU D 14 49.68 12.51 21.53
C LEU D 14 49.17 11.67 20.37
N PRO D 15 47.86 11.66 20.10
CA PRO D 15 47.35 10.96 18.93
C PRO D 15 47.84 11.61 17.64
N GLY D 16 48.23 10.78 16.68
CA GLY D 16 48.62 11.24 15.37
C GLY D 16 49.80 12.18 15.34
N LEU D 17 50.71 12.11 16.31
CA LEU D 17 51.87 12.98 16.33
C LEU D 17 52.73 12.75 15.09
N ASN D 18 52.98 13.82 14.34
CA ASN D 18 53.81 13.80 13.13
C ASN D 18 53.23 12.88 12.05
N TYR D 19 51.95 12.53 12.13
CA TYR D 19 51.38 11.63 11.14
C TYR D 19 51.32 12.28 9.77
N VAL D 20 50.91 13.54 9.69
CA VAL D 20 50.78 14.26 8.42
C VAL D 20 52.15 14.78 7.99
N HIS D 21 52.83 14.00 7.13
CA HIS D 21 54.23 14.29 6.83
C HIS D 21 54.44 15.02 5.53
N SER D 22 53.42 15.16 4.68
CA SER D 22 53.58 15.86 3.41
C SER D 22 52.37 16.74 3.11
N GLY D 23 51.82 17.41 4.14
CA GLY D 23 50.72 18.34 3.90
C GLY D 23 49.46 17.62 3.50
N PHE D 24 48.70 18.24 2.58
CA PHE D 24 47.46 17.66 2.08
C PHE D 24 47.71 16.93 0.77
N PRO D 25 47.24 15.68 0.62
CA PRO D 25 46.42 14.95 1.59
C PRO D 25 47.20 14.19 2.65
N ALA D 26 46.57 13.91 3.78
CA ALA D 26 47.19 13.11 4.82
C ALA D 26 47.38 11.67 4.34
N PRO D 27 48.37 10.95 4.86
CA PRO D 27 48.60 9.57 4.43
C PRO D 27 47.35 8.71 4.63
N GLY D 28 47.01 7.94 3.59
CA GLY D 28 45.83 7.12 3.59
C GLY D 28 44.60 7.79 3.03
N LEU D 29 44.66 9.07 2.72
CA LEU D 29 43.54 9.81 2.15
C LEU D 29 43.90 10.30 0.75
N ARG D 30 42.88 10.54 -0.05
CA ARG D 30 43.04 10.74 -1.48
C ARG D 30 43.24 12.21 -1.82
N GLN D 31 44.14 12.48 -2.76
CA GLN D 31 44.25 13.80 -3.36
C GLN D 31 42.98 14.11 -4.15
N ILE D 32 42.60 15.37 -4.17
CA ILE D 32 41.28 15.78 -4.64
C ILE D 32 41.41 16.53 -5.96
N ASN D 33 40.25 16.84 -6.55
CA ASN D 33 40.13 17.77 -7.66
C ASN D 33 39.15 18.85 -7.25
N ARG D 34 39.60 20.10 -7.24
CA ARG D 34 38.73 21.25 -7.06
C ARG D 34 38.56 21.95 -8.41
N HIS D 35 37.33 22.07 -8.87
CA HIS D 35 37.01 22.74 -10.12
C HIS D 35 36.29 24.04 -9.84
N ILE D 36 36.72 25.11 -10.49
CA ILE D 36 36.09 26.42 -10.41
C ILE D 36 35.61 26.81 -11.79
N THR D 37 34.35 27.22 -11.90
CA THR D 37 33.77 27.62 -13.17
C THR D 37 33.72 29.15 -13.27
N GLY D 38 33.61 29.62 -14.50
CA GLY D 38 33.48 31.03 -14.76
C GLY D 38 33.05 31.27 -16.18
N HIS D 39 33.01 32.54 -16.57
CA HIS D 39 32.61 32.94 -17.91
C HIS D 39 33.81 33.50 -18.66
N ASP D 40 33.90 33.16 -19.95
CA ASP D 40 34.98 33.67 -20.80
C ASP D 40 34.52 34.97 -21.47
N ASP D 41 35.25 35.40 -22.49
CA ASP D 41 34.96 36.67 -23.15
C ASP D 41 33.55 36.69 -23.74
N ASN D 42 33.20 35.65 -24.49
CA ASN D 42 31.91 35.59 -25.17
C ASN D 42 30.77 35.12 -24.28
N GLY D 43 30.94 35.16 -22.96
CA GLY D 43 29.90 34.73 -22.06
C GLY D 43 29.71 33.24 -21.94
N LYS D 44 30.58 32.45 -22.58
CA LYS D 44 30.51 31.00 -22.43
C LYS D 44 31.06 30.57 -21.08
N SER D 45 30.31 29.68 -20.43
CA SER D 45 30.74 29.10 -19.16
C SER D 45 31.87 28.11 -19.39
N VAL D 46 33.02 28.37 -18.77
CA VAL D 46 34.20 27.52 -18.93
C VAL D 46 34.75 27.19 -17.55
N PHE D 47 35.63 26.19 -17.51
CA PHE D 47 36.38 25.91 -16.30
C PHE D 47 37.55 26.86 -16.19
N LEU D 48 37.76 27.40 -15.00
CA LEU D 48 38.82 28.38 -14.78
C LEU D 48 40.08 27.77 -14.19
N SER D 49 39.94 26.76 -13.32
CA SER D 49 41.10 26.10 -12.73
C SER D 49 40.68 24.76 -12.16
N THR D 50 41.64 23.84 -12.15
CA THR D 50 41.50 22.55 -11.47
C THR D 50 42.75 22.36 -10.62
N ASP D 51 42.57 22.25 -9.31
CA ASP D 51 43.71 22.25 -8.41
C ASP D 51 43.41 21.37 -7.20
N HIS D 52 44.24 21.51 -6.16
CA HIS D 52 44.13 20.72 -4.95
C HIS D 52 43.61 21.56 -3.77
N GLY D 53 42.93 22.66 -4.05
CA GLY D 53 42.45 23.54 -3.02
C GLY D 53 43.37 24.72 -2.80
N ASP D 54 43.30 25.28 -1.59
CA ASP D 54 44.06 26.47 -1.26
C ASP D 54 44.26 26.56 0.24
N HIS D 55 45.28 27.31 0.64
CA HIS D 55 45.57 27.61 2.03
C HIS D 55 45.63 26.35 2.89
N HIS D 56 46.46 25.41 2.45
CA HIS D 56 46.77 24.24 3.26
C HIS D 56 47.42 24.67 4.56
N ARG D 57 46.86 24.23 5.69
CA ARG D 57 47.37 24.59 7.00
C ARG D 57 47.52 23.35 7.86
N ILE D 58 48.75 23.05 8.26
CA ILE D 58 48.99 22.00 9.26
C ILE D 58 48.42 22.45 10.60
N MET D 59 47.74 21.53 11.28
CA MET D 59 47.19 21.79 12.60
C MET D 59 47.81 20.84 13.61
N GLY D 60 47.90 21.29 14.85
CA GLY D 60 48.56 20.51 15.88
C GLY D 60 50.01 20.21 15.51
N GLU D 61 50.50 19.08 16.02
CA GLU D 61 51.86 18.63 15.74
C GLU D 61 51.87 17.71 14.53
N LYS D 62 51.49 18.28 13.38
CA LYS D 62 51.25 17.51 12.16
C LYS D 62 50.22 16.41 12.41
N GLN D 63 49.18 16.74 13.16
CA GLN D 63 48.12 15.81 13.51
C GLN D 63 46.90 15.95 12.62
N ALA D 64 46.86 16.98 11.78
CA ALA D 64 45.74 17.24 10.88
C ALA D 64 46.18 18.31 9.89
N VAL D 65 45.43 18.45 8.81
CA VAL D 65 45.73 19.46 7.80
C VAL D 65 44.44 19.92 7.17
N ALA D 66 44.27 21.24 7.08
CA ALA D 66 43.06 21.85 6.57
C ALA D 66 43.24 22.32 5.13
N ASN D 67 42.20 22.14 4.33
CA ASN D 67 42.17 22.60 2.95
C ASN D 67 40.97 23.52 2.78
N ILE D 68 41.23 24.77 2.39
CA ILE D 68 40.17 25.74 2.17
C ILE D 68 39.79 25.66 0.70
N LEU D 69 38.64 25.04 0.42
CA LEU D 69 38.21 24.86 -0.97
C LEU D 69 37.59 26.12 -1.55
N TYR D 70 37.01 26.97 -0.72
CA TYR D 70 36.50 28.27 -1.15
C TYR D 70 36.07 29.07 0.06
N SER D 71 35.92 30.37 -0.16
CA SER D 71 35.35 31.26 0.84
C SER D 71 34.71 32.44 0.12
N THR D 72 33.77 33.09 0.82
CA THR D 72 33.18 34.35 0.37
C THR D 72 33.11 35.29 1.57
N GLN D 73 33.13 36.59 1.29
CA GLN D 73 33.14 37.60 2.34
C GLN D 73 31.96 38.54 2.27
N GLU D 74 30.95 38.24 1.46
CA GLU D 74 29.79 39.09 1.34
C GLU D 74 28.62 38.26 0.84
N THR D 75 27.41 38.65 1.26
CA THR D 75 26.19 38.08 0.74
C THR D 75 25.28 39.20 0.26
N PRO D 76 24.75 39.16 -0.97
CA PRO D 76 25.13 38.11 -1.95
C PRO D 76 26.57 38.24 -2.43
N VAL D 77 27.08 37.17 -3.04
CA VAL D 77 28.47 37.12 -3.48
C VAL D 77 28.62 37.94 -4.75
N GLN D 78 29.70 38.71 -4.82
CA GLN D 78 30.04 39.45 -6.02
C GLN D 78 31.02 38.62 -6.85
N LEU D 79 30.61 38.24 -8.06
CA LEU D 79 31.43 37.42 -8.92
C LEU D 79 31.98 38.16 -10.14
N ASN D 80 31.44 39.32 -10.49
CA ASN D 80 31.88 40.03 -11.67
C ASN D 80 33.33 40.47 -11.51
N GLY D 81 34.09 40.37 -12.60
CA GLY D 81 35.52 40.62 -12.52
C GLY D 81 36.27 39.62 -11.68
N ASN D 82 35.66 38.47 -11.38
CA ASN D 82 36.28 37.38 -10.62
C ASN D 82 36.88 37.88 -9.31
N VAL D 83 36.20 38.86 -8.68
CA VAL D 83 36.71 39.41 -7.43
C VAL D 83 36.57 38.40 -6.30
N ASP D 84 35.52 37.56 -6.34
CA ASP D 84 35.39 36.49 -5.35
C ASP D 84 36.56 35.52 -5.44
N ILE D 85 36.99 35.20 -6.66
CA ILE D 85 38.14 34.31 -6.85
C ILE D 85 39.39 34.94 -6.27
N ASP D 86 39.63 36.21 -6.60
CA ASP D 86 40.83 36.89 -6.11
C ASP D 86 40.81 37.02 -4.59
N LYS D 87 39.65 37.32 -4.01
CA LYS D 87 39.56 37.41 -2.56
C LYS D 87 39.79 36.05 -1.91
N ALA D 88 39.20 34.99 -2.46
CA ALA D 88 39.38 33.65 -1.91
C ALA D 88 40.84 33.21 -1.97
N ALA D 89 41.55 33.61 -3.03
CA ALA D 89 42.94 33.20 -3.19
C ALA D 89 43.94 34.12 -2.50
N LYS D 90 43.59 35.38 -2.26
CA LYS D 90 44.58 36.38 -1.86
C LYS D 90 45.09 36.15 -0.44
N GLU D 91 44.23 35.72 0.47
CA GLU D 91 44.60 35.61 1.87
C GLU D 91 43.95 34.37 2.48
N GLU D 92 44.64 33.78 3.44
CA GLU D 92 44.07 32.65 4.16
C GLU D 92 42.91 33.13 5.02
N PRO D 93 41.70 32.60 4.84
CA PRO D 93 40.55 33.05 5.62
C PRO D 93 40.73 32.76 7.10
N PRO D 94 40.01 33.47 7.96
CA PRO D 94 39.98 33.12 9.38
C PRO D 94 39.06 31.93 9.64
N LEU D 95 38.76 31.67 10.91
CA LEU D 95 37.82 30.59 11.26
C LEU D 95 36.52 30.69 10.46
N HIS D 96 35.94 31.88 10.39
CA HIS D 96 34.75 32.08 9.58
C HIS D 96 34.61 33.55 9.21
N TYR D 97 33.95 33.79 8.07
CA TYR D 97 33.79 35.13 7.51
C TYR D 97 32.42 35.69 7.87
N HIS D 98 32.39 36.95 8.28
CA HIS D 98 31.13 37.63 8.56
C HIS D 98 30.38 37.91 7.26
N ASN D 99 29.08 37.58 7.26
CA ASN D 99 28.23 37.69 6.06
C ASN D 99 28.81 36.89 4.90
N GLY D 100 29.54 35.82 5.21
CA GLY D 100 30.19 35.04 4.18
C GLY D 100 30.17 33.54 4.41
N SER D 101 31.11 32.83 3.78
CA SER D 101 31.15 31.38 3.82
C SER D 101 32.58 30.91 3.78
N ILE D 102 32.81 29.69 4.27
CA ILE D 102 34.11 29.04 4.19
C ILE D 102 33.88 27.55 3.96
N VAL D 103 34.47 27.02 2.90
CA VAL D 103 34.51 25.58 2.65
C VAL D 103 35.85 25.08 3.18
N ARG D 104 35.83 24.45 4.35
CA ARG D 104 37.03 23.99 5.02
C ARG D 104 37.02 22.46 5.11
N MET D 105 37.95 21.82 4.43
CA MET D 105 38.15 20.38 4.48
C MET D 105 39.34 20.10 5.40
N ILE D 106 39.23 19.06 6.23
CA ILE D 106 40.29 18.73 7.18
C ILE D 106 40.51 17.23 7.20
N ASP D 107 41.76 16.81 7.01
CA ASP D 107 42.17 15.44 7.19
C ASP D 107 42.64 15.24 8.63
N PHE D 108 42.09 14.23 9.30
CA PHE D 108 42.46 13.89 10.67
C PHE D 108 43.43 12.72 10.66
N ALA D 109 44.51 12.82 11.44
CA ALA D 109 45.35 11.66 11.69
C ALA D 109 44.58 10.68 12.57
N PRO D 110 45.04 9.43 12.68
CA PRO D 110 44.32 8.46 13.50
C PRO D 110 44.14 8.94 14.93
N ALA D 111 42.93 8.75 15.46
CA ALA D 111 42.52 9.03 16.83
C ALA D 111 42.54 10.50 17.21
N VAL D 112 42.86 11.41 16.28
CA VAL D 112 42.97 12.82 16.60
C VAL D 112 41.59 13.39 16.90
N GLU D 113 41.54 14.35 17.82
CA GLU D 113 40.30 15.03 18.15
C GLU D 113 40.55 16.52 18.29
N SER D 114 39.50 17.30 18.07
CA SER D 114 39.55 18.74 18.24
C SER D 114 39.33 19.09 19.72
N PRO D 115 39.72 20.28 20.14
CA PRO D 115 39.32 20.75 21.47
C PRO D 115 37.83 21.01 21.50
N LEU D 116 37.23 20.83 22.67
CA LEU D 116 35.88 21.31 22.88
C LEU D 116 35.86 22.82 22.67
N HIS D 117 35.01 23.29 21.77
CA HIS D 117 35.06 24.69 21.37
C HIS D 117 33.72 25.09 20.80
N ARG D 118 33.52 26.40 20.71
CA ARG D 118 32.33 26.97 20.09
C ARG D 118 32.73 28.06 19.13
N ALA D 119 32.36 27.91 17.87
CA ALA D 119 32.36 29.00 16.91
C ALA D 119 30.94 29.52 16.78
N VAL D 120 30.79 30.85 16.74
CA VAL D 120 29.49 31.48 16.57
C VAL D 120 29.26 31.56 15.07
N SER D 121 28.71 30.48 14.53
CA SER D 121 28.48 30.27 13.11
C SER D 121 27.61 29.02 12.99
N ILE D 122 26.97 28.85 11.84
CA ILE D 122 26.21 27.65 11.56
C ILE D 122 26.99 26.85 10.50
N ASP D 123 27.36 25.63 10.86
CA ASP D 123 28.20 24.78 10.02
C ASP D 123 27.37 23.63 9.48
N TYR D 124 27.49 23.39 8.18
CA TYR D 124 27.04 22.13 7.57
C TYR D 124 28.24 21.20 7.48
N GLY D 125 28.13 20.04 8.12
CA GLY D 125 29.23 19.10 8.11
C GLY D 125 28.86 17.77 7.49
N ILE D 126 29.69 17.27 6.59
CA ILE D 126 29.49 15.97 5.96
C ILE D 126 30.77 15.15 6.12
N VAL D 127 30.62 13.88 6.46
CA VAL D 127 31.75 12.98 6.56
C VAL D 127 32.16 12.56 5.16
N VAL D 128 33.40 12.87 4.78
CA VAL D 128 33.90 12.52 3.45
C VAL D 128 34.51 11.12 3.44
N GLU D 129 35.33 10.79 4.44
CA GLU D 129 35.82 9.44 4.61
C GLU D 129 36.06 9.18 6.09
N GLY D 130 35.78 7.96 6.54
CA GLY D 130 36.02 7.57 7.90
C GLY D 130 34.77 7.56 8.75
N VAL D 131 34.99 7.53 10.06
CA VAL D 131 33.93 7.57 11.06
C VAL D 131 34.32 8.58 12.11
N PHE D 132 33.40 9.50 12.42
CA PHE D 132 33.65 10.56 13.38
C PHE D 132 32.61 10.53 14.50
N LYS D 133 33.04 10.98 15.68
CA LYS D 133 32.17 11.16 16.83
C LYS D 133 32.00 12.65 17.10
N LEU D 134 30.76 13.11 17.14
CA LEU D 134 30.45 14.50 17.43
C LEU D 134 29.90 14.58 18.85
N VAL D 135 30.72 15.10 19.77
CA VAL D 135 30.38 15.19 21.18
C VAL D 135 30.09 16.64 21.53
N LEU D 136 28.94 16.89 22.14
CA LEU D 136 28.57 18.22 22.59
C LEU D 136 28.92 18.39 24.06
N ASP D 137 28.91 19.65 24.52
CA ASP D 137 29.32 19.93 25.89
C ASP D 137 28.36 19.34 26.91
N SER D 138 27.12 19.04 26.52
CA SER D 138 26.20 18.33 27.38
C SER D 138 26.58 16.87 27.58
N GLY D 139 27.56 16.37 26.84
CA GLY D 139 27.91 14.97 26.87
C GLY D 139 27.20 14.12 25.83
N GLU D 140 26.09 14.61 25.27
CA GLU D 140 25.43 13.91 24.18
C GLU D 140 26.40 13.73 23.00
N GLU D 141 26.24 12.62 22.29
CA GLU D 141 27.14 12.34 21.18
C GLU D 141 26.41 11.61 20.07
N ARG D 142 26.88 11.80 18.85
CA ARG D 142 26.43 11.06 17.69
C ARG D 142 27.65 10.56 16.93
N ILE D 143 27.55 9.35 16.38
CA ILE D 143 28.57 8.79 15.51
C ILE D 143 28.14 9.04 14.08
N MET D 144 29.02 9.66 13.28
CA MET D 144 28.72 10.03 11.91
C MET D 144 29.63 9.24 10.98
N ARG D 145 29.04 8.48 10.07
CA ARG D 145 29.75 7.72 9.07
C ARG D 145 29.69 8.46 7.73
N GLN D 146 30.30 7.86 6.71
CA GLN D 146 30.40 8.49 5.40
C GLN D 146 29.04 8.92 4.87
N GLY D 147 28.96 10.16 4.39
CA GLY D 147 27.73 10.71 3.87
C GLY D 147 26.78 11.27 4.90
N ASP D 148 27.01 11.04 6.19
CA ASP D 148 26.17 11.62 7.22
C ASP D 148 26.43 13.12 7.34
N VAL D 149 25.39 13.86 7.70
CA VAL D 149 25.43 15.32 7.63
C VAL D 149 24.97 15.91 8.96
N SER D 150 25.67 16.94 9.42
CA SER D 150 25.37 17.62 10.67
C SER D 150 25.15 19.11 10.42
N VAL D 151 24.21 19.69 11.14
CA VAL D 151 23.93 21.12 11.11
C VAL D 151 24.27 21.68 12.49
N GLN D 152 25.46 22.26 12.62
CA GLN D 152 25.95 22.74 13.91
C GLN D 152 25.50 24.19 14.09
N ARG D 153 24.56 24.41 15.01
CA ARG D 153 23.96 25.72 15.20
C ARG D 153 24.62 26.46 16.36
N ALA D 154 25.88 26.84 16.12
CA ALA D 154 26.69 27.63 17.06
C ALA D 154 26.79 26.97 18.44
N THR D 155 26.82 25.65 18.46
CA THR D 155 26.90 24.89 19.70
C THR D 155 28.35 24.52 20.02
N ALA D 156 28.59 24.21 21.29
CA ALA D 156 29.92 23.82 21.75
C ALA D 156 30.10 22.33 21.60
N HIS D 157 31.21 21.91 20.98
CA HIS D 157 31.31 20.54 20.53
C HIS D 157 32.77 20.12 20.38
N LYS D 158 32.96 18.80 20.29
CA LYS D 158 34.23 18.16 19.96
C LYS D 158 34.02 17.28 18.74
N TRP D 159 35.01 17.25 17.85
CA TRP D 159 35.05 16.30 16.75
C TRP D 159 36.15 15.29 17.02
N ILE D 160 35.81 14.00 16.96
CA ILE D 160 36.75 12.92 17.27
C ILE D 160 36.78 11.95 16.10
N ASN D 161 37.96 11.75 15.53
CA ASN D 161 38.17 10.74 14.50
C ASN D 161 38.33 9.38 15.16
N ILE D 162 37.38 8.48 14.92
CA ILE D 162 37.39 7.14 15.51
C ILE D 162 37.49 6.07 14.43
N THR D 163 37.96 6.44 13.24
CA THR D 163 37.97 5.51 12.11
C THR D 163 38.85 4.30 12.40
N ASP D 164 38.29 3.11 12.14
CA ASP D 164 38.98 1.83 12.36
C ASP D 164 39.57 1.77 13.77
N ASN D 165 38.74 2.08 14.76
CA ASN D 165 39.12 2.01 16.17
C ASN D 165 40.36 2.87 16.47
N GLY D 166 40.42 4.05 15.86
CA GLY D 166 41.48 4.99 16.13
C GLY D 166 42.78 4.74 15.39
N THR D 167 42.77 3.95 14.33
CA THR D 167 43.98 3.63 13.59
C THR D 167 43.93 4.07 12.13
N ALA D 168 42.92 4.85 11.74
CA ALA D 168 42.80 5.24 10.35
C ALA D 168 42.52 6.73 10.24
N PRO D 169 43.00 7.36 9.17
CA PRO D 169 42.68 8.78 8.95
C PRO D 169 41.25 8.96 8.51
N GLY D 170 40.76 10.20 8.69
CA GLY D 170 39.40 10.54 8.31
C GLY D 170 39.36 11.95 7.76
N ARG D 171 38.32 12.21 6.96
CA ARG D 171 38.16 13.49 6.30
C ARG D 171 36.77 14.05 6.57
N MET D 172 36.72 15.32 6.95
CA MET D 172 35.47 16.06 7.12
C MET D 172 35.50 17.29 6.23
N MET D 173 34.33 17.73 5.80
CA MET D 173 34.19 19.00 5.10
C MET D 173 33.10 19.81 5.79
N TRP D 174 33.39 21.08 6.04
CA TRP D 174 32.44 22.01 6.62
C TRP D 174 32.20 23.17 5.67
N ILE D 175 30.96 23.62 5.61
CA ILE D 175 30.61 24.92 5.06
C ILE D 175 30.14 25.77 6.23
N LEU D 176 30.94 26.76 6.61
CA LEU D 176 30.65 27.63 7.74
C LEU D 176 30.00 28.91 7.24
N LEU D 177 28.85 29.24 7.81
CA LEU D 177 28.13 30.45 7.46
C LEU D 177 28.03 31.37 8.66
N ASP D 178 27.95 32.67 8.38
CA ASP D 178 27.75 33.65 9.44
C ASP D 178 26.40 33.42 10.11
N CYS D 179 26.37 33.64 11.43
CA CYS D 179 25.09 33.61 12.15
C CYS D 179 25.14 34.62 13.28
N HIS D 180 23.97 35.15 13.63
CA HIS D 180 23.87 35.99 14.81
C HIS D 180 24.10 35.15 16.06
N ASP D 181 24.56 35.80 17.12
CA ASP D 181 24.96 35.07 18.31
C ASP D 181 23.74 34.53 19.05
N VAL D 182 23.90 33.34 19.63
CA VAL D 182 22.80 32.65 20.29
C VAL D 182 22.66 33.17 21.70
N VAL D 183 21.45 33.56 22.06
CA VAL D 183 21.15 34.15 23.37
C VAL D 183 20.22 33.21 24.12
N VAL D 184 20.69 32.71 25.26
CA VAL D 184 19.92 31.80 26.11
C VAL D 184 19.82 32.41 27.50
N ASN D 185 18.59 32.48 28.02
CA ASN D 185 18.34 33.05 29.36
C ASN D 185 18.87 34.48 29.48
N GLY D 186 18.90 35.20 28.35
CA GLY D 186 19.50 36.51 28.34
C GLY D 186 21.01 36.52 28.36
N GLN D 187 21.65 35.36 28.25
CA GLN D 187 23.10 35.24 28.33
C GLN D 187 23.67 34.97 26.94
N VAL D 188 24.56 35.85 26.49
CA VAL D 188 25.29 35.60 25.25
C VAL D 188 26.14 34.35 25.44
N MET D 189 25.88 33.32 24.64
CA MET D 189 26.66 32.09 24.69
C MET D 189 27.96 32.33 23.93
N GLU D 190 29.03 32.63 24.66
CA GLU D 190 30.24 33.17 24.07
C GLU D 190 31.06 32.08 23.39
N GLY D 191 31.52 32.36 22.17
CA GLY D 191 32.41 31.45 21.49
C GLY D 191 33.79 31.45 22.13
N TYR D 192 34.38 30.25 22.22
CA TYR D 192 35.71 30.09 22.80
C TYR D 192 36.49 29.09 21.97
N LEU D 193 37.81 29.24 21.98
CA LEU D 193 38.69 28.41 21.16
C LEU D 193 39.16 27.16 21.87
N GLY D 194 38.82 26.99 23.15
CA GLY D 194 39.28 25.82 23.89
C GLY D 194 40.80 25.80 23.95
N ASP D 195 41.38 24.67 23.57
CA ASP D 195 42.83 24.54 23.49
C ASP D 195 43.31 24.87 22.07
N VAL E 13 42.18 13.89 -28.38
CA VAL E 13 42.22 14.11 -26.94
C VAL E 13 43.29 13.22 -26.29
N LEU E 14 44.31 13.85 -25.72
CA LEU E 14 45.38 13.11 -25.07
C LEU E 14 44.92 12.65 -23.68
N PRO E 15 45.05 11.36 -23.37
CA PRO E 15 44.48 10.85 -22.12
C PRO E 15 45.28 11.30 -20.91
N GLY E 16 44.57 11.80 -19.90
CA GLY E 16 45.21 12.22 -18.67
C GLY E 16 45.96 13.53 -18.75
N LEU E 17 45.75 14.32 -19.80
CA LEU E 17 46.46 15.57 -19.99
C LEU E 17 46.22 16.50 -18.79
N ASN E 18 47.31 16.93 -18.15
CA ASN E 18 47.29 17.86 -17.03
C ASN E 18 46.52 17.31 -15.83
N TYR E 19 46.32 16.00 -15.75
CA TYR E 19 45.55 15.44 -14.64
C TYR E 19 46.33 15.49 -13.34
N VAL E 20 47.62 15.15 -13.37
CA VAL E 20 48.45 15.14 -12.17
C VAL E 20 48.94 16.55 -11.88
N HIS E 21 48.18 17.32 -11.08
CA HIS E 21 48.48 18.72 -10.86
C HIS E 21 49.29 18.98 -9.59
N SER E 22 49.50 17.98 -8.75
CA SER E 22 50.28 18.17 -7.51
C SER E 22 51.21 16.99 -7.26
N GLY E 23 51.83 16.47 -8.32
CA GLY E 23 52.80 15.40 -8.16
C GLY E 23 52.19 14.16 -7.55
N PHE E 24 52.93 13.51 -6.65
CA PHE E 24 52.46 12.29 -6.01
C PHE E 24 51.77 12.63 -4.69
N PRO E 25 50.57 12.09 -4.43
CA PRO E 25 49.87 11.15 -5.29
C PRO E 25 48.97 11.82 -6.33
N ALA E 26 48.64 11.11 -7.40
CA ALA E 26 47.74 11.63 -8.39
C ALA E 26 46.34 11.81 -7.79
N PRO E 27 45.57 12.77 -8.31
CA PRO E 27 44.21 12.96 -7.78
C PRO E 27 43.39 11.68 -7.87
N GLY E 28 42.73 11.34 -6.77
CA GLY E 28 41.96 10.12 -6.67
C GLY E 28 42.68 8.96 -6.01
N LEU E 29 43.98 9.08 -5.77
CA LEU E 29 44.76 8.04 -5.13
C LEU E 29 45.29 8.54 -3.79
N ARG E 30 45.66 7.59 -2.93
CA ARG E 30 45.98 7.90 -1.55
C ARG E 30 47.45 8.22 -1.38
N GLN E 31 47.74 9.13 -0.44
CA GLN E 31 49.10 9.38 -0.01
C GLN E 31 49.59 8.22 0.85
N ILE E 32 50.86 7.86 0.71
CA ILE E 32 51.38 6.62 1.26
C ILE E 32 52.25 6.91 2.50
N ASN E 33 52.55 5.84 3.23
CA ASN E 33 53.60 5.82 4.23
C ASN E 33 54.69 4.87 3.77
N ARG E 34 55.93 5.32 3.79
CA ARG E 34 57.08 4.45 3.57
C ARG E 34 57.93 4.44 4.83
N HIS E 35 58.05 3.28 5.46
CA HIS E 35 58.83 3.13 6.68
C HIS E 35 60.13 2.42 6.34
N ILE E 36 61.24 2.97 6.83
CA ILE E 36 62.57 2.39 6.67
C ILE E 36 63.13 2.08 8.05
N THR E 37 63.57 0.84 8.23
CA THR E 37 64.11 0.40 9.52
C THR E 37 65.62 0.39 9.51
N GLY E 38 66.20 0.37 10.70
CA GLY E 38 67.64 0.31 10.86
C GLY E 38 68.00 0.01 12.30
N HIS E 39 69.30 0.04 12.56
CA HIS E 39 69.83 -0.23 13.90
C HIS E 39 70.40 1.05 14.50
N ASP E 40 70.23 1.21 15.80
CA ASP E 40 70.94 2.25 16.54
C ASP E 40 72.26 1.67 17.06
N ASP E 41 73.07 2.52 17.68
CA ASP E 41 74.41 2.07 18.10
C ASP E 41 74.38 1.06 19.26
N ASN E 42 73.20 0.61 19.73
CA ASN E 42 73.11 -0.45 20.72
C ASN E 42 72.53 -1.74 20.14
N GLY E 43 72.49 -1.86 18.81
CA GLY E 43 71.94 -3.03 18.16
C GLY E 43 70.43 -3.16 18.19
N LYS E 44 69.73 -2.17 18.73
CA LYS E 44 68.27 -2.19 18.75
C LYS E 44 67.73 -1.82 17.38
N SER E 45 66.77 -2.61 16.88
CA SER E 45 66.10 -2.29 15.63
C SER E 45 65.12 -1.13 15.84
N VAL E 46 65.30 -0.06 15.07
CA VAL E 46 64.48 1.13 15.20
C VAL E 46 63.98 1.56 13.82
N PHE E 47 62.96 2.41 13.83
CA PHE E 47 62.46 3.04 12.62
C PHE E 47 63.30 4.29 12.34
N LEU E 48 63.77 4.41 11.10
CA LEU E 48 64.58 5.57 10.74
C LEU E 48 63.79 6.68 10.07
N SER E 49 62.69 6.37 9.39
CA SER E 49 61.94 7.41 8.69
C SER E 49 60.56 6.90 8.31
N THR E 50 59.62 7.84 8.22
CA THR E 50 58.29 7.64 7.64
C THR E 50 58.02 8.82 6.72
N ASP E 51 57.75 8.55 5.44
CA ASP E 51 57.64 9.64 4.49
C ASP E 51 56.78 9.20 3.31
N HIS E 52 56.81 10.00 2.24
CA HIS E 52 56.02 9.80 1.03
C HIS E 52 56.82 9.18 -0.10
N GLY E 53 57.94 8.51 0.21
CA GLY E 53 58.78 7.95 -0.81
C GLY E 53 59.93 8.87 -1.20
N ASP E 54 60.36 8.81 -2.46
CA ASP E 54 61.51 9.59 -2.88
C ASP E 54 61.52 9.70 -4.40
N HIS E 55 62.17 10.76 -4.88
CA HIS E 55 62.43 10.98 -6.31
C HIS E 55 61.13 10.94 -7.12
N HIS E 56 60.20 11.80 -6.72
CA HIS E 56 58.94 11.94 -7.46
C HIS E 56 59.21 12.61 -8.80
N ARG E 57 58.71 11.99 -9.87
CA ARG E 57 58.91 12.52 -11.22
C ARG E 57 57.61 12.45 -11.99
N ILE E 58 57.09 13.62 -12.39
CA ILE E 58 55.96 13.68 -13.29
C ILE E 58 56.36 13.14 -14.65
N MET E 59 55.50 12.35 -15.26
CA MET E 59 55.78 11.73 -16.55
C MET E 59 54.74 12.18 -17.58
N GLY E 60 55.20 12.33 -18.82
CA GLY E 60 54.35 12.82 -19.87
C GLY E 60 53.86 14.23 -19.57
N GLU E 61 52.72 14.57 -20.19
CA GLU E 61 52.10 15.87 -19.98
C GLU E 61 51.28 15.85 -18.68
N LYS E 62 52.00 15.65 -17.58
CA LYS E 62 51.39 15.46 -16.26
C LYS E 62 50.32 14.37 -16.30
N GLN E 63 50.61 13.31 -17.04
CA GLN E 63 49.73 12.16 -17.16
C GLN E 63 50.03 11.08 -16.14
N ALA E 64 51.19 11.13 -15.49
CA ALA E 64 51.58 10.14 -14.51
C ALA E 64 52.68 10.73 -13.64
N VAL E 65 52.84 10.15 -12.46
CA VAL E 65 53.92 10.52 -11.54
C VAL E 65 54.52 9.25 -10.98
N ALA E 66 55.85 9.20 -10.92
CA ALA E 66 56.58 8.05 -10.41
C ALA E 66 57.08 8.34 -9.00
N ASN E 67 57.24 7.28 -8.23
CA ASN E 67 57.66 7.37 -6.83
C ASN E 67 58.62 6.23 -6.56
N ILE E 68 59.89 6.57 -6.31
CA ILE E 68 60.93 5.56 -6.08
C ILE E 68 60.94 5.25 -4.59
N LEU E 69 60.37 4.09 -4.22
CA LEU E 69 60.28 3.72 -2.82
C LEU E 69 61.63 3.26 -2.26
N TYR E 70 62.49 2.69 -3.10
CA TYR E 70 63.84 2.33 -2.69
C TYR E 70 64.62 1.87 -3.91
N SER E 71 65.93 1.72 -3.73
CA SER E 71 66.81 1.20 -4.77
C SER E 71 68.10 0.70 -4.13
N THR E 72 68.74 -0.26 -4.79
CA THR E 72 70.04 -0.76 -4.36
C THR E 72 70.95 -0.85 -5.58
N GLN E 73 72.26 -0.82 -5.34
CA GLN E 73 73.23 -0.74 -6.42
C GLN E 73 74.29 -1.84 -6.37
N GLU E 74 74.14 -2.83 -5.49
CA GLU E 74 75.06 -3.95 -5.45
C GLU E 74 74.35 -5.17 -4.88
N THR E 75 74.93 -6.35 -5.09
CA THR E 75 74.39 -7.60 -4.59
C THR E 75 75.56 -8.45 -4.09
N PRO E 76 75.53 -8.90 -2.82
CA PRO E 76 74.49 -8.59 -1.82
C PRO E 76 74.54 -7.14 -1.34
N VAL E 77 73.44 -6.66 -0.78
CA VAL E 77 73.30 -5.25 -0.46
C VAL E 77 74.08 -4.93 0.82
N GLN E 78 74.80 -3.81 0.81
CA GLN E 78 75.58 -3.37 1.95
C GLN E 78 74.76 -2.38 2.76
N LEU E 79 74.49 -2.71 4.01
CA LEU E 79 73.67 -1.88 4.89
C LEU E 79 74.47 -1.16 5.97
N ASN E 80 75.74 -1.49 6.16
CA ASN E 80 76.51 -0.88 7.23
C ASN E 80 76.82 0.57 6.91
N GLY E 81 76.80 1.41 7.95
CA GLY E 81 76.99 2.83 7.79
C GLY E 81 75.82 3.49 7.10
N ASN E 82 74.71 2.74 6.97
CA ASN E 82 73.51 3.22 6.30
C ASN E 82 73.82 3.73 4.90
N VAL E 83 74.86 3.18 4.28
CA VAL E 83 75.29 3.70 2.98
C VAL E 83 74.27 3.37 1.89
N ASP E 84 73.55 2.26 2.03
CA ASP E 84 72.48 1.96 1.08
C ASP E 84 71.40 3.03 1.13
N ILE E 85 71.08 3.51 2.33
CA ILE E 85 70.08 4.57 2.47
C ILE E 85 70.53 5.83 1.74
N ASP E 86 71.79 6.24 1.95
CA ASP E 86 72.27 7.46 1.33
C ASP E 86 72.43 7.30 -0.18
N LYS E 87 72.81 6.12 -0.65
CA LYS E 87 72.91 5.93 -2.09
C LYS E 87 71.54 5.98 -2.75
N ALA E 88 70.50 5.53 -2.07
CA ALA E 88 69.16 5.58 -2.63
C ALA E 88 68.58 6.99 -2.59
N ALA E 89 68.96 7.79 -1.58
CA ALA E 89 68.40 9.12 -1.41
C ALA E 89 69.15 10.20 -2.17
N LYS E 90 70.45 10.02 -2.41
CA LYS E 90 71.28 11.09 -2.94
C LYS E 90 71.15 11.28 -4.45
N GLU E 91 70.53 10.34 -5.17
CA GLU E 91 70.46 10.43 -6.62
C GLU E 91 69.19 9.75 -7.10
N GLU E 92 68.56 10.34 -8.10
CA GLU E 92 67.44 9.69 -8.77
C GLU E 92 67.96 8.52 -9.59
N PRO E 93 67.53 7.29 -9.31
CA PRO E 93 68.06 6.14 -10.04
C PRO E 93 67.65 6.17 -11.51
N PRO E 94 68.39 5.48 -12.38
CA PRO E 94 67.96 5.33 -13.78
C PRO E 94 66.79 4.36 -13.88
N LEU E 95 66.41 3.99 -15.11
CA LEU E 95 65.39 2.98 -15.28
C LEU E 95 65.69 1.71 -14.49
N HIS E 96 66.97 1.36 -14.37
CA HIS E 96 67.34 0.04 -13.85
C HIS E 96 68.81 -0.03 -13.46
N TYR E 97 69.10 -0.58 -12.29
CA TYR E 97 70.44 -0.65 -11.73
C TYR E 97 71.07 -2.00 -12.03
N HIS E 98 72.27 -1.99 -12.60
CA HIS E 98 73.02 -3.22 -12.76
C HIS E 98 73.37 -3.82 -11.40
N ASN E 99 73.12 -5.12 -11.25
CA ASN E 99 73.37 -5.84 -9.99
C ASN E 99 72.61 -5.22 -8.83
N GLY E 100 71.45 -4.64 -9.10
CA GLY E 100 70.72 -3.96 -8.04
C GLY E 100 69.21 -4.02 -8.16
N SER E 101 68.54 -3.12 -7.45
CA SER E 101 67.08 -3.12 -7.42
C SER E 101 66.57 -1.69 -7.50
N ILE E 102 65.31 -1.59 -7.92
CA ILE E 102 64.53 -0.36 -7.83
C ILE E 102 63.10 -0.74 -7.52
N VAL E 103 62.49 -0.03 -6.58
CA VAL E 103 61.05 -0.13 -6.32
C VAL E 103 60.42 1.13 -6.90
N ARG E 104 59.78 0.99 -8.06
CA ARG E 104 59.15 2.10 -8.76
C ARG E 104 57.63 1.95 -8.63
N MET E 105 56.99 2.96 -8.04
CA MET E 105 55.55 3.03 -7.93
C MET E 105 55.05 4.18 -8.80
N ILE E 106 53.99 3.94 -9.56
CA ILE E 106 53.56 4.88 -10.59
C ILE E 106 52.05 5.08 -10.50
N ASP E 107 51.62 6.34 -10.45
CA ASP E 107 50.22 6.70 -10.51
C ASP E 107 49.85 7.06 -11.95
N PHE E 108 48.85 6.37 -12.50
CA PHE E 108 48.36 6.65 -13.85
C PHE E 108 47.11 7.53 -13.76
N ALA E 109 47.04 8.52 -14.65
CA ALA E 109 45.81 9.28 -14.83
C ALA E 109 44.80 8.40 -15.57
N PRO E 110 43.53 8.78 -15.61
CA PRO E 110 42.53 7.98 -16.33
C PRO E 110 42.94 7.69 -17.77
N ALA E 111 42.85 6.42 -18.15
CA ALA E 111 43.08 5.90 -19.50
C ALA E 111 44.52 6.05 -19.97
N VAL E 112 45.44 6.45 -19.09
CA VAL E 112 46.81 6.71 -19.53
C VAL E 112 47.49 5.41 -19.88
N GLU E 113 48.25 5.43 -20.97
CA GLU E 113 48.92 4.27 -21.52
C GLU E 113 50.41 4.54 -21.64
N SER E 114 51.21 3.54 -21.28
CA SER E 114 52.64 3.62 -21.50
C SER E 114 52.96 3.19 -22.94
N PRO E 115 54.07 3.65 -23.49
CA PRO E 115 54.46 3.19 -24.82
C PRO E 115 54.90 1.73 -24.78
N LEU E 116 54.83 1.10 -25.95
CA LEU E 116 55.41 -0.23 -26.11
C LEU E 116 56.92 -0.12 -25.94
N HIS E 117 57.48 -0.85 -24.99
CA HIS E 117 58.89 -0.73 -24.68
C HIS E 117 59.39 -2.06 -24.11
N ARG E 118 60.71 -2.19 -24.06
CA ARG E 118 61.35 -3.35 -23.45
C ARG E 118 62.48 -2.87 -22.55
N ALA E 119 62.47 -3.34 -21.31
CA ALA E 119 63.57 -3.15 -20.39
C ALA E 119 64.27 -4.48 -20.19
N VAL E 120 65.59 -4.48 -20.28
CA VAL E 120 66.34 -5.73 -20.09
C VAL E 120 66.49 -5.92 -18.59
N SER E 121 65.46 -6.52 -18.00
CA SER E 121 65.25 -6.52 -16.56
C SER E 121 64.14 -7.51 -16.26
N ILE E 122 64.21 -8.13 -15.10
CA ILE E 122 63.13 -8.97 -14.60
C ILE E 122 62.36 -8.17 -13.56
N ASP E 123 61.09 -7.89 -13.85
CA ASP E 123 60.28 -6.97 -13.07
C ASP E 123 59.14 -7.71 -12.39
N TYR E 124 59.01 -7.54 -11.08
CA TYR E 124 57.89 -8.03 -10.30
C TYR E 124 56.88 -6.89 -10.19
N GLY E 125 55.72 -7.05 -10.84
CA GLY E 125 54.69 -6.03 -10.86
C GLY E 125 53.47 -6.47 -10.07
N ILE E 126 52.89 -5.53 -9.32
CA ILE E 126 51.66 -5.75 -8.57
C ILE E 126 50.75 -4.54 -8.77
N VAL E 127 49.47 -4.80 -9.02
CA VAL E 127 48.47 -3.74 -9.12
C VAL E 127 48.12 -3.30 -7.70
N VAL E 128 48.45 -2.05 -7.37
CA VAL E 128 48.13 -1.53 -6.05
C VAL E 128 46.70 -0.99 -6.01
N GLU E 129 46.24 -0.39 -7.10
CA GLU E 129 44.90 0.16 -7.16
C GLU E 129 44.45 0.24 -8.61
N GLY E 130 43.21 -0.16 -8.86
CA GLY E 130 42.61 -0.03 -10.17
C GLY E 130 42.67 -1.31 -10.98
N VAL E 131 42.46 -1.15 -12.28
CA VAL E 131 42.46 -2.25 -13.24
C VAL E 131 43.41 -1.89 -14.37
N PHE E 132 44.33 -2.79 -14.69
CA PHE E 132 45.33 -2.56 -15.72
C PHE E 132 45.29 -3.67 -16.77
N LYS E 133 45.62 -3.29 -17.99
CA LYS E 133 45.76 -4.22 -19.11
C LYS E 133 47.23 -4.28 -19.49
N LEU E 134 47.83 -5.45 -19.36
CA LEU E 134 49.21 -5.69 -19.76
C LEU E 134 49.21 -6.27 -21.17
N VAL E 135 49.75 -5.51 -22.13
CA VAL E 135 49.75 -5.91 -23.54
C VAL E 135 51.19 -6.14 -23.98
N LEU E 136 51.46 -7.32 -24.53
CA LEU E 136 52.76 -7.67 -25.05
C LEU E 136 52.80 -7.42 -26.56
N ASP E 137 54.02 -7.39 -27.11
CA ASP E 137 54.17 -7.07 -28.52
C ASP E 137 53.59 -8.14 -29.44
N SER E 138 53.25 -9.30 -28.91
CA SER E 138 52.57 -10.34 -29.69
C SER E 138 51.09 -10.06 -29.88
N GLY E 139 50.55 -9.03 -29.23
CA GLY E 139 49.13 -8.82 -29.20
C GLY E 139 48.43 -9.46 -28.02
N GLU E 140 49.09 -10.39 -27.34
CA GLU E 140 48.49 -11.03 -26.17
C GLU E 140 48.36 -10.02 -25.04
N GLU E 141 47.36 -10.26 -24.18
CA GLU E 141 47.07 -9.32 -23.11
C GLU E 141 46.45 -10.05 -21.92
N ARG E 142 46.61 -9.44 -20.75
CA ARG E 142 45.97 -9.90 -19.53
C ARG E 142 45.38 -8.70 -18.81
N ILE E 143 44.15 -8.84 -18.32
CA ILE E 143 43.57 -7.87 -17.41
C ILE E 143 44.05 -8.18 -16.01
N MET E 144 44.75 -7.24 -15.39
CA MET E 144 45.28 -7.41 -14.04
C MET E 144 44.52 -6.49 -13.09
N ARG E 145 43.91 -7.08 -12.06
CA ARG E 145 43.15 -6.34 -11.07
C ARG E 145 43.99 -6.19 -9.81
N GLN E 146 43.42 -5.51 -8.82
CA GLN E 146 44.16 -5.21 -7.59
C GLN E 146 44.59 -6.50 -6.90
N GLY E 147 45.88 -6.57 -6.54
CA GLY E 147 46.46 -7.75 -5.95
C GLY E 147 47.08 -8.72 -6.95
N ASP E 148 46.77 -8.58 -8.23
CA ASP E 148 47.35 -9.47 -9.23
C ASP E 148 48.82 -9.12 -9.46
N VAL E 149 49.60 -10.13 -9.81
CA VAL E 149 51.05 -10.01 -9.90
C VAL E 149 51.54 -10.55 -11.23
N SER E 150 52.47 -9.84 -11.85
CA SER E 150 53.13 -10.26 -13.07
C SER E 150 54.63 -10.36 -12.85
N VAL E 151 55.26 -11.27 -13.58
CA VAL E 151 56.71 -11.42 -13.59
C VAL E 151 57.15 -11.15 -15.03
N GLN E 152 57.66 -9.95 -15.29
CA GLN E 152 58.01 -9.51 -16.64
C GLN E 152 59.48 -9.82 -16.89
N ARG E 153 59.76 -10.79 -17.75
CA ARG E 153 61.13 -11.25 -17.99
C ARG E 153 61.64 -10.65 -19.30
N ALA E 154 62.07 -9.39 -19.21
CA ALA E 154 62.72 -8.68 -20.31
C ALA E 154 61.89 -8.73 -21.60
N THR E 155 60.58 -8.65 -21.46
CA THR E 155 59.67 -8.75 -22.59
C THR E 155 59.18 -7.38 -23.03
N ALA E 156 58.86 -7.27 -24.31
CA ALA E 156 58.31 -6.03 -24.86
C ALA E 156 56.83 -5.94 -24.55
N HIS E 157 56.41 -4.79 -24.02
CA HIS E 157 55.08 -4.68 -23.44
C HIS E 157 54.70 -3.21 -23.31
N LYS E 158 53.43 -2.99 -22.95
CA LYS E 158 52.94 -1.70 -22.53
C LYS E 158 51.87 -1.91 -21.46
N TRP E 159 51.64 -0.87 -20.67
CA TRP E 159 50.66 -0.89 -19.60
C TRP E 159 49.55 0.11 -19.91
N ILE E 160 48.31 -0.31 -19.72
CA ILE E 160 47.14 0.53 -19.99
C ILE E 160 46.29 0.60 -18.74
N ASN E 161 46.14 1.80 -18.19
CA ASN E 161 45.16 2.03 -17.12
C ASN E 161 43.76 2.01 -17.72
N ILE E 162 42.99 0.97 -17.39
CA ILE E 162 41.62 0.85 -17.87
C ILE E 162 40.62 0.96 -16.73
N THR E 163 41.04 1.41 -15.56
CA THR E 163 40.19 1.47 -14.38
C THR E 163 38.89 2.20 -14.67
N ASP E 164 37.77 1.55 -14.36
CA ASP E 164 36.43 2.13 -14.46
C ASP E 164 36.19 2.73 -15.86
N ASN E 165 36.36 1.87 -16.86
CA ASN E 165 36.12 2.23 -18.25
C ASN E 165 36.94 3.46 -18.68
N GLY E 166 38.12 3.62 -18.09
CA GLY E 166 39.03 4.68 -18.50
C GLY E 166 38.78 6.03 -17.91
N THR E 167 38.07 6.12 -16.79
CA THR E 167 37.78 7.40 -16.15
C THR E 167 38.35 7.51 -14.74
N ALA E 168 39.17 6.56 -14.31
CA ALA E 168 39.68 6.56 -12.94
C ALA E 168 41.18 6.36 -12.92
N PRO E 169 41.87 6.96 -11.96
CA PRO E 169 43.31 6.72 -11.83
C PRO E 169 43.60 5.33 -11.28
N GLY E 170 44.85 4.91 -11.45
CA GLY E 170 45.30 3.62 -10.96
C GLY E 170 46.77 3.67 -10.60
N ARG E 171 47.19 2.70 -9.80
CA ARG E 171 48.55 2.67 -9.28
C ARG E 171 49.15 1.27 -9.43
N MET E 172 50.37 1.22 -9.94
CA MET E 172 51.17 0.00 -10.03
C MET E 172 52.45 0.18 -9.22
N MET E 173 53.00 -0.94 -8.74
CA MET E 173 54.31 -0.95 -8.13
C MET E 173 55.15 -2.05 -8.76
N TRP E 174 56.41 -1.73 -9.07
CA TRP E 174 57.32 -2.65 -9.71
C TRP E 174 58.61 -2.76 -8.90
N ILE E 175 59.17 -3.97 -8.88
CA ILE E 175 60.50 -4.22 -8.33
C ILE E 175 61.36 -4.72 -9.48
N LEU E 176 62.28 -3.88 -9.95
CA LEU E 176 63.09 -4.18 -11.12
C LEU E 176 64.45 -4.72 -10.69
N LEU E 177 64.80 -5.90 -11.19
CA LEU E 177 66.08 -6.53 -10.91
C LEU E 177 66.88 -6.66 -12.19
N ASP E 178 68.18 -6.89 -12.03
CA ASP E 178 69.07 -7.00 -13.17
C ASP E 178 69.03 -8.40 -13.75
N CYS E 179 68.96 -8.49 -15.07
CA CYS E 179 68.96 -9.77 -15.77
C CYS E 179 69.96 -9.71 -16.92
N HIS E 180 70.41 -10.90 -17.33
CA HIS E 180 71.26 -10.99 -18.51
C HIS E 180 70.44 -10.75 -19.77
N ASP E 181 71.14 -10.44 -20.86
CA ASP E 181 70.46 -10.15 -22.12
C ASP E 181 69.79 -11.42 -22.65
N VAL E 182 68.54 -11.28 -23.06
CA VAL E 182 67.78 -12.41 -23.59
C VAL E 182 68.17 -12.60 -25.06
N VAL E 183 68.66 -13.80 -25.38
CA VAL E 183 69.05 -14.15 -26.75
C VAL E 183 68.04 -15.16 -27.29
N VAL E 184 67.52 -14.89 -28.49
CA VAL E 184 66.57 -15.77 -29.16
C VAL E 184 67.12 -16.03 -30.55
N ASN E 185 67.50 -17.29 -30.81
CA ASN E 185 68.07 -17.68 -32.09
C ASN E 185 69.34 -16.87 -32.38
N GLY E 186 70.28 -16.90 -31.42
CA GLY E 186 71.53 -16.19 -31.58
C GLY E 186 71.41 -14.70 -31.79
N GLN E 187 70.25 -14.12 -31.52
CA GLN E 187 70.00 -12.70 -31.68
C GLN E 187 69.53 -12.11 -30.35
N VAL E 188 70.23 -11.07 -29.86
CA VAL E 188 69.88 -10.44 -28.60
C VAL E 188 68.60 -9.63 -28.77
N MET E 189 67.63 -9.85 -27.87
CA MET E 189 66.42 -9.03 -27.85
C MET E 189 66.76 -7.71 -27.19
N GLU E 190 66.96 -6.68 -28.01
CA GLU E 190 67.49 -5.42 -27.52
C GLU E 190 66.40 -4.59 -26.85
N GLY E 191 66.73 -4.07 -25.66
CA GLY E 191 65.81 -3.17 -25.00
C GLY E 191 65.62 -1.88 -25.76
N TYR E 192 64.42 -1.30 -25.64
CA TYR E 192 64.11 -0.03 -26.27
C TYR E 192 63.03 0.65 -25.45
N LEU E 193 63.01 1.98 -25.50
CA LEU E 193 62.13 2.75 -24.61
C LEU E 193 61.12 3.62 -25.34
N GLY E 194 61.33 3.92 -26.62
CA GLY E 194 60.38 4.74 -27.35
C GLY E 194 60.21 6.10 -26.68
N ASP E 195 58.96 6.52 -26.54
CA ASP E 195 58.67 7.80 -25.91
C ASP E 195 58.97 7.79 -24.41
N LEU E 196 59.29 6.64 -23.82
CA LEU E 196 59.73 6.64 -22.43
C LEU E 196 61.14 7.18 -22.26
N GLU E 197 61.84 7.46 -23.37
CA GLU E 197 63.21 7.95 -23.29
C GLU E 197 63.29 9.33 -22.68
N LYS E 198 62.26 10.16 -22.88
CA LYS E 198 62.26 11.50 -22.30
C LYS E 198 62.13 11.48 -20.79
N GLU E 199 61.74 10.34 -20.21
CA GLU E 199 61.43 10.24 -18.78
C GLU E 199 62.60 9.74 -17.95
N TYR E 200 63.72 9.38 -18.57
CA TYR E 200 64.88 8.90 -17.83
C TYR E 200 66.17 9.54 -18.31
N VAL E 201 66.10 10.55 -19.17
CA VAL E 201 67.26 11.33 -19.56
C VAL E 201 67.79 12.10 -18.36
N LEU F 14 45.09 -19.53 21.08
CA LEU F 14 45.96 -19.43 19.86
C LEU F 14 45.17 -18.74 18.75
N PRO F 15 45.61 -17.54 18.30
CA PRO F 15 44.89 -16.82 17.26
C PRO F 15 44.87 -17.54 15.90
N GLY F 16 43.71 -17.50 15.25
CA GLY F 16 43.59 -18.09 13.90
C GLY F 16 43.65 -19.59 13.90
N LEU F 17 43.45 -20.23 15.05
CA LEU F 17 43.60 -21.68 15.07
C LEU F 17 42.64 -22.33 14.08
N ASN F 18 43.21 -23.00 13.08
CA ASN F 18 42.44 -23.74 12.07
C ASN F 18 41.57 -22.81 11.23
N TYR F 19 41.99 -21.56 11.06
CA TYR F 19 41.22 -20.63 10.24
C TYR F 19 41.41 -20.90 8.75
N VAL F 20 42.64 -21.15 8.32
CA VAL F 20 42.95 -21.41 6.91
C VAL F 20 42.61 -22.87 6.60
N HIS F 21 41.39 -23.11 6.12
CA HIS F 21 40.92 -24.48 5.93
C HIS F 21 41.06 -24.98 4.49
N SER F 22 41.44 -24.13 3.54
CA SER F 22 41.56 -24.56 2.15
C SER F 22 42.82 -23.99 1.51
N GLY F 23 43.91 -23.91 2.29
CA GLY F 23 45.16 -23.41 1.75
C GLY F 23 45.05 -21.96 1.29
N PHE F 24 45.70 -21.66 0.17
CA PHE F 24 45.62 -20.30 -0.40
C PHE F 24 44.43 -20.23 -1.36
N PRO F 25 43.60 -19.18 -1.28
CA PRO F 25 43.73 -18.08 -0.32
C PRO F 25 42.98 -18.36 0.99
N ALA F 26 43.32 -17.62 2.04
CA ALA F 26 42.62 -17.74 3.30
C ALA F 26 41.18 -17.25 3.15
N PRO F 27 40.26 -17.77 3.98
CA PRO F 27 38.87 -17.27 3.92
C PRO F 27 38.82 -15.76 4.14
N GLY F 28 38.06 -15.09 3.28
CA GLY F 28 37.96 -13.65 3.32
C GLY F 28 38.91 -12.93 2.38
N LEU F 29 39.90 -13.62 1.83
CA LEU F 29 40.86 -13.04 0.90
C LEU F 29 40.67 -13.64 -0.49
N ARG F 30 41.15 -12.91 -1.49
CA ARG F 30 40.86 -13.22 -2.88
C ARG F 30 41.92 -14.14 -3.50
N GLN F 31 41.45 -15.02 -4.39
CA GLN F 31 42.36 -15.74 -5.26
C GLN F 31 43.00 -14.77 -6.25
N ILE F 32 44.23 -15.07 -6.65
CA ILE F 32 45.02 -14.16 -7.45
C ILE F 32 45.19 -14.72 -8.86
N ASN F 33 45.78 -13.89 -9.73
CA ASN F 33 46.38 -14.33 -10.97
C ASN F 33 47.85 -13.95 -10.94
N ARG F 34 48.72 -14.93 -11.17
CA ARG F 34 50.15 -14.66 -11.40
C ARG F 34 50.44 -14.93 -12.87
N HIS F 35 50.92 -13.91 -13.57
CA HIS F 35 51.27 -14.03 -14.97
C HIS F 35 52.78 -13.99 -15.13
N ILE F 36 53.32 -14.94 -15.89
CA ILE F 36 54.74 -14.98 -16.23
C ILE F 36 54.85 -14.78 -17.73
N THR F 37 55.62 -13.78 -18.14
CA THR F 37 55.86 -13.51 -19.55
C THR F 37 57.14 -14.19 -20.02
N GLY F 38 57.26 -14.36 -21.33
CA GLY F 38 58.40 -15.03 -21.90
C GLY F 38 58.53 -14.70 -23.37
N HIS F 39 59.46 -15.40 -24.03
CA HIS F 39 59.76 -15.14 -25.44
C HIS F 39 59.41 -16.34 -26.29
N ASP F 40 58.83 -16.06 -27.46
CA ASP F 40 58.54 -17.05 -28.48
C ASP F 40 59.83 -17.69 -28.98
N ASP F 41 59.67 -18.73 -29.80
CA ASP F 41 60.76 -19.16 -30.67
C ASP F 41 60.93 -18.21 -31.85
N ASN F 42 60.07 -17.22 -31.99
CA ASN F 42 60.22 -16.15 -32.96
C ASN F 42 60.59 -14.82 -32.30
N GLY F 43 61.01 -14.84 -31.05
CA GLY F 43 61.35 -13.62 -30.34
C GLY F 43 60.19 -12.76 -29.93
N LYS F 44 58.96 -13.27 -30.01
CA LYS F 44 57.78 -12.51 -29.62
C LYS F 44 57.52 -12.67 -28.14
N SER F 45 57.16 -11.58 -27.48
CA SER F 45 56.84 -11.60 -26.07
C SER F 45 55.45 -12.20 -25.86
N VAL F 46 55.37 -13.29 -25.10
CA VAL F 46 54.13 -14.00 -24.90
C VAL F 46 53.94 -14.26 -23.41
N PHE F 47 52.74 -14.69 -23.05
CA PHE F 47 52.45 -15.14 -21.71
C PHE F 47 52.73 -16.63 -21.61
N LEU F 48 53.51 -17.02 -20.59
CA LEU F 48 53.88 -18.41 -20.42
C LEU F 48 52.97 -19.16 -19.45
N SER F 49 52.31 -18.46 -18.55
CA SER F 49 51.48 -19.12 -17.54
C SER F 49 50.60 -18.09 -16.85
N THR F 50 49.43 -18.54 -16.43
CA THR F 50 48.56 -17.79 -15.53
C THR F 50 48.08 -18.77 -14.47
N ASP F 51 48.38 -18.49 -13.20
CA ASP F 51 48.12 -19.45 -12.16
C ASP F 51 47.95 -18.73 -10.82
N HIS F 52 47.96 -19.49 -9.73
CA HIS F 52 47.75 -19.00 -8.39
C HIS F 52 49.05 -18.95 -7.58
N GLY F 53 50.18 -18.83 -8.25
CA GLY F 53 51.46 -18.82 -7.57
C GLY F 53 52.07 -20.20 -7.47
N ASP F 54 52.93 -20.41 -6.47
CA ASP F 54 53.67 -21.66 -6.35
C ASP F 54 54.09 -21.86 -4.91
N HIS F 55 54.40 -23.11 -4.57
CA HIS F 55 54.99 -23.50 -3.28
C HIS F 55 54.18 -22.96 -2.11
N HIS F 56 52.91 -23.34 -2.06
CA HIS F 56 52.04 -22.91 -0.97
C HIS F 56 52.42 -23.64 0.32
N ARG F 57 52.37 -22.92 1.44
CA ARG F 57 52.82 -23.45 2.72
C ARG F 57 51.90 -22.99 3.83
N ILE F 58 51.20 -23.93 4.45
CA ILE F 58 50.47 -23.65 5.68
C ILE F 58 51.48 -23.41 6.80
N MET F 59 51.27 -22.34 7.55
CA MET F 59 52.13 -22.00 8.68
C MET F 59 51.32 -21.98 9.97
N GLY F 60 51.95 -22.38 11.06
CA GLY F 60 51.25 -22.48 12.33
C GLY F 60 50.21 -23.60 12.29
N GLU F 61 49.19 -23.45 13.12
CA GLU F 61 48.09 -24.42 13.17
C GLU F 61 46.99 -23.98 12.20
N LYS F 62 47.35 -23.99 10.91
CA LYS F 62 46.52 -23.42 9.86
C LYS F 62 46.14 -21.98 10.20
N GLN F 63 47.13 -21.22 10.64
CA GLN F 63 46.94 -19.82 11.00
C GLN F 63 47.39 -18.86 9.91
N ALA F 64 48.16 -19.35 8.94
CA ALA F 64 48.63 -18.52 7.84
C ALA F 64 49.02 -19.44 6.70
N VAL F 65 49.07 -18.87 5.49
CA VAL F 65 49.49 -19.62 4.32
C VAL F 65 50.34 -18.71 3.44
N ALA F 66 51.54 -19.18 3.09
CA ALA F 66 52.44 -18.44 2.23
C ALA F 66 52.26 -18.86 0.78
N ASN F 67 52.63 -17.96 -0.12
CA ASN F 67 52.53 -18.19 -1.56
C ASN F 67 53.76 -17.56 -2.21
N ILE F 68 54.55 -18.36 -2.91
CA ILE F 68 55.79 -17.91 -3.52
C ILE F 68 55.50 -17.55 -4.98
N LEU F 69 55.52 -16.25 -5.28
CA LEU F 69 55.21 -15.80 -6.63
C LEU F 69 56.40 -15.95 -7.57
N TYR F 70 57.62 -15.81 -7.07
CA TYR F 70 58.81 -16.07 -7.87
C TYR F 70 60.03 -16.10 -6.96
N SER F 71 61.15 -16.54 -7.53
CA SER F 71 62.43 -16.53 -6.83
C SER F 71 63.55 -16.59 -7.86
N THR F 72 64.68 -15.96 -7.53
CA THR F 72 65.87 -15.99 -8.35
C THR F 72 67.07 -16.38 -7.47
N GLN F 73 68.09 -16.96 -8.10
CA GLN F 73 69.21 -17.53 -7.35
C GLN F 73 70.56 -17.01 -7.81
N GLU F 74 70.61 -15.99 -8.66
CA GLU F 74 71.88 -15.40 -9.08
C GLU F 74 71.62 -13.99 -9.56
N THR F 75 72.66 -13.17 -9.51
CA THR F 75 72.59 -11.78 -9.95
C THR F 75 73.77 -11.49 -10.86
N PRO F 76 73.54 -11.08 -12.12
CA PRO F 76 72.21 -10.87 -12.70
C PRO F 76 71.48 -12.17 -13.05
N VAL F 77 70.17 -12.08 -13.22
CA VAL F 77 69.33 -13.26 -13.46
C VAL F 77 69.52 -13.76 -14.88
N GLN F 78 69.57 -15.08 -15.03
CA GLN F 78 69.75 -15.72 -16.32
C GLN F 78 68.38 -16.22 -16.81
N LEU F 79 67.85 -15.56 -17.84
CA LEU F 79 66.52 -15.88 -18.35
C LEU F 79 66.52 -16.82 -19.53
N ASN F 80 67.66 -17.00 -20.20
CA ASN F 80 67.68 -17.78 -21.44
C ASN F 80 67.51 -19.27 -21.15
N GLY F 81 66.87 -19.96 -22.09
CA GLY F 81 66.45 -21.33 -21.85
C GLY F 81 65.37 -21.46 -20.79
N ASN F 82 64.80 -20.34 -20.32
CA ASN F 82 63.81 -20.32 -19.25
C ASN F 82 64.30 -21.03 -17.99
N VAL F 83 65.61 -20.96 -17.74
CA VAL F 83 66.18 -21.66 -16.59
C VAL F 83 65.72 -21.01 -15.28
N ASP F 84 65.42 -19.71 -15.30
CA ASP F 84 64.91 -19.07 -14.09
C ASP F 84 63.55 -19.64 -13.71
N ILE F 85 62.69 -19.90 -14.70
CA ILE F 85 61.40 -20.53 -14.43
C ILE F 85 61.60 -21.90 -13.81
N ASP F 86 62.54 -22.68 -14.35
CA ASP F 86 62.76 -24.03 -13.85
C ASP F 86 63.23 -24.01 -12.40
N LYS F 87 64.19 -23.13 -12.08
CA LYS F 87 64.72 -23.07 -10.72
C LYS F 87 63.66 -22.63 -9.72
N ALA F 88 62.84 -21.63 -10.10
CA ALA F 88 61.78 -21.17 -9.21
C ALA F 88 60.74 -22.25 -8.97
N ALA F 89 60.49 -23.10 -9.97
CA ALA F 89 59.46 -24.12 -9.86
C ALA F 89 59.94 -25.41 -9.21
N LYS F 90 61.22 -25.77 -9.38
CA LYS F 90 61.67 -27.10 -9.01
C LYS F 90 61.62 -27.32 -7.50
N GLU F 91 62.21 -26.43 -6.72
CA GLU F 91 62.29 -26.59 -5.28
C GLU F 91 61.64 -25.42 -4.56
N GLU F 92 61.07 -25.71 -3.41
CA GLU F 92 60.53 -24.65 -2.56
C GLU F 92 61.68 -23.85 -1.97
N PRO F 93 61.71 -22.54 -2.15
CA PRO F 93 62.86 -21.75 -1.69
C PRO F 93 62.93 -21.70 -0.17
N PRO F 94 64.11 -21.42 0.38
CA PRO F 94 64.25 -21.18 1.83
C PRO F 94 63.83 -19.77 2.20
N LEU F 95 64.12 -19.36 3.44
CA LEU F 95 63.75 -18.02 3.91
C LEU F 95 64.18 -16.94 2.93
N HIS F 96 65.44 -16.98 2.47
CA HIS F 96 65.89 -16.06 1.44
C HIS F 96 67.03 -16.70 0.67
N TYR F 97 67.29 -16.16 -0.53
CA TYR F 97 68.28 -16.68 -1.45
C TYR F 97 69.49 -15.76 -1.50
N HIS F 98 70.67 -16.33 -1.29
CA HIS F 98 71.89 -15.58 -1.49
C HIS F 98 72.02 -15.18 -2.95
N ASN F 99 72.39 -13.92 -3.20
CA ASN F 99 72.54 -13.34 -4.52
C ASN F 99 71.26 -13.35 -5.34
N GLY F 100 70.11 -13.61 -4.71
CA GLY F 100 68.86 -13.69 -5.43
C GLY F 100 67.69 -13.06 -4.71
N SER F 101 66.48 -13.31 -5.21
CA SER F 101 65.27 -12.69 -4.71
C SER F 101 64.23 -13.75 -4.40
N ILE F 102 63.26 -13.37 -3.56
CA ILE F 102 62.09 -14.19 -3.27
C ILE F 102 60.89 -13.26 -3.15
N VAL F 103 59.83 -13.55 -3.90
CA VAL F 103 58.55 -12.88 -3.75
C VAL F 103 57.67 -13.79 -2.91
N ARG F 104 57.42 -13.40 -1.67
CA ARG F 104 56.65 -14.22 -0.74
C ARG F 104 55.41 -13.45 -0.30
N MET F 105 54.24 -13.99 -0.63
CA MET F 105 52.95 -13.47 -0.19
C MET F 105 52.42 -14.36 0.93
N ILE F 106 51.87 -13.75 1.98
CA ILE F 106 51.38 -14.49 3.14
C ILE F 106 50.00 -13.97 3.52
N ASP F 107 49.04 -14.89 3.66
CA ASP F 107 47.73 -14.59 4.23
C ASP F 107 47.77 -14.86 5.73
N PHE F 108 47.32 -13.89 6.52
CA PHE F 108 47.25 -14.02 7.98
C PHE F 108 45.80 -14.24 8.39
N ALA F 109 45.56 -15.24 9.23
CA ALA F 109 44.27 -15.35 9.89
C ALA F 109 44.10 -14.19 10.87
N PRO F 110 42.88 -13.92 11.32
CA PRO F 110 42.67 -12.81 12.26
C PRO F 110 43.55 -12.90 13.50
N ALA F 111 44.10 -11.76 13.90
CA ALA F 111 44.88 -11.58 15.12
C ALA F 111 46.18 -12.37 15.13
N VAL F 112 46.56 -13.00 14.01
CA VAL F 112 47.78 -13.79 13.96
C VAL F 112 48.98 -12.88 13.93
N GLU F 113 50.02 -13.25 14.68
CA GLU F 113 51.28 -12.50 14.70
C GLU F 113 52.44 -13.46 14.47
N SER F 114 53.45 -12.97 13.78
CA SER F 114 54.69 -13.71 13.58
C SER F 114 55.54 -13.63 14.85
N PRO F 115 56.55 -14.49 14.98
CA PRO F 115 57.47 -14.35 16.11
C PRO F 115 58.44 -13.20 15.89
N LEU F 116 58.98 -12.70 16.99
CA LEU F 116 60.09 -11.75 16.91
C LEU F 116 61.31 -12.48 16.37
N HIS F 117 61.87 -11.97 15.28
CA HIS F 117 62.90 -12.70 14.54
C HIS F 117 63.69 -11.72 13.70
N ARG F 118 64.84 -12.18 13.22
CA ARG F 118 65.66 -11.43 12.28
C ARG F 118 66.12 -12.33 11.16
N ALA F 119 65.91 -11.89 9.93
CA ALA F 119 66.53 -12.49 8.75
C ALA F 119 67.61 -11.54 8.24
N VAL F 120 68.70 -12.10 7.74
CA VAL F 120 69.79 -11.29 7.18
C VAL F 120 69.42 -11.08 5.71
N SER F 121 68.53 -10.10 5.49
CA SER F 121 68.05 -9.75 4.17
C SER F 121 67.43 -8.37 4.28
N ILE F 122 67.31 -7.70 3.14
CA ILE F 122 66.53 -6.48 3.04
C ILE F 122 65.21 -6.81 2.37
N ASP F 123 64.10 -6.43 3.00
CA ASP F 123 62.77 -6.86 2.60
C ASP F 123 61.95 -5.65 2.19
N TYR F 124 61.41 -5.68 0.98
CA TYR F 124 60.42 -4.71 0.53
C TYR F 124 59.03 -5.27 0.84
N GLY F 125 58.34 -4.66 1.79
CA GLY F 125 57.01 -5.10 2.18
C GLY F 125 55.95 -4.13 1.68
N ILE F 126 54.77 -4.66 1.35
CA ILE F 126 53.62 -3.86 1.00
C ILE F 126 52.37 -4.55 1.54
N VAL F 127 51.48 -3.79 2.14
CA VAL F 127 50.21 -4.32 2.61
C VAL F 127 49.29 -4.47 1.41
N VAL F 128 48.90 -5.71 1.12
CA VAL F 128 48.00 -5.98 0.00
C VAL F 128 46.54 -5.82 0.42
N GLU F 129 46.21 -6.25 1.64
CA GLU F 129 44.88 -6.05 2.19
C GLU F 129 44.94 -6.15 3.70
N GLY F 130 44.17 -5.31 4.37
CA GLY F 130 44.09 -5.33 5.81
C GLY F 130 44.94 -4.25 6.46
N VAL F 131 45.13 -4.42 7.77
CA VAL F 131 45.94 -3.51 8.57
C VAL F 131 46.91 -4.34 9.40
N PHE F 132 48.19 -4.02 9.30
CA PHE F 132 49.24 -4.75 9.99
C PHE F 132 50.02 -3.82 10.89
N LYS F 133 50.41 -4.33 12.06
CA LYS F 133 51.32 -3.62 12.96
C LYS F 133 52.70 -4.25 12.83
N LEU F 134 53.69 -3.43 12.51
CA LEU F 134 55.08 -3.86 12.45
C LEU F 134 55.77 -3.41 13.73
N VAL F 135 56.23 -4.38 14.53
CA VAL F 135 56.84 -4.11 15.83
C VAL F 135 58.31 -4.50 15.76
N LEU F 136 59.19 -3.57 16.12
CA LEU F 136 60.61 -3.83 16.16
C LEU F 136 61.03 -4.22 17.58
N ASP F 137 62.20 -4.84 17.69
CA ASP F 137 62.65 -5.37 18.98
C ASP F 137 62.92 -4.28 20.01
N SER F 138 62.97 -3.01 19.59
CA SER F 138 63.07 -1.90 20.51
C SER F 138 61.71 -1.46 21.05
N GLY F 139 60.64 -2.14 20.66
CA GLY F 139 59.30 -1.72 21.03
C GLY F 139 58.69 -0.66 20.16
N GLU F 140 59.43 -0.17 19.17
CA GLU F 140 58.89 0.81 18.23
C GLU F 140 57.98 0.12 17.22
N GLU F 141 56.85 0.76 16.91
CA GLU F 141 55.87 0.17 16.04
C GLU F 141 55.34 1.20 15.06
N ARG F 142 54.91 0.70 13.90
CA ARG F 142 54.14 1.48 12.94
C ARG F 142 52.96 0.64 12.48
N ILE F 143 51.79 1.25 12.41
CA ILE F 143 50.60 0.59 11.88
C ILE F 143 50.58 0.83 10.38
N MET F 144 50.63 -0.25 9.60
CA MET F 144 50.68 -0.18 8.15
C MET F 144 49.34 -0.59 7.58
N ARG F 145 48.80 0.24 6.71
CA ARG F 145 47.53 0.00 6.04
C ARG F 145 47.77 -0.35 4.59
N GLN F 146 46.69 -0.71 3.89
CA GLN F 146 46.80 -1.12 2.50
C GLN F 146 47.53 -0.06 1.67
N GLY F 147 48.52 -0.51 0.89
CA GLY F 147 49.30 0.36 0.06
C GLY F 147 50.59 0.86 0.70
N ASP F 148 50.67 0.87 2.02
CA ASP F 148 51.88 1.32 2.70
C ASP F 148 53.00 0.31 2.49
N VAL F 149 54.23 0.81 2.41
CA VAL F 149 55.39 0.00 2.07
C VAL F 149 56.44 0.12 3.18
N SER F 150 57.15 -0.99 3.42
CA SER F 150 58.20 -1.06 4.42
C SER F 150 59.50 -1.52 3.78
N VAL F 151 60.61 -0.95 4.23
CA VAL F 151 61.94 -1.36 3.81
C VAL F 151 62.62 -1.91 5.05
N GLN F 152 62.61 -3.24 5.18
CA GLN F 152 63.15 -3.93 6.36
C GLN F 152 64.64 -4.20 6.13
N ARG F 153 65.50 -3.47 6.84
CA ARG F 153 66.94 -3.59 6.65
C ARG F 153 67.55 -4.47 7.74
N ALA F 154 67.30 -5.78 7.59
CA ALA F 154 67.87 -6.82 8.44
C ALA F 154 67.60 -6.55 9.92
N THR F 155 66.42 -6.00 10.21
CA THR F 155 66.08 -5.63 11.57
C THR F 155 65.29 -6.73 12.26
N ALA F 156 65.46 -6.83 13.58
CA ALA F 156 64.65 -7.74 14.38
C ALA F 156 63.25 -7.17 14.53
N HIS F 157 62.24 -7.97 14.18
CA HIS F 157 60.90 -7.42 14.05
C HIS F 157 59.86 -8.51 14.21
N LYS F 158 58.60 -8.09 14.21
CA LYS F 158 57.44 -8.96 14.35
C LYS F 158 56.28 -8.32 13.60
N TRP F 159 55.50 -9.15 12.90
CA TRP F 159 54.34 -8.68 12.15
C TRP F 159 53.07 -9.13 12.86
N ILE F 160 52.13 -8.21 13.05
CA ILE F 160 50.87 -8.48 13.72
C ILE F 160 49.73 -8.09 12.79
N ASN F 161 48.81 -9.02 12.54
CA ASN F 161 47.62 -8.73 11.76
C ASN F 161 46.55 -8.17 12.68
N ILE F 162 46.27 -6.87 12.56
CA ILE F 162 45.29 -6.21 13.42
C ILE F 162 44.07 -5.74 12.63
N THR F 163 43.83 -6.34 11.46
CA THR F 163 42.72 -5.91 10.61
C THR F 163 41.39 -6.04 11.35
N ASP F 164 40.63 -4.94 11.36
CA ASP F 164 39.30 -4.88 11.98
C ASP F 164 39.32 -5.46 13.39
N ASN F 165 40.22 -4.93 14.22
CA ASN F 165 40.33 -5.30 15.63
C ASN F 165 40.53 -6.80 15.81
N GLY F 166 41.45 -7.36 15.01
CA GLY F 166 41.79 -8.76 15.14
C GLY F 166 40.74 -9.75 14.69
N THR F 167 39.75 -9.32 13.91
CA THR F 167 38.67 -10.20 13.49
C THR F 167 38.62 -10.43 11.98
N ALA F 168 39.58 -9.91 11.22
CA ALA F 168 39.58 -10.05 9.77
C ALA F 168 40.94 -10.53 9.29
N PRO F 169 40.98 -11.27 8.18
CA PRO F 169 42.26 -11.71 7.64
C PRO F 169 42.99 -10.57 6.94
N GLY F 170 44.29 -10.79 6.74
CA GLY F 170 45.12 -9.80 6.08
C GLY F 170 46.15 -10.48 5.20
N ARG F 171 46.72 -9.69 4.30
CA ARG F 171 47.67 -10.19 3.32
C ARG F 171 48.82 -9.23 3.17
N MET F 172 50.04 -9.75 3.25
CA MET F 172 51.26 -9.00 2.97
C MET F 172 52.02 -9.66 1.83
N MET F 173 52.83 -8.87 1.14
CA MET F 173 53.78 -9.40 0.17
C MET F 173 55.15 -8.78 0.42
N TRP F 174 56.18 -9.62 0.47
CA TRP F 174 57.55 -9.18 0.64
C TRP F 174 58.38 -9.61 -0.55
N ILE F 175 59.33 -8.77 -0.94
CA ILE F 175 60.38 -9.11 -1.87
C ILE F 175 61.68 -9.10 -1.08
N LEU F 176 62.24 -10.28 -0.84
CA LEU F 176 63.40 -10.43 0.02
C LEU F 176 64.67 -10.50 -0.82
N LEU F 177 65.64 -9.64 -0.50
CA LEU F 177 66.89 -9.55 -1.23
C LEU F 177 68.06 -9.83 -0.30
N ASP F 178 69.15 -10.31 -0.90
CA ASP F 178 70.35 -10.67 -0.15
C ASP F 178 71.09 -9.41 0.28
N CYS F 179 71.48 -9.36 1.55
CA CYS F 179 72.28 -8.26 2.10
C CYS F 179 73.44 -8.85 2.89
N HIS F 180 74.46 -8.01 3.08
CA HIS F 180 75.60 -8.42 3.91
C HIS F 180 75.22 -8.34 5.38
N ASP F 181 76.03 -8.99 6.22
CA ASP F 181 75.80 -8.99 7.66
C ASP F 181 75.79 -7.56 8.19
N VAL F 182 74.91 -7.31 9.17
CA VAL F 182 74.83 -6.01 9.83
C VAL F 182 75.73 -6.07 11.06
N VAL F 183 76.80 -5.28 11.06
CA VAL F 183 77.76 -5.23 12.16
C VAL F 183 77.58 -3.89 12.86
N VAL F 184 77.27 -3.93 14.14
CA VAL F 184 77.09 -2.75 14.97
C VAL F 184 78.13 -2.80 16.09
N ASN F 185 79.03 -1.82 16.09
CA ASN F 185 80.11 -1.73 17.08
C ASN F 185 80.89 -3.03 17.16
N GLY F 186 81.33 -3.52 16.00
CA GLY F 186 82.16 -4.70 15.93
C GLY F 186 81.48 -6.01 16.28
N GLN F 187 80.15 -6.02 16.38
CA GLN F 187 79.39 -7.23 16.68
C GLN F 187 78.38 -7.47 15.57
N VAL F 188 78.37 -8.68 15.03
CA VAL F 188 77.45 -9.04 13.96
C VAL F 188 76.06 -9.23 14.55
N MET F 189 75.06 -8.64 13.89
CA MET F 189 73.66 -8.79 14.31
C MET F 189 73.15 -10.11 13.77
N GLU F 190 73.24 -11.14 14.60
CA GLU F 190 72.91 -12.50 14.17
C GLU F 190 71.42 -12.63 13.86
N GLY F 191 71.12 -13.37 12.80
CA GLY F 191 69.75 -13.76 12.55
C GLY F 191 69.26 -14.81 13.53
N TYR F 192 67.95 -14.86 13.72
CA TYR F 192 67.36 -15.86 14.58
C TYR F 192 65.89 -16.02 14.20
N LEU F 193 65.38 -17.23 14.40
CA LEU F 193 64.00 -17.54 14.01
C LEU F 193 63.01 -17.25 15.13
N GLY F 194 63.41 -17.41 16.38
CA GLY F 194 62.61 -16.96 17.50
C GLY F 194 61.51 -17.93 17.91
N ASP F 195 60.73 -17.48 18.88
CA ASP F 195 59.64 -18.28 19.44
C ASP F 195 58.37 -17.45 19.61
N VAL G 13 -37.65 -27.76 -5.53
CA VAL G 13 -38.73 -28.03 -6.47
C VAL G 13 -39.84 -26.99 -6.25
N LEU G 14 -39.84 -26.38 -5.06
CA LEU G 14 -40.81 -25.35 -4.74
C LEU G 14 -40.64 -24.16 -5.69
N PRO G 15 -41.73 -23.56 -6.16
CA PRO G 15 -41.60 -22.41 -7.05
C PRO G 15 -41.15 -21.17 -6.29
N GLY G 16 -40.22 -20.44 -6.91
CA GLY G 16 -39.74 -19.20 -6.33
C GLY G 16 -38.97 -19.34 -5.04
N LEU G 17 -38.37 -20.50 -4.78
CA LEU G 17 -37.63 -20.72 -3.55
C LEU G 17 -36.52 -19.69 -3.39
N ASN G 18 -36.53 -18.97 -2.28
CA ASN G 18 -35.53 -17.95 -1.95
C ASN G 18 -35.47 -16.83 -2.99
N TYR G 19 -36.53 -16.64 -3.77
CA TYR G 19 -36.52 -15.57 -4.76
C TYR G 19 -36.62 -14.19 -4.11
N VAL G 20 -37.43 -14.06 -3.06
CA VAL G 20 -37.61 -12.79 -2.38
C VAL G 20 -36.48 -12.59 -1.38
N HIS G 21 -35.39 -11.95 -1.82
CA HIS G 21 -34.19 -11.85 -1.01
C HIS G 21 -34.06 -10.53 -0.25
N SER G 22 -34.96 -9.56 -0.49
CA SER G 22 -34.86 -8.28 0.22
C SER G 22 -36.23 -7.74 0.63
N GLY G 23 -37.18 -8.62 0.93
CA GLY G 23 -38.50 -8.16 1.34
C GLY G 23 -39.24 -7.51 0.20
N PHE G 24 -40.03 -6.48 0.53
CA PHE G 24 -40.76 -5.73 -0.49
C PHE G 24 -39.89 -4.60 -1.03
N PRO G 25 -39.78 -4.43 -2.36
CA PRO G 25 -40.44 -5.26 -3.38
C PRO G 25 -39.63 -6.49 -3.79
N ALA G 26 -40.33 -7.51 -4.30
CA ALA G 26 -39.66 -8.67 -4.85
C ALA G 26 -38.77 -8.26 -6.01
N PRO G 27 -37.69 -8.99 -6.27
CA PRO G 27 -36.82 -8.65 -7.40
C PRO G 27 -37.60 -8.65 -8.71
N GLY G 28 -37.44 -7.58 -9.49
CA GLY G 28 -38.13 -7.41 -10.74
C GLY G 28 -39.38 -6.56 -10.66
N LEU G 29 -39.83 -6.22 -9.46
CA LEU G 29 -41.00 -5.36 -9.28
C LEU G 29 -40.57 -4.04 -8.65
N ARG G 30 -41.45 -3.05 -8.72
CA ARG G 30 -41.11 -1.68 -8.38
C ARG G 30 -41.41 -1.35 -6.94
N GLN G 31 -40.53 -0.57 -6.33
CA GLN G 31 -40.85 0.09 -5.07
C GLN G 31 -41.96 1.11 -5.30
N ILE G 32 -42.78 1.32 -4.28
CA ILE G 32 -43.99 2.12 -4.43
C ILE G 32 -43.91 3.42 -3.64
N ASN G 33 -44.94 4.25 -3.79
CA ASN G 33 -45.20 5.38 -2.90
C ASN G 33 -46.61 5.23 -2.35
N ARG G 34 -46.73 5.20 -1.03
CA ARG G 34 -48.01 5.25 -0.36
C ARG G 34 -48.17 6.63 0.26
N HIS G 35 -49.21 7.36 -0.14
CA HIS G 35 -49.49 8.69 0.37
C HIS G 35 -50.74 8.64 1.24
N ILE G 36 -50.64 9.24 2.42
CA ILE G 36 -51.78 9.38 3.33
C ILE G 36 -52.04 10.86 3.54
N THR G 37 -53.28 11.28 3.34
CA THR G 37 -53.68 12.66 3.49
C THR G 37 -54.33 12.89 4.84
N GLY G 38 -54.39 14.15 5.24
CA GLY G 38 -54.97 14.50 6.53
C GLY G 38 -55.10 16.00 6.65
N HIS G 39 -55.57 16.43 7.82
CA HIS G 39 -55.80 17.83 8.12
C HIS G 39 -54.78 18.31 9.14
N ASP G 40 -54.37 19.56 9.01
CA ASP G 40 -53.51 20.21 9.99
C ASP G 40 -54.38 21.03 10.95
N ASP G 41 -53.72 21.73 11.87
CA ASP G 41 -54.44 22.46 12.92
C ASP G 41 -55.35 23.54 12.35
N ASN G 42 -55.12 23.98 11.12
CA ASN G 42 -55.91 25.06 10.51
C ASN G 42 -56.96 24.54 9.53
N GLY G 43 -57.22 23.24 9.53
CA GLY G 43 -58.21 22.67 8.64
C GLY G 43 -57.76 22.47 7.21
N LYS G 44 -56.51 22.79 6.88
CA LYS G 44 -56.02 22.61 5.52
C LYS G 44 -55.68 21.15 5.26
N SER G 45 -55.92 20.71 4.03
CA SER G 45 -55.62 19.33 3.64
C SER G 45 -54.14 19.23 3.27
N VAL G 46 -53.42 18.30 3.92
CA VAL G 46 -51.99 18.13 3.71
C VAL G 46 -51.68 16.65 3.55
N PHE G 47 -50.44 16.38 3.13
CA PHE G 47 -49.92 15.02 3.07
C PHE G 47 -49.22 14.71 4.39
N LEU G 48 -49.68 13.65 5.05
CA LEU G 48 -49.10 13.27 6.33
C LEU G 48 -47.87 12.37 6.19
N SER G 49 -47.78 11.61 5.10
CA SER G 49 -46.70 10.65 4.97
C SER G 49 -46.61 10.16 3.53
N THR G 50 -45.37 9.87 3.11
CA THR G 50 -45.09 9.13 1.89
C THR G 50 -44.09 8.05 2.23
N ASP G 51 -44.47 6.79 2.01
CA ASP G 51 -43.65 5.67 2.47
C ASP G 51 -43.87 4.47 1.56
N HIS G 52 -43.37 3.32 1.99
CA HIS G 52 -43.41 2.07 1.23
C HIS G 52 -44.48 1.11 1.73
N GLY G 53 -45.49 1.61 2.45
CA GLY G 53 -46.50 0.74 3.02
C GLY G 53 -46.22 0.40 4.47
N ASP G 54 -46.58 -0.82 4.88
CA ASP G 54 -46.53 -1.18 6.28
C ASP G 54 -46.68 -2.69 6.43
N HIS G 55 -46.15 -3.21 7.54
CA HIS G 55 -46.34 -4.60 7.93
C HIS G 55 -45.95 -5.57 6.81
N HIS G 56 -44.74 -5.37 6.29
CA HIS G 56 -44.20 -6.26 5.26
C HIS G 56 -44.00 -7.66 5.83
N ARG G 57 -44.48 -8.66 5.10
CA ARG G 57 -44.47 -10.04 5.58
C ARG G 57 -43.99 -10.98 4.49
N ILE G 58 -42.85 -11.63 4.72
CA ILE G 58 -42.45 -12.74 3.87
C ILE G 58 -43.46 -13.87 3.99
N MET G 59 -43.75 -14.53 2.87
CA MET G 59 -44.66 -15.66 2.84
C MET G 59 -43.97 -16.84 2.19
N GLY G 60 -44.32 -18.04 2.62
CA GLY G 60 -43.62 -19.21 2.13
C GLY G 60 -42.14 -19.14 2.48
N GLU G 61 -41.36 -19.86 1.69
CA GLU G 61 -39.91 -19.87 1.86
C GLU G 61 -39.28 -18.79 0.96
N LYS G 62 -39.48 -17.54 1.39
CA LYS G 62 -39.06 -16.38 0.60
C LYS G 62 -39.62 -16.45 -0.82
N GLN G 63 -40.90 -16.86 -0.93
CA GLN G 63 -41.54 -17.02 -2.22
C GLN G 63 -42.53 -15.90 -2.53
N ALA G 64 -42.95 -15.15 -1.53
CA ALA G 64 -43.82 -14.00 -1.74
C ALA G 64 -43.65 -13.07 -0.56
N VAL G 65 -44.06 -11.82 -0.75
CA VAL G 65 -43.99 -10.82 0.32
C VAL G 65 -45.24 -9.96 0.25
N ALA G 66 -45.86 -9.74 1.40
CA ALA G 66 -47.09 -8.97 1.49
C ALA G 66 -46.81 -7.56 2.00
N ASN G 67 -47.67 -6.63 1.61
CA ASN G 67 -47.53 -5.22 1.97
C ASN G 67 -48.92 -4.68 2.32
N ILE G 68 -49.08 -4.24 3.57
CA ILE G 68 -50.36 -3.73 4.05
C ILE G 68 -50.38 -2.23 3.84
N LEU G 69 -51.13 -1.78 2.82
CA LEU G 69 -51.14 -0.36 2.50
C LEU G 69 -52.07 0.45 3.39
N TYR G 70 -53.11 -0.19 3.94
CA TYR G 70 -53.95 0.43 4.96
C TYR G 70 -54.90 -0.62 5.53
N SER G 71 -55.55 -0.25 6.63
CA SER G 71 -56.59 -1.08 7.22
C SER G 71 -57.47 -0.20 8.10
N THR G 72 -58.74 -0.62 8.22
CA THR G 72 -59.69 0.00 9.12
C THR G 72 -60.31 -1.08 10.00
N GLN G 73 -60.83 -0.68 11.15
CA GLN G 73 -61.37 -1.62 12.12
C GLN G 73 -62.80 -1.34 12.55
N GLU G 74 -63.42 -0.27 12.04
CA GLU G 74 -64.80 0.04 12.39
C GLU G 74 -65.47 0.71 11.20
N THR G 75 -66.81 0.61 11.17
CA THR G 75 -67.61 1.22 10.12
C THR G 75 -68.72 2.02 10.77
N PRO G 76 -68.86 3.33 10.46
CA PRO G 76 -67.97 4.04 9.54
C PRO G 76 -66.61 4.39 10.17
N VAL G 77 -65.65 4.78 9.34
CA VAL G 77 -64.29 5.00 9.81
C VAL G 77 -64.23 6.27 10.66
N GLN G 78 -63.51 6.19 11.77
CA GLN G 78 -63.28 7.33 12.65
C GLN G 78 -61.89 7.88 12.37
N LEU G 79 -61.82 9.11 11.85
CA LEU G 79 -60.55 9.72 11.46
C LEU G 79 -60.07 10.80 12.41
N ASN G 80 -60.94 11.36 13.24
CA ASN G 80 -60.55 12.48 14.09
C ASN G 80 -59.46 12.05 15.06
N GLY G 81 -58.49 12.94 15.27
CA GLY G 81 -57.33 12.60 16.06
C GLY G 81 -56.37 11.62 15.41
N ASN G 82 -56.60 11.28 14.14
CA ASN G 82 -55.78 10.33 13.40
C ASN G 82 -55.75 8.96 14.09
N VAL G 83 -56.83 8.59 14.76
CA VAL G 83 -56.86 7.29 15.42
C VAL G 83 -56.85 6.16 14.40
N ASP G 84 -57.45 6.38 13.23
CA ASP G 84 -57.41 5.37 12.17
C ASP G 84 -55.97 5.10 11.74
N ILE G 85 -55.16 6.15 11.61
CA ILE G 85 -53.76 5.97 11.25
C ILE G 85 -53.02 5.21 12.35
N ASP G 86 -53.31 5.52 13.61
CA ASP G 86 -52.58 4.89 14.70
C ASP G 86 -52.94 3.40 14.81
N LYS G 87 -54.22 3.07 14.67
CA LYS G 87 -54.67 1.67 14.73
C LYS G 87 -54.19 0.85 13.55
N ALA G 88 -54.03 1.48 12.39
CA ALA G 88 -53.50 0.78 11.23
C ALA G 88 -52.01 0.51 11.35
N ALA G 89 -51.27 1.38 12.02
CA ALA G 89 -49.83 1.26 12.10
C ALA G 89 -49.33 0.49 13.33
N LYS G 90 -50.17 0.32 14.36
CA LYS G 90 -49.68 -0.27 15.60
C LYS G 90 -49.52 -1.77 15.51
N GLU G 91 -50.45 -2.46 14.87
CA GLU G 91 -50.43 -3.91 14.80
C GLU G 91 -50.57 -4.37 13.35
N GLU G 92 -49.96 -5.51 13.04
CA GLU G 92 -50.18 -6.14 11.75
C GLU G 92 -51.57 -6.75 11.73
N PRO G 93 -52.43 -6.38 10.78
CA PRO G 93 -53.80 -6.89 10.77
C PRO G 93 -53.84 -8.40 10.57
N PRO G 94 -54.95 -9.04 10.92
CA PRO G 94 -55.17 -10.43 10.53
C PRO G 94 -55.57 -10.53 9.06
N LEU G 95 -56.02 -11.70 8.61
CA LEU G 95 -56.44 -11.87 7.22
C LEU G 95 -57.46 -10.80 6.83
N HIS G 96 -58.49 -10.59 7.64
CA HIS G 96 -59.43 -9.50 7.42
C HIS G 96 -59.97 -9.01 8.75
N TYR G 97 -60.49 -7.79 8.74
CA TYR G 97 -60.99 -7.13 9.95
C TYR G 97 -62.51 -7.16 9.96
N HIS G 98 -63.07 -7.45 11.13
CA HIS G 98 -64.51 -7.39 11.30
C HIS G 98 -64.97 -5.93 11.28
N ASN G 99 -66.03 -5.67 10.52
CA ASN G 99 -66.56 -4.33 10.30
C ASN G 99 -65.51 -3.37 9.73
N GLY G 100 -64.50 -3.91 9.05
CA GLY G 100 -63.41 -3.08 8.58
C GLY G 100 -62.89 -3.43 7.20
N SER G 101 -61.65 -3.06 6.92
CA SER G 101 -61.07 -3.25 5.60
C SER G 101 -59.57 -3.48 5.74
N ILE G 102 -59.00 -4.12 4.73
CA ILE G 102 -57.55 -4.29 4.60
C ILE G 102 -57.17 -4.12 3.15
N VAL G 103 -56.18 -3.28 2.87
CA VAL G 103 -55.58 -3.17 1.55
C VAL G 103 -54.30 -3.99 1.60
N ARG G 104 -54.32 -5.17 0.99
CA ARG G 104 -53.16 -6.06 0.98
C ARG G 104 -52.61 -6.14 -0.44
N MET G 105 -51.32 -5.84 -0.57
CA MET G 105 -50.58 -5.99 -1.81
C MET G 105 -49.55 -7.09 -1.61
N ILE G 106 -49.49 -8.03 -2.56
CA ILE G 106 -48.60 -9.18 -2.45
C ILE G 106 -47.79 -9.33 -3.71
N ASP G 107 -46.47 -9.40 -3.58
CA ASP G 107 -45.57 -9.70 -4.67
C ASP G 107 -45.33 -11.21 -4.74
N PHE G 108 -45.53 -11.79 -5.92
CA PHE G 108 -45.36 -13.22 -6.14
C PHE G 108 -44.03 -13.47 -6.84
N ALA G 109 -43.25 -14.42 -6.33
CA ALA G 109 -42.12 -14.93 -7.09
C ALA G 109 -42.64 -15.72 -8.29
N PRO G 110 -41.78 -15.98 -9.29
CA PRO G 110 -42.25 -16.68 -10.49
C PRO G 110 -42.90 -18.02 -10.17
N ALA G 111 -44.04 -18.26 -10.82
CA ALA G 111 -44.76 -19.54 -10.79
C ALA G 111 -45.27 -19.91 -9.40
N VAL G 112 -45.35 -18.95 -8.49
CA VAL G 112 -45.79 -19.21 -7.13
C VAL G 112 -47.32 -19.30 -7.09
N GLU G 113 -47.83 -20.24 -6.29
CA GLU G 113 -49.26 -20.42 -6.10
C GLU G 113 -49.63 -20.22 -4.64
N SER G 114 -50.83 -19.70 -4.41
CA SER G 114 -51.44 -19.76 -3.10
C SER G 114 -52.17 -21.09 -2.93
N PRO G 115 -52.36 -21.54 -1.70
CA PRO G 115 -53.14 -22.76 -1.49
C PRO G 115 -54.61 -22.54 -1.81
N LEU G 116 -55.27 -23.62 -2.22
CA LEU G 116 -56.73 -23.58 -2.34
C LEU G 116 -57.33 -23.33 -0.98
N HIS G 117 -58.10 -22.26 -0.85
CA HIS G 117 -58.56 -21.81 0.45
C HIS G 117 -59.81 -20.97 0.28
N ARG G 118 -60.45 -20.66 1.40
CA ARG G 118 -61.61 -19.78 1.42
C ARG G 118 -61.52 -18.87 2.63
N ALA G 119 -61.65 -17.57 2.40
CA ALA G 119 -61.80 -16.59 3.46
C ALA G 119 -63.24 -16.10 3.47
N VAL G 120 -63.80 -15.92 4.67
CA VAL G 120 -65.18 -15.43 4.80
C VAL G 120 -65.08 -13.91 4.74
N SER G 121 -65.01 -13.39 3.51
CA SER G 121 -64.85 -11.98 3.23
C SER G 121 -65.10 -11.78 1.75
N ILE G 122 -65.48 -10.56 1.40
CA ILE G 122 -65.58 -10.15 -0.01
C ILE G 122 -64.34 -9.34 -0.34
N ASP G 123 -63.68 -9.67 -1.45
CA ASP G 123 -62.39 -9.10 -1.79
C ASP G 123 -62.42 -8.49 -3.18
N TYR G 124 -61.98 -7.24 -3.28
CA TYR G 124 -61.74 -6.60 -4.56
C TYR G 124 -60.27 -6.78 -4.93
N GLY G 125 -60.02 -7.51 -6.02
CA GLY G 125 -58.67 -7.78 -6.49
C GLY G 125 -58.40 -7.10 -7.83
N ILE G 126 -57.20 -6.56 -7.97
CA ILE G 126 -56.75 -5.97 -9.23
C ILE G 126 -55.32 -6.41 -9.49
N VAL G 127 -55.03 -6.81 -10.72
CA VAL G 127 -53.69 -7.20 -11.11
C VAL G 127 -52.85 -5.95 -11.31
N VAL G 128 -51.84 -5.76 -10.47
CA VAL G 128 -50.99 -4.57 -10.56
C VAL G 128 -49.87 -4.77 -11.56
N GLU G 129 -49.21 -5.92 -11.55
CA GLU G 129 -48.24 -6.26 -12.58
C GLU G 129 -48.26 -7.77 -12.80
N GLY G 130 -48.19 -8.18 -14.06
CA GLY G 130 -48.08 -9.57 -14.41
C GLY G 130 -49.38 -10.19 -14.90
N VAL G 131 -49.40 -11.52 -14.90
CA VAL G 131 -50.54 -12.30 -15.34
C VAL G 131 -50.83 -13.36 -14.29
N PHE G 132 -52.09 -13.47 -13.88
CA PHE G 132 -52.49 -14.40 -12.84
C PHE G 132 -53.64 -15.27 -13.32
N LYS G 133 -53.73 -16.47 -12.76
CA LYS G 133 -54.83 -17.40 -13.00
C LYS G 133 -55.61 -17.56 -11.70
N LEU G 134 -56.89 -17.20 -11.72
CA LEU G 134 -57.76 -17.37 -10.57
C LEU G 134 -58.50 -18.70 -10.71
N VAL G 135 -58.11 -19.69 -9.92
CA VAL G 135 -58.70 -21.02 -9.98
C VAL G 135 -59.64 -21.20 -8.80
N LEU G 136 -60.88 -21.57 -9.09
CA LEU G 136 -61.88 -21.85 -8.06
C LEU G 136 -61.94 -23.34 -7.80
N ASP G 137 -62.55 -23.71 -6.66
CA ASP G 137 -62.53 -25.11 -6.24
C ASP G 137 -63.42 -26.01 -7.11
N SER G 138 -64.17 -25.44 -8.06
CA SER G 138 -64.92 -26.23 -9.02
C SER G 138 -64.12 -26.56 -10.27
N GLY G 139 -62.92 -26.00 -10.42
CA GLY G 139 -62.12 -26.17 -11.61
C GLY G 139 -62.19 -25.00 -12.59
N GLU G 140 -63.24 -24.19 -12.51
CA GLU G 140 -63.32 -23.01 -13.36
C GLU G 140 -62.18 -22.05 -13.02
N GLU G 141 -61.67 -21.38 -14.05
CA GLU G 141 -60.58 -20.44 -13.84
C GLU G 141 -60.72 -19.26 -14.80
N ARG G 142 -60.00 -18.19 -14.49
CA ARG G 142 -59.88 -17.03 -15.35
C ARG G 142 -58.43 -16.57 -15.33
N ILE G 143 -57.87 -16.31 -16.51
CA ILE G 143 -56.59 -15.65 -16.60
C ILE G 143 -56.83 -14.14 -16.51
N MET G 144 -56.22 -13.50 -15.51
CA MET G 144 -56.38 -12.07 -15.28
C MET G 144 -55.08 -11.36 -15.62
N ARG G 145 -55.19 -10.30 -16.41
CA ARG G 145 -54.03 -9.50 -16.80
C ARG G 145 -54.09 -8.16 -16.10
N GLN G 146 -53.01 -7.38 -16.28
CA GLN G 146 -52.89 -6.08 -15.64
C GLN G 146 -54.12 -5.21 -15.88
N GLY G 147 -54.67 -4.68 -14.80
CA GLY G 147 -55.86 -3.86 -14.88
C GLY G 147 -57.18 -4.60 -14.70
N ASP G 148 -57.16 -5.93 -14.68
CA ASP G 148 -58.38 -6.70 -14.53
C ASP G 148 -58.77 -6.81 -13.06
N VAL G 149 -60.08 -6.91 -12.81
CA VAL G 149 -60.65 -6.79 -11.48
C VAL G 149 -61.47 -8.03 -11.17
N SER G 150 -61.32 -8.52 -9.94
CA SER G 150 -62.08 -9.66 -9.44
C SER G 150 -62.87 -9.27 -8.20
N VAL G 151 -64.09 -9.77 -8.10
CA VAL G 151 -64.93 -9.60 -6.91
C VAL G 151 -65.10 -10.99 -6.31
N GLN G 152 -64.31 -11.29 -5.27
CA GLN G 152 -64.26 -12.62 -4.67
C GLN G 152 -65.26 -12.67 -3.53
N ARG G 153 -66.40 -13.31 -3.77
CA ARG G 153 -67.51 -13.31 -2.80
C ARG G 153 -67.42 -14.55 -1.90
N ALA G 154 -66.39 -14.54 -1.06
CA ALA G 154 -66.16 -15.60 -0.06
C ALA G 154 -66.09 -16.98 -0.71
N THR G 155 -65.49 -17.05 -1.89
CA THR G 155 -65.39 -18.30 -2.62
C THR G 155 -64.09 -19.03 -2.32
N ALA G 156 -64.12 -20.34 -2.50
CA ALA G 156 -62.91 -21.15 -2.41
C ALA G 156 -62.11 -20.98 -3.70
N HIS G 157 -60.81 -20.71 -3.57
CA HIS G 157 -60.03 -20.28 -4.72
C HIS G 157 -58.54 -20.39 -4.41
N LYS G 158 -57.75 -20.27 -5.46
CA LYS G 158 -56.30 -20.16 -5.36
C LYS G 158 -55.81 -19.21 -6.44
N TRP G 159 -54.75 -18.48 -6.12
CA TRP G 159 -54.13 -17.54 -7.06
C TRP G 159 -52.83 -18.15 -7.57
N ILE G 160 -52.64 -18.10 -8.88
CA ILE G 160 -51.44 -18.66 -9.52
C ILE G 160 -50.79 -17.56 -10.34
N ASN G 161 -49.52 -17.27 -10.05
CA ASN G 161 -48.73 -16.37 -10.88
C ASN G 161 -48.22 -17.14 -12.10
N ILE G 162 -48.56 -16.66 -13.29
CA ILE G 162 -48.14 -17.31 -14.53
C ILE G 162 -47.40 -16.35 -15.46
N THR G 163 -46.88 -15.26 -14.92
CA THR G 163 -46.28 -14.23 -15.76
C THR G 163 -45.08 -14.76 -16.53
N ASP G 164 -45.05 -14.49 -17.83
CA ASP G 164 -44.03 -14.95 -18.76
C ASP G 164 -43.75 -16.45 -18.59
N ASN G 165 -44.83 -17.22 -18.70
CA ASN G 165 -44.76 -18.68 -18.63
C ASN G 165 -44.06 -19.14 -17.36
N GLY G 166 -44.36 -18.47 -16.25
CA GLY G 166 -43.87 -18.88 -14.94
C GLY G 166 -42.47 -18.43 -14.60
N THR G 167 -41.91 -17.45 -15.30
CA THR G 167 -40.54 -17.00 -15.05
C THR G 167 -40.46 -15.55 -14.59
N ALA G 168 -41.58 -14.90 -14.34
CA ALA G 168 -41.56 -13.48 -13.97
C ALA G 168 -42.38 -13.24 -12.72
N PRO G 169 -41.95 -12.31 -11.87
CA PRO G 169 -42.74 -11.96 -10.69
C PRO G 169 -44.04 -11.25 -11.08
N GLY G 170 -44.99 -11.30 -10.15
CA GLY G 170 -46.27 -10.65 -10.35
C GLY G 170 -46.75 -9.98 -9.07
N ARG G 171 -47.65 -9.00 -9.26
CA ARG G 171 -48.17 -8.22 -8.14
C ARG G 171 -49.68 -8.14 -8.24
N MET G 172 -50.35 -8.46 -7.14
CA MET G 172 -51.78 -8.25 -6.96
C MET G 172 -52.00 -7.25 -5.84
N MET G 173 -53.21 -6.68 -5.79
CA MET G 173 -53.65 -5.90 -4.64
C MET G 173 -55.10 -6.23 -4.35
N TRP G 174 -55.42 -6.39 -3.07
CA TRP G 174 -56.76 -6.72 -2.63
C TRP G 174 -57.25 -5.68 -1.62
N ILE G 175 -58.55 -5.40 -1.67
CA ILE G 175 -59.25 -4.69 -0.60
C ILE G 175 -60.24 -5.68 -0.01
N LEU G 176 -60.04 -6.07 1.25
CA LEU G 176 -60.80 -7.11 1.91
C LEU G 176 -61.80 -6.49 2.87
N LEU G 177 -63.08 -6.73 2.62
CA LEU G 177 -64.16 -6.25 3.48
C LEU G 177 -64.81 -7.41 4.20
N ASP G 178 -65.51 -7.08 5.29
CA ASP G 178 -66.24 -8.08 6.07
C ASP G 178 -67.55 -8.42 5.38
N CYS G 179 -67.89 -9.72 5.40
CA CYS G 179 -69.16 -10.19 4.88
C CYS G 179 -69.78 -11.17 5.86
N HIS G 180 -71.11 -11.28 5.80
CA HIS G 180 -71.78 -12.31 6.58
C HIS G 180 -71.42 -13.69 6.03
N ASP G 181 -71.67 -14.72 6.84
CA ASP G 181 -71.39 -16.08 6.43
C ASP G 181 -72.26 -16.46 5.23
N VAL G 182 -71.70 -17.28 4.34
CA VAL G 182 -72.36 -17.70 3.11
C VAL G 182 -73.00 -19.06 3.37
N VAL G 183 -74.29 -19.18 3.07
CA VAL G 183 -75.02 -20.40 3.42
C VAL G 183 -75.58 -21.01 2.15
N VAL G 184 -75.19 -22.26 1.86
CA VAL G 184 -75.74 -23.00 0.75
C VAL G 184 -76.55 -24.17 1.27
N ASN G 185 -77.84 -24.18 0.93
CA ASN G 185 -78.77 -25.23 1.33
C ASN G 185 -78.61 -25.53 2.81
N GLY G 186 -78.70 -24.48 3.63
CA GLY G 186 -78.56 -24.64 5.06
C GLY G 186 -77.19 -25.07 5.52
N GLN G 187 -76.15 -24.89 4.69
CA GLN G 187 -74.79 -25.28 5.05
C GLN G 187 -73.88 -24.05 5.03
N VAL G 188 -73.19 -23.81 6.13
CA VAL G 188 -72.25 -22.70 6.22
C VAL G 188 -70.99 -23.05 5.42
N MET G 189 -70.70 -22.27 4.39
CA MET G 189 -69.43 -22.42 3.67
C MET G 189 -68.32 -21.90 4.58
N GLU G 190 -67.62 -22.83 5.24
CA GLU G 190 -66.63 -22.46 6.23
C GLU G 190 -65.32 -22.07 5.57
N GLY G 191 -64.69 -21.03 6.09
CA GLY G 191 -63.35 -20.69 5.65
C GLY G 191 -62.35 -21.75 6.05
N TYR G 192 -61.27 -21.85 5.29
CA TYR G 192 -60.20 -22.77 5.65
C TYR G 192 -58.88 -22.27 5.07
N LEU G 193 -57.82 -22.38 5.87
CA LEU G 193 -56.52 -21.87 5.46
C LEU G 193 -55.94 -22.68 4.30
N GLY G 194 -56.26 -23.96 4.22
CA GLY G 194 -55.78 -24.81 3.16
C GLY G 194 -54.35 -25.26 3.38
N ASP G 195 -53.95 -26.26 2.58
CA ASP G 195 -52.61 -26.81 2.63
C ASP G 195 -52.18 -27.36 1.28
N VAL H 13 -60.17 26.90 -24.47
CA VAL H 13 -60.29 25.50 -24.84
C VAL H 13 -60.40 24.63 -23.58
N LEU H 14 -61.42 23.79 -23.54
CA LEU H 14 -61.55 22.86 -22.42
C LEU H 14 -60.69 21.63 -22.68
N PRO H 15 -59.91 21.18 -21.69
CA PRO H 15 -59.06 20.00 -21.90
C PRO H 15 -59.89 18.75 -22.15
N GLY H 16 -59.42 17.96 -23.11
CA GLY H 16 -60.08 16.69 -23.41
C GLY H 16 -61.48 16.80 -23.95
N LEU H 17 -61.89 17.97 -24.43
CA LEU H 17 -63.24 18.14 -24.96
C LEU H 17 -63.54 17.12 -26.05
N ASN H 18 -64.63 16.38 -25.86
CA ASN H 18 -65.11 15.39 -26.81
C ASN H 18 -64.11 14.26 -27.05
N TYR H 19 -63.16 14.06 -26.13
CA TYR H 19 -62.17 13.02 -26.30
C TYR H 19 -62.79 11.63 -26.16
N VAL H 20 -63.64 11.44 -25.15
CA VAL H 20 -64.27 10.14 -24.93
C VAL H 20 -65.46 10.00 -25.87
N HIS H 21 -65.22 9.39 -27.03
CA HIS H 21 -66.26 9.29 -28.06
C HIS H 21 -67.04 7.99 -28.01
N SER H 22 -66.61 7.01 -27.20
CA SER H 22 -67.29 5.71 -27.15
C SER H 22 -67.40 5.19 -25.73
N GLY H 23 -67.52 6.08 -24.75
CA GLY H 23 -67.63 5.63 -23.38
C GLY H 23 -66.38 4.89 -22.93
N PHE H 24 -66.57 3.93 -22.03
CA PHE H 24 -65.49 3.12 -21.48
C PHE H 24 -65.21 1.95 -22.42
N PRO H 25 -63.94 1.69 -22.77
CA PRO H 25 -62.76 2.47 -22.34
C PRO H 25 -62.48 3.68 -23.22
N ALA H 26 -61.90 4.72 -22.63
CA ALA H 26 -61.55 5.92 -23.38
C ALA H 26 -60.52 5.60 -24.46
N PRO H 27 -60.44 6.41 -25.51
CA PRO H 27 -59.44 6.18 -26.55
C PRO H 27 -58.03 6.24 -25.98
N GLY H 28 -57.25 5.20 -26.22
CA GLY H 28 -55.91 5.08 -25.70
C GLY H 28 -55.78 4.19 -24.48
N LEU H 29 -56.89 3.75 -23.90
CA LEU H 29 -56.88 2.87 -22.74
C LEU H 29 -57.57 1.55 -23.07
N ARG H 30 -57.31 0.54 -22.25
CA ARG H 30 -57.68 -0.82 -22.58
C ARG H 30 -59.04 -1.19 -22.00
N GLN H 31 -59.76 -2.04 -22.74
CA GLN H 31 -60.95 -2.69 -22.21
C GLN H 31 -60.55 -3.71 -21.15
N ILE H 32 -61.37 -3.83 -20.11
CA ILE H 32 -61.04 -4.62 -18.94
C ILE H 32 -61.87 -5.90 -18.92
N ASN H 33 -61.52 -6.78 -17.99
CA ASN H 33 -62.36 -7.90 -17.58
C ASN H 33 -62.70 -7.73 -16.11
N ARG H 34 -63.98 -7.89 -15.78
CA ARG H 34 -64.43 -7.90 -14.39
C ARG H 34 -65.06 -9.26 -14.12
N HIS H 35 -64.52 -9.97 -13.13
CA HIS H 35 -64.99 -11.30 -12.77
C HIS H 35 -65.63 -11.26 -11.39
N ILE H 36 -66.82 -11.84 -11.28
CA ILE H 36 -67.55 -11.94 -10.03
C ILE H 36 -67.75 -13.41 -9.71
N THR H 37 -67.35 -13.82 -8.52
CA THR H 37 -67.46 -15.21 -8.11
C THR H 37 -68.71 -15.43 -7.28
N GLY H 38 -69.14 -16.68 -7.21
CA GLY H 38 -70.31 -17.04 -6.44
C GLY H 38 -70.37 -18.53 -6.22
N HIS H 39 -71.52 -18.98 -5.72
CA HIS H 39 -71.74 -20.39 -5.42
C HIS H 39 -72.93 -20.89 -6.22
N ASP H 40 -72.79 -22.07 -6.82
CA ASP H 40 -73.93 -22.71 -7.47
C ASP H 40 -74.78 -23.41 -6.41
N ASP H 41 -75.88 -24.02 -6.86
CA ASP H 41 -76.78 -24.69 -5.93
C ASP H 41 -76.10 -25.81 -5.16
N ASN H 42 -75.03 -26.38 -5.70
CA ASN H 42 -74.32 -27.47 -5.03
C ASN H 42 -73.27 -26.99 -4.05
N GLY H 43 -73.00 -25.68 -3.99
CA GLY H 43 -72.01 -25.16 -3.07
C GLY H 43 -70.60 -25.12 -3.60
N LYS H 44 -70.40 -25.28 -4.90
CA LYS H 44 -69.09 -25.13 -5.50
C LYS H 44 -68.88 -23.68 -5.91
N SER H 45 -67.66 -23.19 -5.73
CA SER H 45 -67.33 -21.82 -6.12
C SER H 45 -67.20 -21.75 -7.65
N VAL H 46 -67.97 -20.83 -8.25
CA VAL H 46 -68.02 -20.69 -9.70
C VAL H 46 -67.95 -19.22 -10.08
N PHE H 47 -67.59 -18.97 -11.33
CA PHE H 47 -67.63 -17.62 -11.89
C PHE H 47 -69.05 -17.31 -12.33
N LEU H 48 -69.61 -16.21 -11.83
CA LEU H 48 -70.97 -15.84 -12.19
C LEU H 48 -71.03 -14.96 -13.42
N SER H 49 -70.01 -14.14 -13.67
CA SER H 49 -70.08 -13.19 -14.77
C SER H 49 -68.68 -12.72 -15.16
N THR H 50 -68.58 -12.24 -16.40
CA THR H 50 -67.39 -11.56 -16.91
C THR H 50 -67.87 -10.47 -17.84
N ASP H 51 -67.54 -9.21 -17.54
CA ASP H 51 -68.11 -8.09 -18.27
C ASP H 51 -67.14 -6.91 -18.22
N HIS H 52 -67.64 -5.74 -18.62
CA HIS H 52 -66.89 -4.49 -18.69
C HIS H 52 -67.12 -3.60 -17.49
N GLY H 53 -67.67 -4.14 -16.40
CA GLY H 53 -68.08 -3.32 -15.29
C GLY H 53 -69.55 -2.93 -15.38
N ASP H 54 -69.90 -1.79 -14.79
CA ASP H 54 -71.30 -1.42 -14.67
C ASP H 54 -71.40 0.08 -14.47
N HIS H 55 -72.58 0.63 -14.80
CA HIS H 55 -72.94 2.02 -14.50
C HIS H 55 -71.90 3.00 -15.06
N HIS H 56 -71.55 2.81 -16.34
CA HIS H 56 -70.65 3.76 -17.00
C HIS H 56 -71.30 5.14 -17.07
N ARG H 57 -70.51 6.17 -16.78
CA ARG H 57 -71.03 7.53 -16.69
C ARG H 57 -70.04 8.51 -17.29
N ILE H 58 -70.45 9.19 -18.37
CA ILE H 58 -69.64 10.24 -18.96
C ILE H 58 -69.59 11.44 -18.01
N MET H 59 -68.42 12.05 -17.92
CA MET H 59 -68.22 13.22 -17.06
C MET H 59 -67.73 14.38 -17.91
N GLY H 60 -68.22 15.58 -17.61
CA GLY H 60 -67.86 16.74 -18.41
C GLY H 60 -68.32 16.60 -19.84
N GLU H 61 -67.60 17.27 -20.74
CA GLU H 61 -67.92 17.26 -22.17
C GLU H 61 -67.14 16.14 -22.87
N LYS H 62 -67.54 14.91 -22.55
CA LYS H 62 -66.80 13.71 -22.97
C LYS H 62 -65.33 13.82 -22.57
N GLN H 63 -65.09 14.42 -21.39
CA GLN H 63 -63.75 14.63 -20.88
C GLN H 63 -63.25 13.47 -20.02
N ALA H 64 -64.14 12.59 -19.58
CA ALA H 64 -63.80 11.46 -18.75
C ALA H 64 -65.01 10.55 -18.68
N VAL H 65 -64.78 9.30 -18.32
CA VAL H 65 -65.84 8.31 -18.18
C VAL H 65 -65.55 7.46 -16.96
N ALA H 66 -66.57 7.25 -16.13
CA ALA H 66 -66.45 6.44 -14.92
C ALA H 66 -67.01 5.05 -15.17
N ASN H 67 -66.59 4.11 -14.32
CA ASN H 67 -66.99 2.72 -14.43
C ASN H 67 -67.07 2.14 -13.03
N ILE H 68 -68.26 1.71 -12.63
CA ILE H 68 -68.50 1.20 -11.28
C ILE H 68 -68.29 -0.31 -11.29
N LEU H 69 -67.18 -0.77 -10.70
CA LEU H 69 -66.85 -2.18 -10.74
C LEU H 69 -67.59 -2.97 -9.67
N TYR H 70 -67.95 -2.34 -8.55
CA TYR H 70 -68.81 -2.96 -7.56
C TYR H 70 -69.20 -1.92 -6.51
N SER H 71 -70.20 -2.28 -5.71
CA SER H 71 -70.59 -1.47 -4.57
C SER H 71 -71.28 -2.38 -3.55
N THR H 72 -71.19 -1.99 -2.28
CA THR H 72 -71.91 -2.65 -1.20
C THR H 72 -72.59 -1.57 -0.37
N GLN H 73 -73.67 -1.95 0.31
CA GLN H 73 -74.47 -0.99 1.05
C GLN H 73 -74.69 -1.39 2.50
N GLU H 74 -74.00 -2.42 2.98
CA GLU H 74 -74.13 -2.87 4.36
C GLU H 74 -72.79 -3.39 4.84
N THR H 75 -72.57 -3.27 6.14
CA THR H 75 -71.36 -3.80 6.79
C THR H 75 -71.79 -4.60 8.00
N PRO H 76 -71.45 -5.91 8.08
CA PRO H 76 -70.81 -6.71 7.03
C PRO H 76 -71.70 -6.94 5.80
N VAL H 77 -71.07 -7.25 4.66
CA VAL H 77 -71.79 -7.40 3.41
C VAL H 77 -72.64 -8.67 3.46
N GLN H 78 -73.87 -8.56 2.97
CA GLN H 78 -74.78 -9.70 2.90
C GLN H 78 -74.71 -10.30 1.50
N LEU H 79 -74.25 -11.55 1.41
CA LEU H 79 -74.03 -12.20 0.13
C LEU H 79 -75.02 -13.31 -0.19
N ASN H 80 -75.86 -13.72 0.75
CA ASN H 80 -76.77 -14.83 0.53
C ASN H 80 -77.92 -14.41 -0.39
N GLY H 81 -78.33 -15.34 -1.26
CA GLY H 81 -79.30 -15.02 -2.28
C GLY H 81 -78.80 -14.09 -3.35
N ASN H 82 -77.49 -13.82 -3.39
CA ASN H 82 -76.88 -12.89 -4.33
C ASN H 82 -77.53 -11.51 -4.24
N VAL H 83 -77.99 -11.12 -3.06
CA VAL H 83 -78.66 -9.84 -2.90
C VAL H 83 -77.68 -8.68 -3.05
N ASP H 84 -76.38 -8.92 -2.78
CA ASP H 84 -75.38 -7.90 -3.01
C ASP H 84 -75.21 -7.63 -4.50
N ILE H 85 -75.26 -8.68 -5.32
CA ILE H 85 -75.12 -8.52 -6.77
C ILE H 85 -76.30 -7.72 -7.32
N ASP H 86 -77.51 -8.06 -6.89
CA ASP H 86 -78.69 -7.31 -7.35
C ASP H 86 -78.66 -5.87 -6.86
N LYS H 87 -78.27 -5.66 -5.60
CA LYS H 87 -78.14 -4.31 -5.07
C LYS H 87 -77.19 -3.48 -5.93
N ALA H 88 -76.02 -4.04 -6.26
CA ALA H 88 -75.03 -3.30 -7.02
C ALA H 88 -75.50 -3.01 -8.44
N ALA H 89 -76.26 -3.94 -9.04
CA ALA H 89 -76.63 -3.81 -10.44
C ALA H 89 -77.87 -2.94 -10.65
N LYS H 90 -78.71 -2.77 -9.63
CA LYS H 90 -80.04 -2.21 -9.88
C LYS H 90 -80.05 -0.68 -9.89
N GLU H 91 -79.16 -0.04 -9.13
CA GLU H 91 -79.09 1.42 -9.11
C GLU H 91 -77.64 1.86 -9.30
N GLU H 92 -77.49 3.02 -9.94
CA GLU H 92 -76.17 3.62 -10.07
C GLU H 92 -75.78 4.25 -8.73
N PRO H 93 -74.66 3.86 -8.14
CA PRO H 93 -74.29 4.37 -6.80
C PRO H 93 -74.15 5.89 -6.82
N PRO H 94 -74.33 6.53 -5.66
CA PRO H 94 -73.94 7.93 -5.50
C PRO H 94 -72.43 8.06 -5.32
N LEU H 95 -71.96 9.23 -4.93
CA LEU H 95 -70.55 9.42 -4.62
C LEU H 95 -70.04 8.33 -3.67
N HIS H 96 -70.65 8.22 -2.48
CA HIS H 96 -70.27 7.18 -1.54
C HIS H 96 -71.51 6.61 -0.86
N TYR H 97 -71.42 5.33 -0.50
CA TYR H 97 -72.49 4.59 0.17
C TYR H 97 -72.26 4.60 1.68
N HIS H 98 -73.27 5.02 2.44
CA HIS H 98 -73.17 4.97 3.89
C HIS H 98 -73.12 3.51 4.36
N ASN H 99 -72.19 3.22 5.27
CA ASN H 99 -71.97 1.85 5.76
C ASN H 99 -71.68 0.88 4.62
N GLY H 100 -71.11 1.39 3.54
CA GLY H 100 -70.83 0.56 2.37
C GLY H 100 -69.58 0.95 1.61
N SER H 101 -69.49 0.49 0.36
CA SER H 101 -68.28 0.71 -0.42
C SER H 101 -68.67 0.90 -1.88
N ILE H 102 -67.76 1.52 -2.64
CA ILE H 102 -67.90 1.69 -4.08
C ILE H 102 -66.51 1.55 -4.69
N VAL H 103 -66.40 0.77 -5.75
CA VAL H 103 -65.18 0.67 -6.54
C VAL H 103 -65.42 1.48 -7.81
N ARG H 104 -64.78 2.64 -7.91
CA ARG H 104 -64.96 3.55 -9.04
C ARG H 104 -63.63 3.67 -9.79
N MET H 105 -63.65 3.27 -11.05
CA MET H 105 -62.51 3.42 -11.96
C MET H 105 -62.88 4.45 -13.01
N ILE H 106 -61.98 5.41 -13.24
CA ILE H 106 -62.26 6.55 -14.13
C ILE H 106 -61.14 6.69 -15.15
N ASP H 107 -61.52 6.81 -16.42
CA ASP H 107 -60.59 7.15 -17.48
C ASP H 107 -60.59 8.65 -17.70
N PHE H 108 -59.40 9.25 -17.64
CA PHE H 108 -59.22 10.69 -17.82
C PHE H 108 -58.74 10.97 -19.24
N ALA H 109 -59.36 11.95 -19.90
CA ALA H 109 -58.84 12.44 -21.16
C ALA H 109 -57.57 13.25 -20.91
N PRO H 110 -56.76 13.50 -21.95
CA PRO H 110 -55.51 14.23 -21.75
C PRO H 110 -55.69 15.56 -21.04
N ALA H 111 -54.88 15.78 -20.01
CA ALA H 111 -54.80 17.02 -19.23
C ALA H 111 -56.09 17.34 -18.48
N VAL H 112 -57.07 16.44 -18.50
CA VAL H 112 -58.31 16.66 -17.77
C VAL H 112 -58.02 16.65 -16.27
N GLU H 113 -58.67 17.54 -15.54
CA GLU H 113 -58.48 17.63 -14.11
C GLU H 113 -59.83 17.82 -13.42
N SER H 114 -60.01 17.13 -12.29
CA SER H 114 -61.22 17.27 -11.51
C SER H 114 -61.23 18.62 -10.79
N PRO H 115 -62.40 19.07 -10.35
CA PRO H 115 -62.45 20.28 -9.54
C PRO H 115 -61.87 20.03 -8.14
N LEU H 116 -61.53 21.12 -7.47
CA LEU H 116 -61.20 21.04 -6.06
C LEU H 116 -62.47 20.72 -5.29
N HIS H 117 -62.45 19.64 -4.51
CA HIS H 117 -63.66 19.14 -3.88
C HIS H 117 -63.30 18.28 -2.69
N ARG H 118 -64.32 17.92 -1.91
CA ARG H 118 -64.15 17.04 -0.77
C ARG H 118 -65.36 16.12 -0.65
N ALA H 119 -65.13 14.82 -0.77
CA ALA H 119 -66.10 13.83 -0.34
C ALA H 119 -65.79 13.44 1.10
N VAL H 120 -66.84 13.31 1.90
CA VAL H 120 -66.65 12.82 3.25
C VAL H 120 -66.59 11.30 3.17
N SER H 121 -65.40 10.79 2.86
CA SER H 121 -65.15 9.37 2.71
C SER H 121 -63.65 9.16 2.87
N ILE H 122 -63.26 7.92 3.12
CA ILE H 122 -61.85 7.53 3.08
C ILE H 122 -61.65 6.69 1.83
N ASP H 123 -60.83 7.19 0.91
CA ASP H 123 -60.69 6.62 -0.42
C ASP H 123 -59.31 5.99 -0.58
N TYR H 124 -59.29 4.71 -0.93
CA TYR H 124 -58.07 4.04 -1.36
C TYR H 124 -57.98 4.17 -2.89
N GLY H 125 -56.97 4.88 -3.36
CA GLY H 125 -56.78 5.10 -4.79
C GLY H 125 -55.49 4.50 -5.28
N ILE H 126 -55.52 3.92 -6.47
CA ILE H 126 -54.33 3.38 -7.12
C ILE H 126 -54.31 3.87 -8.57
N VAL H 127 -53.12 4.21 -9.05
CA VAL H 127 -52.94 4.60 -10.45
C VAL H 127 -52.89 3.33 -11.29
N VAL H 128 -53.90 3.13 -12.14
CA VAL H 128 -53.93 1.95 -12.99
C VAL H 128 -53.10 2.16 -14.24
N GLU H 129 -53.15 3.37 -14.82
CA GLU H 129 -52.33 3.69 -15.98
C GLU H 129 -52.12 5.20 -16.03
N GLY H 130 -50.94 5.59 -16.47
CA GLY H 130 -50.62 7.00 -16.61
C GLY H 130 -49.92 7.58 -15.40
N VAL H 131 -49.91 8.90 -15.36
CA VAL H 131 -49.29 9.66 -14.28
C VAL H 131 -50.27 10.75 -13.86
N PHE H 132 -50.60 10.78 -12.56
CA PHE H 132 -51.53 11.74 -12.03
C PHE H 132 -50.87 12.60 -10.96
N LYS H 133 -51.33 13.83 -10.84
CA LYS H 133 -50.91 14.75 -9.79
C LYS H 133 -52.07 14.92 -8.81
N LEU H 134 -51.80 14.68 -7.54
CA LEU H 134 -52.78 14.86 -6.47
C LEU H 134 -52.48 16.18 -5.76
N VAL H 135 -53.41 17.13 -5.84
CA VAL H 135 -53.25 18.44 -5.23
C VAL H 135 -54.29 18.58 -4.12
N LEU H 136 -53.89 19.22 -3.02
CA LEU H 136 -54.78 19.49 -1.91
C LEU H 136 -54.95 21.00 -1.76
N ASP H 137 -55.99 21.39 -1.01
CA ASP H 137 -56.31 22.81 -0.89
C ASP H 137 -55.21 23.61 -0.20
N SER H 138 -54.24 22.95 0.42
CA SER H 138 -53.07 23.63 0.96
C SER H 138 -52.05 23.99 -0.12
N GLY H 139 -52.25 23.53 -1.35
CA GLY H 139 -51.26 23.65 -2.39
C GLY H 139 -50.30 22.48 -2.48
N GLU H 140 -50.15 21.72 -1.39
CA GLU H 140 -49.28 20.55 -1.41
C GLU H 140 -49.72 19.57 -2.50
N GLU H 141 -48.74 18.89 -3.09
CA GLU H 141 -49.03 18.00 -4.21
C GLU H 141 -48.07 16.82 -4.19
N ARG H 142 -48.54 15.70 -4.76
CA ARG H 142 -47.71 14.53 -4.99
C ARG H 142 -47.98 14.03 -6.40
N ILE H 143 -46.93 13.64 -7.10
CA ILE H 143 -47.05 13.04 -8.42
C ILE H 143 -47.07 11.52 -8.25
N MET H 144 -48.16 10.90 -8.67
CA MET H 144 -48.34 9.46 -8.53
C MET H 144 -48.23 8.80 -9.90
N ARG H 145 -47.42 7.74 -9.98
CA ARG H 145 -47.25 6.95 -11.18
C ARG H 145 -47.96 5.61 -11.00
N GLN H 146 -47.89 4.77 -12.03
CA GLN H 146 -48.65 3.53 -12.02
C GLN H 146 -48.21 2.63 -10.87
N GLY H 147 -49.19 2.08 -10.14
CA GLY H 147 -48.93 1.30 -8.97
C GLY H 147 -48.86 2.08 -7.67
N ASP H 148 -48.73 3.40 -7.74
CA ASP H 148 -48.73 4.22 -6.54
C ASP H 148 -50.14 4.30 -5.93
N VAL H 149 -50.19 4.41 -4.60
CA VAL H 149 -51.43 4.27 -3.85
C VAL H 149 -51.56 5.43 -2.88
N SER H 150 -52.79 5.95 -2.75
CA SER H 150 -53.08 7.07 -1.86
C SER H 150 -54.25 6.72 -0.94
N VAL H 151 -54.17 7.20 0.29
CA VAL H 151 -55.24 7.04 1.28
C VAL H 151 -55.82 8.43 1.52
N GLN H 152 -56.91 8.75 0.83
CA GLN H 152 -57.54 10.06 0.90
C GLN H 152 -58.50 10.08 2.08
N ARG H 153 -58.10 10.76 3.16
CA ARG H 153 -58.89 10.76 4.40
C ARG H 153 -59.77 12.01 4.47
N ALA H 154 -60.77 12.03 3.59
CA ALA H 154 -61.80 13.07 3.56
C ALA H 154 -61.20 14.46 3.43
N THR H 155 -60.16 14.57 2.61
CA THR H 155 -59.45 15.82 2.41
C THR H 155 -59.89 16.51 1.12
N ALA H 156 -59.74 17.82 1.08
CA ALA H 156 -60.08 18.60 -0.09
C ALA H 156 -58.96 18.50 -1.12
N HIS H 157 -59.31 18.13 -2.35
CA HIS H 157 -58.31 17.75 -3.32
C HIS H 157 -58.84 17.89 -4.74
N LYS H 158 -57.91 17.85 -5.69
CA LYS H 158 -58.22 17.72 -7.11
C LYS H 158 -57.26 16.71 -7.71
N TRP H 159 -57.74 15.98 -8.73
CA TRP H 159 -56.93 15.04 -9.47
C TRP H 159 -56.64 15.60 -10.85
N ILE H 160 -55.38 15.50 -11.28
CA ILE H 160 -54.94 16.09 -12.54
C ILE H 160 -54.22 15.03 -13.35
N ASN H 161 -54.77 14.68 -14.49
CA ASN H 161 -54.08 13.78 -15.42
C ASN H 161 -52.96 14.55 -16.12
N ILE H 162 -51.72 14.09 -15.93
CA ILE H 162 -50.56 14.72 -16.55
C ILE H 162 -49.78 13.74 -17.42
N THR H 163 -50.38 12.60 -17.77
CA THR H 163 -49.68 11.57 -18.51
C THR H 163 -49.09 12.10 -19.81
N ASP H 164 -47.81 11.81 -20.04
CA ASP H 164 -47.06 12.25 -21.21
C ASP H 164 -47.27 13.74 -21.49
N ASN H 165 -46.93 14.55 -20.48
CA ASN H 165 -46.94 16.01 -20.59
C ASN H 165 -48.31 16.53 -21.03
N GLY H 166 -49.36 15.85 -20.59
CA GLY H 166 -50.71 16.26 -20.88
C GLY H 166 -51.28 15.79 -22.20
N THR H 167 -50.62 14.85 -22.88
CA THR H 167 -51.07 14.38 -24.19
C THR H 167 -51.67 12.98 -24.16
N ALA H 168 -51.73 12.32 -23.01
CA ALA H 168 -52.14 10.94 -22.95
C ALA H 168 -53.27 10.73 -21.98
N PRO H 169 -54.11 9.72 -22.19
CA PRO H 169 -55.15 9.39 -21.21
C PRO H 169 -54.58 8.63 -20.02
N GLY H 170 -55.34 8.64 -18.93
CA GLY H 170 -54.94 7.96 -17.72
C GLY H 170 -56.13 7.31 -17.05
N ARG H 171 -55.83 6.37 -16.15
CA ARG H 171 -56.86 5.59 -15.47
C ARG H 171 -56.55 5.51 -13.98
N MET H 172 -57.55 5.83 -13.16
CA MET H 172 -57.47 5.70 -11.72
C MET H 172 -58.55 4.75 -11.23
N MET H 173 -58.30 4.11 -10.09
CA MET H 173 -59.30 3.29 -9.42
C MET H 173 -59.34 3.64 -7.94
N TRP H 174 -60.53 3.91 -7.42
CA TRP H 174 -60.74 4.25 -6.02
C TRP H 174 -61.66 3.22 -5.38
N ILE H 175 -61.40 2.91 -4.12
CA ILE H 175 -62.34 2.22 -3.25
C ILE H 175 -62.72 3.18 -2.14
N LEU H 176 -63.96 3.65 -2.17
CA LEU H 176 -64.44 4.66 -1.23
C LEU H 176 -65.20 3.98 -0.10
N LEU H 177 -64.77 4.20 1.13
CA LEU H 177 -65.42 3.67 2.31
C LEU H 177 -66.00 4.81 3.14
N ASP H 178 -67.01 4.48 3.96
CA ASP H 178 -67.73 5.50 4.71
C ASP H 178 -66.91 5.92 5.91
N CYS H 179 -66.77 7.22 6.11
CA CYS H 179 -66.06 7.73 7.26
C CYS H 179 -66.94 8.73 8.01
N HIS H 180 -66.52 9.04 9.23
CA HIS H 180 -67.20 10.08 9.97
C HIS H 180 -66.69 11.45 9.52
N ASP H 181 -67.42 12.48 9.92
CA ASP H 181 -67.04 13.84 9.58
C ASP H 181 -65.74 14.22 10.28
N VAL H 182 -64.90 14.96 9.58
CA VAL H 182 -63.68 15.50 10.15
C VAL H 182 -64.00 16.84 10.79
N VAL H 183 -63.73 16.97 12.08
CA VAL H 183 -63.97 18.20 12.82
C VAL H 183 -62.62 18.72 13.29
N VAL H 184 -62.29 19.94 12.84
CA VAL H 184 -61.02 20.59 13.17
C VAL H 184 -61.33 21.91 13.82
N ASN H 185 -60.75 22.14 15.00
CA ASN H 185 -60.90 23.40 15.73
C ASN H 185 -62.37 23.71 16.01
N GLY H 186 -63.21 22.69 16.05
CA GLY H 186 -64.63 22.87 16.31
C GLY H 186 -65.50 23.03 15.09
N GLN H 187 -64.97 22.82 13.89
CA GLN H 187 -65.73 23.06 12.67
C GLN H 187 -65.73 21.82 11.78
N VAL H 188 -66.92 21.44 11.31
CA VAL H 188 -67.07 20.29 10.43
C VAL H 188 -66.42 20.61 9.09
N MET H 189 -65.45 19.79 8.69
CA MET H 189 -64.86 19.93 7.37
C MET H 189 -65.87 19.44 6.34
N GLU H 190 -66.72 20.35 5.87
CA GLU H 190 -67.90 19.97 5.10
C GLU H 190 -67.53 19.49 3.71
N GLY H 191 -68.33 18.58 3.19
CA GLY H 191 -68.17 18.18 1.81
C GLY H 191 -68.65 19.25 0.85
N TYR H 192 -68.04 19.27 -0.34
CA TYR H 192 -68.46 20.19 -1.38
C TYR H 192 -67.96 19.66 -2.72
N LEU H 193 -68.67 20.02 -3.78
CA LEU H 193 -68.38 19.54 -5.12
C LEU H 193 -67.63 20.54 -5.99
N GLY H 194 -67.53 21.80 -5.57
CA GLY H 194 -66.90 22.81 -6.40
C GLY H 194 -67.62 22.93 -7.73
N ASP H 195 -66.83 23.00 -8.80
CA ASP H 195 -67.40 22.97 -10.14
C ASP H 195 -67.94 21.57 -10.44
N VAL I 13 -9.11 31.66 35.37
CA VAL I 13 -8.06 30.76 34.91
C VAL I 13 -8.64 29.81 33.86
N LEU I 14 -7.77 29.02 33.25
CA LEU I 14 -8.18 27.94 32.35
C LEU I 14 -8.40 26.68 33.20
N PRO I 15 -9.61 26.12 33.22
CA PRO I 15 -9.88 25.00 34.13
C PRO I 15 -9.16 23.74 33.70
N GLY I 16 -8.58 23.04 34.67
CA GLY I 16 -7.94 21.76 34.40
C GLY I 16 -6.83 21.83 33.36
N LEU I 17 -6.01 22.87 33.41
CA LEU I 17 -4.93 23.03 32.44
C LEU I 17 -3.95 21.88 32.53
N ASN I 18 -3.78 21.16 31.43
CA ASN I 18 -2.82 20.06 31.31
C ASN I 18 -3.14 18.90 32.25
N TYR I 19 -4.42 18.71 32.58
CA TYR I 19 -4.79 17.68 33.53
C TYR I 19 -4.81 16.29 32.90
N VAL I 20 -5.27 16.19 31.65
CA VAL I 20 -5.29 14.91 30.94
C VAL I 20 -3.89 14.65 30.41
N HIS I 21 -3.07 13.98 31.20
CA HIS I 21 -1.67 13.76 30.86
C HIS I 21 -1.43 12.42 30.17
N SER I 22 -2.45 11.56 30.06
CA SER I 22 -2.26 10.23 29.48
C SER I 22 -3.44 9.84 28.59
N GLY I 23 -4.08 10.81 27.94
CA GLY I 23 -5.21 10.49 27.11
C GLY I 23 -6.36 9.90 27.92
N PHE I 24 -7.04 8.93 27.32
CA PHE I 24 -8.17 8.28 27.98
C PHE I 24 -7.67 7.05 28.74
N PRO I 25 -8.09 6.85 30.00
CA PRO I 25 -8.99 7.71 30.76
C PRO I 25 -8.27 8.86 31.48
N ALA I 26 -9.01 9.95 31.74
CA ALA I 26 -8.46 11.05 32.50
C ALA I 26 -8.09 10.60 33.91
N PRO I 27 -7.10 11.22 34.52
CA PRO I 27 -6.72 10.84 35.90
C PRO I 27 -7.91 10.95 36.84
N GLY I 28 -8.10 9.91 37.65
CA GLY I 28 -9.22 9.84 38.55
C GLY I 28 -10.44 9.14 38.00
N LEU I 29 -10.42 8.75 36.74
CA LEU I 29 -11.51 8.00 36.12
C LEU I 29 -11.00 6.66 35.63
N ARG I 30 -11.93 5.76 35.33
CA ARG I 30 -11.62 4.35 35.11
C ARG I 30 -11.42 4.04 33.63
N GLN I 31 -10.45 3.18 33.35
CA GLN I 31 -10.38 2.54 32.06
C GLN I 31 -11.61 1.67 31.86
N ILE I 32 -12.13 1.64 30.64
CA ILE I 32 -13.38 0.96 30.35
C ILE I 32 -13.11 -0.32 29.57
N ASN I 33 -14.15 -1.12 29.42
CA ASN I 33 -14.21 -2.24 28.47
C ASN I 33 -15.32 -1.95 27.47
N ARG I 34 -14.99 -1.96 26.18
CA ARG I 34 -16.00 -1.91 25.12
C ARG I 34 -16.00 -3.23 24.39
N HIS I 35 -17.14 -3.92 24.39
CA HIS I 35 -17.29 -5.20 23.72
C HIS I 35 -18.14 -5.03 22.47
N ILE I 36 -17.74 -5.71 21.40
CA ILE I 36 -18.46 -5.72 20.14
C ILE I 36 -18.79 -7.15 19.78
N THR I 37 -20.07 -7.43 19.53
CA THR I 37 -20.51 -8.76 19.17
C THR I 37 -20.61 -8.88 17.65
N GLY I 38 -20.81 -10.12 17.22
CA GLY I 38 -20.94 -10.42 15.81
C GLY I 38 -21.15 -11.91 15.64
N HIS I 39 -21.17 -12.33 14.37
CA HIS I 39 -21.41 -13.73 14.04
C HIS I 39 -20.18 -14.31 13.37
N ASP I 40 -19.85 -15.55 13.72
CA ASP I 40 -18.79 -16.27 13.04
C ASP I 40 -19.37 -16.95 11.79
N ASP I 41 -18.52 -17.68 11.06
CA ASP I 41 -18.92 -18.25 9.78
C ASP I 41 -19.98 -19.34 9.91
N ASN I 42 -20.27 -19.82 11.13
CA ASN I 42 -21.29 -20.82 11.33
C ASN I 42 -22.56 -20.23 11.95
N GLY I 43 -22.64 -18.91 12.05
CA GLY I 43 -23.83 -18.25 12.55
C GLY I 43 -23.91 -18.05 14.04
N LYS I 44 -22.93 -18.56 14.79
CA LYS I 44 -22.92 -18.37 16.24
C LYS I 44 -22.52 -16.96 16.59
N SER I 45 -23.23 -16.37 17.56
CA SER I 45 -22.88 -15.07 18.08
C SER I 45 -21.64 -15.18 18.97
N VAL I 46 -20.59 -14.45 18.63
CA VAL I 46 -19.35 -14.44 19.40
C VAL I 46 -18.99 -12.99 19.71
N PHE I 47 -18.01 -12.84 20.60
CA PHE I 47 -17.44 -11.53 20.87
C PHE I 47 -16.31 -11.27 19.88
N LEU I 48 -16.39 -10.17 19.16
CA LEU I 48 -15.39 -9.85 18.17
C LEU I 48 -14.22 -9.06 18.74
N SER I 49 -14.47 -8.21 19.74
CA SER I 49 -13.40 -7.40 20.29
C SER I 49 -13.76 -6.93 21.69
N THR I 50 -12.72 -6.71 22.50
CA THR I 50 -12.84 -6.07 23.80
C THR I 50 -11.67 -5.12 23.93
N ASP I 51 -11.96 -3.82 24.03
CA ASP I 51 -10.92 -2.81 23.97
C ASP I 51 -11.38 -1.56 24.73
N HIS I 52 -10.65 -0.46 24.51
CA HIS I 52 -10.87 0.79 25.24
C HIS I 52 -11.63 1.82 24.41
N GLY I 53 -12.31 1.40 23.35
CA GLY I 53 -12.94 2.34 22.46
C GLY I 53 -12.06 2.69 21.27
N ASP I 54 -12.22 3.89 20.73
CA ASP I 54 -11.55 4.25 19.48
C ASP I 54 -11.52 5.76 19.34
N HIS I 55 -10.62 6.23 18.48
CA HIS I 55 -10.57 7.64 18.07
C HIS I 55 -10.49 8.58 19.27
N HIS I 56 -9.55 8.30 20.16
CA HIS I 56 -9.33 9.18 21.30
C HIS I 56 -8.82 10.53 20.84
N ARG I 57 -9.39 11.60 21.40
CA ARG I 57 -9.04 12.95 20.98
C ARG I 57 -8.93 13.84 22.21
N ILE I 58 -7.71 14.28 22.53
CA ILE I 58 -7.53 15.35 23.50
C ILE I 58 -8.31 16.58 23.03
N MET I 59 -8.93 17.27 23.98
CA MET I 59 -9.66 18.50 23.69
C MET I 59 -9.14 19.61 24.56
N GLY I 60 -9.00 20.81 23.98
CA GLY I 60 -8.48 21.93 24.73
C GLY I 60 -7.02 21.74 25.09
N GLU I 61 -6.61 22.38 26.17
CA GLU I 61 -5.23 22.32 26.65
C GLU I 61 -5.03 21.11 27.56
N LYS I 62 -5.26 19.94 26.98
CA LYS I 62 -5.35 18.69 27.73
C LYS I 62 -6.34 18.84 28.89
N GLN I 63 -7.50 19.44 28.57
CA GLN I 63 -8.56 19.69 29.53
C GLN I 63 -9.66 18.64 29.46
N ALA I 64 -9.69 17.83 28.41
CA ALA I 64 -10.68 16.78 28.23
C ALA I 64 -10.18 15.84 27.15
N VAL I 65 -10.80 14.67 27.08
CA VAL I 65 -10.46 13.68 26.06
C VAL I 65 -11.75 12.96 25.66
N ALA I 66 -11.95 12.82 24.35
CA ALA I 66 -13.13 12.15 23.82
C ALA I 66 -12.77 10.72 23.41
N ASN I 67 -13.78 9.85 23.43
CA ASN I 67 -13.60 8.44 23.11
C ASN I 67 -14.84 7.99 22.34
N ILE I 68 -14.65 7.65 21.07
CA ILE I 68 -15.76 7.28 20.20
C ILE I 68 -16.01 5.77 20.38
N LEU I 69 -17.12 5.43 21.01
CA LEU I 69 -17.42 4.02 21.27
C LEU I 69 -17.98 3.34 20.04
N TYR I 70 -18.81 4.03 19.25
CA TYR I 70 -19.28 3.50 17.98
C TYR I 70 -19.85 4.63 17.14
N SER I 71 -20.02 4.34 15.86
CA SER I 71 -20.67 5.25 14.93
C SER I 71 -21.31 4.42 13.81
N THR I 72 -22.38 4.97 13.24
CA THR I 72 -23.05 4.38 12.10
C THR I 72 -23.40 5.49 11.12
N GLN I 73 -23.47 5.14 9.83
CA GLN I 73 -23.62 6.14 8.78
C GLN I 73 -24.81 5.90 7.87
N GLU I 74 -25.75 5.03 8.26
CA GLU I 74 -26.96 4.83 7.47
C GLU I 74 -28.03 4.21 8.36
N THR I 75 -29.29 4.42 7.98
CA THR I 75 -30.42 3.85 8.69
C THR I 75 -31.33 3.15 7.68
N PRO I 76 -31.67 1.86 7.91
CA PRO I 76 -31.14 1.04 9.00
C PRO I 76 -29.67 0.67 8.80
N VAL I 77 -28.99 0.35 9.91
CA VAL I 77 -27.57 0.03 9.86
C VAL I 77 -27.35 -1.28 9.10
N GLN I 78 -26.32 -1.29 8.26
CA GLN I 78 -25.93 -2.48 7.52
C GLN I 78 -24.81 -3.18 8.26
N LEU I 79 -25.06 -4.42 8.70
CA LEU I 79 -24.09 -5.18 9.47
C LEU I 79 -23.35 -6.23 8.68
N ASN I 80 -23.86 -6.63 7.51
CA ASN I 80 -23.30 -7.77 6.79
C ASN I 80 -21.91 -7.45 6.28
N GLY I 81 -21.04 -8.47 6.30
CA GLY I 81 -19.64 -8.27 5.98
C GLY I 81 -18.87 -7.47 6.99
N ASN I 82 -19.49 -7.15 8.13
CA ASN I 82 -18.88 -6.32 9.18
C ASN I 82 -18.44 -4.96 8.66
N VAL I 83 -19.10 -4.44 7.61
CA VAL I 83 -18.71 -3.16 7.05
C VAL I 83 -19.01 -2.01 7.99
N ASP I 84 -19.98 -2.18 8.91
CA ASP I 84 -20.20 -1.14 9.91
C ASP I 84 -19.01 -1.04 10.86
N ILE I 85 -18.43 -2.18 11.25
CA ILE I 85 -17.22 -2.16 12.06
C ILE I 85 -16.10 -1.44 11.32
N ASP I 86 -15.95 -1.72 10.01
CA ASP I 86 -14.89 -1.09 9.24
C ASP I 86 -15.11 0.40 9.09
N LYS I 87 -16.36 0.83 8.88
CA LYS I 87 -16.64 2.26 8.78
C LYS I 87 -16.36 2.98 10.10
N ALA I 88 -16.70 2.35 11.22
CA ALA I 88 -16.49 2.98 12.52
C ALA I 88 -15.00 3.11 12.84
N ALA I 89 -14.19 2.13 12.43
CA ALA I 89 -12.79 2.07 12.84
C ALA I 89 -11.85 2.81 11.90
N LYS I 90 -12.24 3.09 10.66
CA LYS I 90 -11.30 3.57 9.66
C LYS I 90 -11.19 5.09 9.59
N GLU I 91 -12.12 5.84 10.19
CA GLU I 91 -12.09 7.29 10.14
C GLU I 91 -12.64 7.86 11.44
N GLU I 92 -11.99 8.89 11.95
CA GLU I 92 -12.56 9.61 13.09
C GLU I 92 -13.85 10.30 12.65
N PRO I 93 -14.96 10.07 13.33
CA PRO I 93 -16.23 10.65 12.89
C PRO I 93 -16.30 12.14 13.14
N PRO I 94 -17.15 12.86 12.41
CA PRO I 94 -17.40 14.28 12.71
C PRO I 94 -18.30 14.44 13.92
N LEU I 95 -18.77 15.68 14.17
CA LEU I 95 -19.69 15.92 15.29
C LEU I 95 -20.87 14.95 15.27
N HIS I 96 -21.54 14.82 14.12
CA HIS I 96 -22.57 13.81 13.98
C HIS I 96 -22.61 13.34 12.53
N TYR I 97 -23.17 12.14 12.34
CA TYR I 97 -23.30 11.52 11.03
C TYR I 97 -24.75 11.68 10.55
N HIS I 98 -24.92 12.15 9.32
CA HIS I 98 -26.25 12.23 8.74
C HIS I 98 -26.81 10.84 8.53
N ASN I 99 -28.09 10.67 8.86
CA ASN I 99 -28.79 9.38 8.81
C ASN I 99 -28.09 8.31 9.64
N GLY I 100 -27.29 8.72 10.63
CA GLY I 100 -26.53 7.77 11.42
C GLY I 100 -26.43 8.15 12.89
N SER I 101 -25.48 7.54 13.60
CA SER I 101 -25.36 7.72 15.04
C SER I 101 -23.88 7.80 15.42
N ILE I 102 -23.63 8.38 16.59
CA ILE I 102 -22.30 8.45 17.18
C ILE I 102 -22.43 8.28 18.69
N VAL I 103 -21.60 7.44 19.28
CA VAL I 103 -21.54 7.28 20.72
C VAL I 103 -20.23 7.88 21.20
N ARG I 104 -20.30 9.06 21.82
CA ARG I 104 -19.13 9.82 22.21
C ARG I 104 -19.07 9.92 23.73
N MET I 105 -17.96 9.45 24.30
CA MET I 105 -17.69 9.55 25.72
C MET I 105 -16.58 10.57 25.93
N ILE I 106 -16.76 11.47 26.90
CA ILE I 106 -15.79 12.53 27.15
C ILE I 106 -15.49 12.59 28.64
N ASP I 107 -14.21 12.48 28.98
CA ASP I 107 -13.72 12.74 30.33
C ASP I 107 -13.41 14.22 30.47
N PHE I 108 -13.97 14.85 31.50
CA PHE I 108 -13.72 16.27 31.79
C PHE I 108 -12.72 16.39 32.93
N ALA I 109 -11.73 17.26 32.76
CA ALA I 109 -10.91 17.65 33.88
C ALA I 109 -11.74 18.49 34.86
N PRO I 110 -11.29 18.66 36.10
CA PRO I 110 -12.08 19.42 37.08
C PRO I 110 -12.45 20.80 36.58
N ALA I 111 -13.73 21.16 36.75
CA ALA I 111 -14.31 22.47 36.42
C ALA I 111 -14.29 22.78 34.93
N VAL I 112 -13.93 21.82 34.08
CA VAL I 112 -13.86 22.07 32.64
C VAL I 112 -15.27 22.32 32.10
N GLU I 113 -15.38 23.26 31.18
CA GLU I 113 -16.66 23.81 30.75
C GLU I 113 -16.70 23.84 29.23
N SER I 114 -17.80 23.33 28.67
CA SER I 114 -17.94 23.36 27.22
C SER I 114 -18.28 24.77 26.75
N PRO I 115 -17.86 25.12 25.53
CA PRO I 115 -18.36 26.36 24.93
C PRO I 115 -19.85 26.26 24.67
N LEU I 116 -20.54 27.39 24.76
CA LEU I 116 -21.94 27.43 24.35
C LEU I 116 -22.01 27.18 22.85
N HIS I 117 -22.77 26.13 22.47
CA HIS I 117 -22.79 25.69 21.09
C HIS I 117 -24.11 24.99 20.82
N ARG I 118 -24.46 24.90 19.54
CA ARG I 118 -25.59 24.11 19.09
C ARG I 118 -25.16 23.20 17.96
N ALA I 119 -25.45 21.91 18.10
CA ALA I 119 -25.37 20.96 17.01
C ALA I 119 -26.78 20.64 16.55
N VAL I 120 -26.97 20.50 15.23
CA VAL I 120 -28.29 20.16 14.69
C VAL I 120 -28.35 18.64 14.71
N SER I 121 -28.68 18.11 15.88
CA SER I 121 -28.84 16.69 16.13
C SER I 121 -29.69 16.54 17.37
N ILE I 122 -30.17 15.34 17.62
CA ILE I 122 -30.84 15.01 18.88
C ILE I 122 -29.90 14.11 19.67
N ASP I 123 -29.58 14.53 20.89
CA ASP I 123 -28.56 13.88 21.70
C ASP I 123 -29.20 13.21 22.91
N TYR I 124 -28.92 11.92 23.09
CA TYR I 124 -29.19 11.23 24.34
C TYR I 124 -27.92 11.26 25.19
N GLY I 125 -28.01 11.83 26.37
CA GLY I 125 -26.85 12.00 27.23
C GLY I 125 -27.09 11.42 28.62
N ILE I 126 -26.05 10.77 29.15
CA ILE I 126 -26.11 10.20 30.49
C ILE I 126 -24.80 10.50 31.22
N VAL I 127 -24.93 10.96 32.46
CA VAL I 127 -23.76 11.11 33.33
C VAL I 127 -23.28 9.73 33.77
N VAL I 128 -22.04 9.40 33.42
CA VAL I 128 -21.46 8.13 33.84
C VAL I 128 -20.72 8.27 35.17
N GLU I 129 -20.03 9.39 35.38
CA GLU I 129 -19.41 9.67 36.65
C GLU I 129 -19.41 11.18 36.88
N GLY I 130 -19.64 11.59 38.12
CA GLY I 130 -19.53 12.97 38.51
C GLY I 130 -20.86 13.70 38.53
N VAL I 131 -20.76 15.03 38.51
CA VAL I 131 -21.91 15.92 38.53
C VAL I 131 -21.69 17.00 37.49
N PHE I 132 -22.67 17.20 36.61
CA PHE I 132 -22.58 18.18 35.55
C PHE I 132 -23.74 19.16 35.62
N LYS I 133 -23.51 20.36 35.12
CA LYS I 133 -24.53 21.39 35.00
C LYS I 133 -24.77 21.66 33.51
N LEU I 134 -26.00 21.40 33.06
CA LEU I 134 -26.38 21.64 31.67
C LEU I 134 -27.06 23.00 31.59
N VAL I 135 -26.44 23.93 30.87
CA VAL I 135 -26.92 25.31 30.76
C VAL I 135 -27.31 25.59 29.32
N LEU I 136 -28.54 26.05 29.12
CA LEU I 136 -29.05 26.41 27.80
C LEU I 136 -28.91 27.92 27.59
N ASP I 137 -29.08 28.34 26.32
CA ASP I 137 -28.82 29.74 25.99
C ASP I 137 -29.80 30.70 26.66
N SER I 138 -30.97 30.21 27.08
CA SER I 138 -31.88 31.05 27.85
C SER I 138 -31.34 31.39 29.23
N GLY I 139 -30.35 30.64 29.72
CA GLY I 139 -29.89 30.76 31.08
C GLY I 139 -30.47 29.73 32.02
N GLU I 140 -31.47 28.97 31.57
CA GLU I 140 -31.97 27.86 32.38
C GLU I 140 -30.89 26.81 32.53
N GLU I 141 -30.87 26.16 33.70
CA GLU I 141 -29.88 25.13 33.97
C GLU I 141 -30.53 23.99 34.74
N ARG I 142 -29.95 22.80 34.59
CA ARG I 142 -30.29 21.64 35.40
C ARG I 142 -28.98 20.98 35.83
N ILE I 143 -28.94 20.54 37.08
CA ILE I 143 -27.79 19.82 37.60
C ILE I 143 -28.06 18.33 37.44
N MET I 144 -27.17 17.63 36.75
CA MET I 144 -27.34 16.22 36.44
C MET I 144 -26.31 15.41 37.22
N ARG I 145 -26.79 14.53 38.07
CA ARG I 145 -25.95 13.58 38.80
C ARG I 145 -25.92 12.25 38.04
N GLN I 146 -25.04 11.36 38.49
CA GLN I 146 -24.78 10.12 37.75
C GLN I 146 -26.06 9.32 37.54
N GLY I 147 -26.21 8.76 36.34
CA GLY I 147 -27.40 8.03 35.98
C GLY I 147 -28.54 8.88 35.43
N ASP I 148 -28.44 10.21 35.54
CA ASP I 148 -29.45 11.08 34.96
C ASP I 148 -29.28 11.15 33.45
N VAL I 149 -30.38 11.47 32.77
CA VAL I 149 -30.44 11.40 31.31
C VAL I 149 -31.06 12.68 30.77
N SER I 150 -30.40 13.27 29.78
CA SER I 150 -30.89 14.46 29.08
C SER I 150 -31.17 14.09 27.63
N VAL I 151 -32.24 14.67 27.09
CA VAL I 151 -32.59 14.52 25.68
C VAL I 151 -32.42 15.90 25.05
N GLN I 152 -31.26 16.14 24.43
CA GLN I 152 -30.94 17.43 23.83
C GLN I 152 -31.55 17.49 22.44
N ARG I 153 -32.59 18.29 22.26
CA ARG I 153 -33.28 18.39 20.98
C ARG I 153 -32.78 19.61 20.19
N ALA I 154 -31.56 19.46 19.68
CA ALA I 154 -30.92 20.46 18.82
C ALA I 154 -30.86 21.84 19.47
N THR I 155 -30.75 21.88 20.79
CA THR I 155 -30.78 23.13 21.53
C THR I 155 -29.37 23.67 21.74
N ALA I 156 -29.28 24.99 21.92
CA ALA I 156 -28.02 25.65 22.21
C ALA I 156 -27.71 25.49 23.70
N HIS I 157 -26.56 24.91 24.02
CA HIS I 157 -26.32 24.44 25.38
C HIS I 157 -24.84 24.53 25.72
N LYS I 158 -24.53 24.16 26.96
CA LYS I 158 -23.20 24.24 27.53
C LYS I 158 -23.11 23.24 28.67
N TRP I 159 -22.07 22.41 28.68
CA TRP I 159 -21.85 21.43 29.72
C TRP I 159 -20.73 21.90 30.64
N ILE I 160 -20.99 21.86 31.95
CA ILE I 160 -20.01 22.28 32.96
C ILE I 160 -19.84 21.13 33.93
N ASN I 161 -18.61 20.66 34.09
CA ASN I 161 -18.28 19.66 35.10
C ASN I 161 -18.14 20.37 36.45
N ILE I 162 -19.04 20.06 37.38
CA ILE I 162 -19.02 20.68 38.70
C ILE I 162 -18.79 19.64 39.80
N THR I 163 -18.18 18.51 39.45
CA THR I 163 -17.97 17.43 40.41
C THR I 163 -17.09 17.88 41.57
N ASP I 164 -17.51 17.54 42.78
CA ASP I 164 -16.83 17.88 44.02
C ASP I 164 -16.40 19.35 44.02
N ASN I 165 -17.36 20.23 43.79
CA ASN I 165 -17.16 21.67 43.83
C ASN I 165 -16.05 22.10 42.86
N GLY I 166 -15.99 21.45 41.70
CA GLY I 166 -15.05 21.83 40.67
C GLY I 166 -13.66 21.26 40.80
N THR I 167 -13.47 20.27 41.66
CA THR I 167 -12.13 19.72 41.92
C THR I 167 -11.96 18.27 41.50
N ALA I 168 -12.97 17.67 40.85
CA ALA I 168 -12.92 16.28 40.47
C ALA I 168 -13.28 16.11 39.00
N PRO I 169 -12.73 15.10 38.33
CA PRO I 169 -13.11 14.84 36.94
C PRO I 169 -14.47 14.18 36.84
N GLY I 170 -15.08 14.34 35.67
CA GLY I 170 -16.37 13.73 35.39
C GLY I 170 -16.39 13.14 34.00
N ARG I 171 -17.36 12.25 33.79
CA ARG I 171 -17.49 11.52 32.54
C ARG I 171 -18.92 11.57 32.04
N MET I 172 -19.10 11.90 30.77
CA MET I 172 -20.40 11.92 30.12
C MET I 172 -20.37 11.00 28.91
N MET I 173 -21.53 10.43 28.57
CA MET I 173 -21.71 9.70 27.33
C MET I 173 -22.92 10.25 26.59
N TRP I 174 -22.74 10.53 25.30
CA TRP I 174 -23.80 11.00 24.43
C TRP I 174 -23.99 10.01 23.28
N ILE I 175 -25.24 9.93 22.82
CA ILE I 175 -25.57 9.25 21.56
C ILE I 175 -26.25 10.29 20.69
N LEU I 176 -25.59 10.68 19.60
CA LEU I 176 -26.07 11.73 18.72
C LEU I 176 -26.75 11.10 17.51
N LEU I 177 -27.96 11.58 17.21
CA LEU I 177 -28.71 11.15 16.04
C LEU I 177 -29.03 12.34 15.17
N ASP I 178 -29.11 12.10 13.86
CA ASP I 178 -29.44 13.14 12.90
C ASP I 178 -30.89 13.59 13.08
N CYS I 179 -31.10 14.90 12.96
CA CYS I 179 -32.45 15.47 12.99
C CYS I 179 -32.59 16.47 11.86
N HIS I 180 -33.84 16.75 11.50
CA HIS I 180 -34.10 17.81 10.53
C HIS I 180 -33.87 19.17 11.18
N ASP I 181 -33.67 20.18 10.34
CA ASP I 181 -33.42 21.52 10.84
C ASP I 181 -34.62 22.03 11.64
N VAL I 182 -34.34 22.62 12.79
CA VAL I 182 -35.38 23.18 13.65
C VAL I 182 -35.66 24.61 13.20
N VAL I 183 -36.91 24.88 12.81
CA VAL I 183 -37.32 26.19 12.34
C VAL I 183 -38.34 26.76 13.33
N VAL I 184 -38.05 27.95 13.84
CA VAL I 184 -38.88 28.62 14.84
C VAL I 184 -39.32 29.96 14.27
N ASN I 185 -40.63 30.13 14.08
CA ASN I 185 -41.20 31.35 13.50
C ASN I 185 -40.57 31.67 12.16
N GLY I 186 -40.28 30.63 11.38
CA GLY I 186 -39.72 30.80 10.06
C GLY I 186 -38.22 30.99 9.99
N GLN I 187 -37.52 30.87 11.13
CA GLN I 187 -36.07 31.03 11.18
C GLN I 187 -35.44 29.68 11.52
N VAL I 188 -34.48 29.26 10.69
CA VAL I 188 -33.73 28.06 11.02
C VAL I 188 -32.79 28.37 12.18
N MET I 189 -32.71 27.45 13.14
CA MET I 189 -31.85 27.60 14.29
C MET I 189 -30.50 26.98 13.95
N GLU I 190 -29.62 27.81 13.40
CA GLU I 190 -28.39 27.32 12.78
C GLU I 190 -27.42 26.78 13.82
N GLY I 191 -26.71 25.72 13.44
CA GLY I 191 -25.68 25.18 14.30
C GLY I 191 -24.46 26.07 14.33
N TYR I 192 -23.84 26.11 15.52
CA TYR I 192 -22.61 26.90 15.76
C TYR I 192 -21.71 26.22 16.78
N LEU I 193 -20.40 26.25 16.59
CA LEU I 193 -19.52 25.48 17.50
C LEU I 193 -19.00 26.40 18.59
N GLY I 194 -19.18 27.70 18.42
CA GLY I 194 -18.59 28.64 19.38
C GLY I 194 -17.08 28.59 19.32
N ASP I 195 -16.43 28.20 20.42
CA ASP I 195 -14.95 28.08 20.46
C ASP I 195 -14.55 26.60 20.33
N LEU I 196 -15.43 25.77 19.81
CA LEU I 196 -15.09 24.34 19.58
C LEU I 196 -15.08 24.07 18.07
N VAL J 13 -36.83 -21.86 42.44
CA VAL J 13 -37.73 -20.72 42.66
C VAL J 13 -37.23 -19.52 41.85
N LEU J 14 -38.19 -18.72 41.35
CA LEU J 14 -37.86 -17.64 40.43
C LEU J 14 -36.96 -16.60 41.11
N PRO J 15 -35.90 -16.15 40.46
CA PRO J 15 -35.08 -15.07 41.04
C PRO J 15 -35.85 -13.75 41.06
N GLY J 16 -35.74 -13.04 42.17
CA GLY J 16 -36.38 -11.75 42.30
C GLY J 16 -37.90 -11.78 42.21
N LEU J 17 -38.51 -12.90 42.58
CA LEU J 17 -39.96 -13.02 42.52
C LEU J 17 -40.62 -11.97 43.42
N ASN J 18 -41.46 -11.13 42.82
CA ASN J 18 -42.20 -10.08 43.52
C ASN J 18 -41.28 -9.08 44.21
N TYR J 19 -40.06 -8.92 43.68
CA TYR J 19 -39.11 -7.99 44.29
C TYR J 19 -39.43 -6.54 43.96
N VAL J 20 -39.85 -6.27 42.72
CA VAL J 20 -40.19 -4.91 42.31
C VAL J 20 -41.61 -4.61 42.75
N HIS J 21 -41.76 -4.02 43.94
CA HIS J 21 -43.06 -3.79 44.55
C HIS J 21 -43.65 -2.41 44.28
N SER J 22 -42.88 -1.51 43.65
CA SER J 22 -43.37 -0.16 43.39
C SER J 22 -42.98 0.33 42.01
N GLY J 23 -42.86 -0.58 41.04
CA GLY J 23 -42.48 -0.16 39.70
C GLY J 23 -41.08 0.40 39.67
N PHE J 24 -40.89 1.44 38.85
CA PHE J 24 -39.59 2.09 38.76
C PHE J 24 -39.48 3.21 39.80
N PRO J 25 -38.36 3.32 40.52
CA PRO J 25 -37.21 2.40 40.43
C PRO J 25 -37.35 1.17 41.31
N ALA J 26 -36.60 0.11 40.98
CA ALA J 26 -36.61 -1.09 41.80
C ALA J 26 -36.00 -0.81 43.16
N PRO J 27 -36.41 -1.55 44.20
CA PRO J 27 -35.86 -1.33 45.54
C PRO J 27 -34.35 -1.48 45.55
N GLY J 28 -33.67 -0.48 46.10
CA GLY J 28 -32.22 -0.45 46.14
C GLY J 28 -31.57 0.34 45.01
N LEU J 29 -32.35 0.78 44.03
CA LEU J 29 -31.87 1.62 42.95
C LEU J 29 -32.50 3.00 43.05
N ARG J 30 -31.87 3.96 42.39
CA ARG J 30 -32.20 5.38 42.57
C ARG J 30 -33.26 5.85 41.58
N GLN J 31 -34.15 6.71 42.05
CA GLN J 31 -35.01 7.47 41.17
C GLN J 31 -34.15 8.41 40.31
N ILE J 32 -34.59 8.65 39.08
CA ILE J 32 -33.77 9.38 38.12
C ILE J 32 -34.38 10.73 37.76
N ASN J 33 -33.66 11.49 36.95
CA ASN J 33 -34.14 12.74 36.38
C ASN J 33 -33.93 12.68 34.87
N ARG J 34 -35.02 12.72 34.12
CA ARG J 34 -34.96 12.82 32.66
C ARG J 34 -35.33 14.25 32.26
N HIS J 35 -34.39 14.94 31.62
CA HIS J 35 -34.61 16.29 31.12
C HIS J 35 -34.74 16.24 29.60
N ILE J 36 -35.77 16.91 29.08
CA ILE J 36 -35.96 17.08 27.64
C ILE J 36 -35.92 18.57 27.33
N THR J 37 -35.12 18.94 26.35
CA THR J 37 -34.97 20.35 25.98
C THR J 37 -35.81 20.68 24.76
N GLY J 38 -35.98 21.97 24.53
CA GLY J 38 -36.78 22.44 23.42
C GLY J 38 -36.58 23.92 23.20
N HIS J 39 -37.36 24.48 22.29
CA HIS J 39 -37.22 25.87 21.90
C HIS J 39 -38.43 26.70 22.30
N ASP J 40 -38.16 27.96 22.63
CA ASP J 40 -39.19 28.94 22.96
C ASP J 40 -39.94 29.35 21.70
N ASP J 41 -40.87 30.28 21.87
CA ASP J 41 -41.45 30.98 20.73
C ASP J 41 -40.54 32.08 20.22
N ASN J 42 -39.54 32.48 21.00
CA ASN J 42 -38.47 33.35 20.55
C ASN J 42 -37.21 32.57 20.16
N GLY J 43 -37.35 31.25 19.98
CA GLY J 43 -36.19 30.43 19.67
C GLY J 43 -35.20 30.30 20.80
N LYS J 44 -35.60 30.57 22.03
CA LYS J 44 -34.73 30.40 23.18
C LYS J 44 -34.79 28.95 23.66
N SER J 45 -33.62 28.33 23.78
CA SER J 45 -33.55 26.94 24.24
C SER J 45 -33.94 26.87 25.72
N VAL J 46 -34.95 26.06 26.02
CA VAL J 46 -35.47 25.94 27.37
C VAL J 46 -35.63 24.46 27.72
N PHE J 47 -35.92 24.20 28.99
CA PHE J 47 -36.22 22.84 29.45
C PHE J 47 -37.72 22.62 29.37
N LEU J 48 -38.13 21.66 28.54
CA LEU J 48 -39.56 21.39 28.39
C LEU J 48 -40.11 20.58 29.55
N SER J 49 -39.33 19.66 30.11
CA SER J 49 -39.82 18.86 31.21
C SER J 49 -38.66 18.25 32.00
N THR J 50 -38.95 17.91 33.25
CA THR J 50 -38.07 17.12 34.10
C THR J 50 -38.94 16.09 34.81
N ASP J 51 -38.65 14.81 34.61
CA ASP J 51 -39.56 13.77 35.07
C ASP J 51 -38.79 12.47 35.30
N HIS J 52 -39.54 11.38 35.46
CA HIS J 52 -38.98 10.06 35.75
C HIS J 52 -39.05 9.12 34.55
N GLY J 53 -39.08 9.66 33.34
CA GLY J 53 -39.16 8.82 32.16
C GLY J 53 -40.59 8.60 31.71
N ASP J 54 -40.86 7.45 31.09
CA ASP J 54 -42.17 7.19 30.53
C ASP J 54 -42.34 5.70 30.27
N HIS J 55 -43.60 5.29 30.14
CA HIS J 55 -43.97 3.93 29.73
C HIS J 55 -43.34 2.88 30.65
N HIS J 56 -43.50 3.08 31.95
CA HIS J 56 -42.99 2.13 32.92
C HIS J 56 -43.70 0.80 32.77
N ARG J 57 -42.91 -0.27 32.62
CA ARG J 57 -43.44 -1.59 32.32
C ARG J 57 -42.79 -2.61 33.23
N ILE J 58 -43.60 -3.30 34.03
CA ILE J 58 -43.12 -4.40 34.86
C ILE J 58 -42.96 -5.64 33.99
N MET J 59 -41.84 -6.34 34.17
CA MET J 59 -41.55 -7.54 33.42
C MET J 59 -41.47 -8.74 34.36
N GLY J 60 -41.88 -9.90 33.86
CA GLY J 60 -41.89 -11.11 34.66
C GLY J 60 -42.80 -10.99 35.87
N GLU J 61 -42.54 -11.84 36.86
CA GLU J 61 -43.30 -11.87 38.11
C GLU J 61 -42.78 -10.80 39.06
N LYS J 62 -42.97 -9.55 38.64
CA LYS J 62 -42.40 -8.39 39.34
C LYS J 62 -40.89 -8.58 39.54
N GLN J 63 -40.23 -9.06 38.50
CA GLN J 63 -38.80 -9.34 38.56
C GLN J 63 -37.95 -8.27 37.91
N ALA J 64 -38.54 -7.39 37.11
CA ALA J 64 -37.83 -6.28 36.49
C ALA J 64 -38.84 -5.20 36.15
N VAL J 65 -38.34 -4.00 35.88
CA VAL J 65 -39.18 -2.89 35.45
C VAL J 65 -38.42 -2.09 34.40
N ALA J 66 -39.04 -1.93 33.23
CA ALA J 66 -38.43 -1.14 32.17
C ALA J 66 -38.88 0.31 32.27
N ASN J 67 -38.07 1.19 31.67
CA ASN J 67 -38.34 2.62 31.66
C ASN J 67 -37.88 3.16 30.31
N ILE J 68 -38.79 3.79 29.58
CA ILE J 68 -38.52 4.26 28.23
C ILE J 68 -38.17 5.74 28.32
N LEU J 69 -36.89 6.05 28.22
CA LEU J 69 -36.47 7.44 28.39
C LEU J 69 -36.80 8.27 27.16
N TYR J 70 -36.67 7.70 25.97
CA TYR J 70 -37.12 8.37 24.75
C TYR J 70 -37.23 7.34 23.64
N SER J 71 -37.77 7.79 22.50
CA SER J 71 -37.88 6.97 21.32
C SER J 71 -38.09 7.87 20.12
N THR J 72 -37.70 7.38 18.94
CA THR J 72 -37.93 8.06 17.69
C THR J 72 -38.38 7.05 16.66
N GLN J 73 -39.15 7.51 15.67
CA GLN J 73 -39.76 6.63 14.68
C GLN J 73 -39.39 7.00 13.25
N GLU J 74 -38.31 7.78 13.07
CA GLU J 74 -37.89 8.16 11.72
C GLU J 74 -36.46 8.71 11.79
N THR J 75 -35.84 8.78 10.60
CA THR J 75 -34.47 9.25 10.44
C THR J 75 -34.40 10.10 9.19
N PRO J 76 -33.94 11.36 9.28
CA PRO J 76 -33.63 12.08 10.52
C PRO J 76 -34.88 12.39 11.33
N VAL J 77 -34.70 12.75 12.60
CA VAL J 77 -35.82 12.96 13.50
C VAL J 77 -36.46 14.31 13.20
N GLN J 78 -37.78 14.34 13.14
CA GLN J 78 -38.53 15.57 12.93
C GLN J 78 -38.83 16.20 14.29
N LEU J 79 -38.21 17.35 14.55
CA LEU J 79 -38.38 18.03 15.84
C LEU J 79 -39.40 19.15 15.79
N ASN J 80 -39.68 19.70 14.62
CA ASN J 80 -40.54 20.88 14.54
C ASN J 80 -41.96 20.56 14.99
N GLY J 81 -42.57 21.50 15.70
CA GLY J 81 -43.88 21.28 16.30
C GLY J 81 -43.88 20.36 17.49
N ASN J 82 -42.71 19.97 18.00
CA ASN J 82 -42.58 19.01 19.10
C ASN J 82 -43.26 17.69 18.78
N VAL J 83 -43.33 17.34 17.49
CA VAL J 83 -44.04 16.12 17.08
C VAL J 83 -43.31 14.88 17.56
N ASP J 84 -41.99 14.97 17.78
CA ASP J 84 -41.25 13.82 18.28
C ASP J 84 -41.60 13.53 19.74
N ILE J 85 -41.80 14.58 20.54
CA ILE J 85 -42.17 14.39 21.94
C ILE J 85 -43.53 13.70 22.02
N ASP J 86 -44.48 14.15 21.21
CA ASP J 86 -45.81 13.56 21.25
C ASP J 86 -45.79 12.10 20.82
N LYS J 87 -45.00 11.79 19.79
CA LYS J 87 -44.90 10.40 19.33
C LYS J 87 -44.36 9.49 20.42
N ALA J 88 -43.31 9.94 21.13
CA ALA J 88 -42.75 9.14 22.20
C ALA J 88 -43.72 8.99 23.37
N ALA J 89 -44.46 10.06 23.67
CA ALA J 89 -45.41 10.02 24.79
C ALA J 89 -46.68 9.25 24.44
N LYS J 90 -47.17 9.40 23.21
CA LYS J 90 -48.54 8.99 22.89
C LYS J 90 -48.74 7.50 23.03
N GLU J 91 -47.73 6.70 22.68
CA GLU J 91 -47.90 5.25 22.69
C GLU J 91 -46.64 4.58 23.24
N GLU J 92 -46.83 3.39 23.79
CA GLU J 92 -45.73 2.63 24.35
C GLU J 92 -44.97 1.93 23.23
N PRO J 93 -43.69 2.20 23.06
CA PRO J 93 -42.95 1.66 21.91
C PRO J 93 -42.90 0.15 21.92
N PRO J 94 -42.72 -0.47 20.76
CA PRO J 94 -42.41 -1.90 20.71
C PRO J 94 -40.96 -2.15 21.11
N LEU J 95 -40.47 -3.37 20.92
CA LEU J 95 -39.08 -3.67 21.23
C LEU J 95 -38.13 -2.64 20.63
N HIS J 96 -38.23 -2.41 19.32
CA HIS J 96 -37.46 -1.38 18.67
C HIS J 96 -38.26 -0.81 17.50
N TYR J 97 -37.93 0.42 17.12
CA TYR J 97 -38.64 1.14 16.08
C TYR J 97 -37.88 1.04 14.76
N HIS J 98 -38.60 0.73 13.69
CA HIS J 98 -38.00 0.74 12.36
C HIS J 98 -37.59 2.17 11.99
N ASN J 99 -36.37 2.31 11.48
CA ASN J 99 -35.79 3.61 11.13
C ASN J 99 -35.76 4.56 12.32
N GLY J 100 -35.79 4.03 13.54
CA GLY J 100 -35.85 4.88 14.71
C GLY J 100 -34.93 4.45 15.83
N SER J 101 -35.22 4.91 17.04
CA SER J 101 -34.40 4.67 18.21
C SER J 101 -35.29 4.46 19.43
N ILE J 102 -34.77 3.74 20.41
CA ILE J 102 -35.43 3.57 21.70
C ILE J 102 -34.37 3.55 22.78
N VAL J 103 -34.57 4.36 23.82
CA VAL J 103 -33.72 4.35 25.01
C VAL J 103 -34.48 3.62 26.11
N ARG J 104 -34.06 2.39 26.41
CA ARG J 104 -34.74 1.55 27.38
C ARG J 104 -33.83 1.29 28.57
N MET J 105 -34.26 1.75 29.74
CA MET J 105 -33.58 1.50 31.01
C MET J 105 -34.34 0.41 31.74
N ILE J 106 -33.62 -0.58 32.26
CA ILE J 106 -34.23 -1.73 32.93
C ILE J 106 -33.57 -1.94 34.28
N ASP J 107 -34.40 -2.12 35.31
CA ASP J 107 -33.94 -2.48 36.65
C ASP J 107 -34.13 -3.98 36.84
N PHE J 108 -33.04 -4.69 37.15
CA PHE J 108 -33.07 -6.12 37.38
C PHE J 108 -33.17 -6.39 38.88
N ALA J 109 -34.11 -7.25 39.26
CA ALA J 109 -34.10 -7.78 40.61
C ALA J 109 -32.89 -8.71 40.77
N PRO J 110 -32.49 -9.02 42.00
CA PRO J 110 -31.29 -9.84 42.20
C PRO J 110 -31.38 -11.18 41.47
N ALA J 111 -30.28 -11.53 40.79
CA ALA J 111 -30.09 -12.77 40.04
C ALA J 111 -30.99 -12.89 38.82
N VAL J 112 -31.84 -11.89 38.54
CA VAL J 112 -32.78 -12.00 37.44
C VAL J 112 -32.03 -12.11 36.11
N GLU J 113 -32.58 -12.91 35.21
CA GLU J 113 -31.95 -13.27 33.96
C GLU J 113 -32.92 -13.02 32.81
N SER J 114 -32.38 -12.58 31.67
CA SER J 114 -33.22 -12.47 30.50
C SER J 114 -33.19 -13.77 29.72
N PRO J 115 -34.22 -14.06 28.94
CA PRO J 115 -34.17 -15.25 28.08
C PRO J 115 -33.14 -15.08 26.97
N LEU J 116 -32.59 -16.20 26.53
CA LEU J 116 -31.77 -16.18 25.32
C LEU J 116 -32.65 -15.77 24.15
N HIS J 117 -32.23 -14.74 23.42
CA HIS J 117 -33.09 -14.15 22.41
C HIS J 117 -32.23 -13.38 21.42
N ARG J 118 -32.81 -13.12 20.26
CA ARG J 118 -32.21 -12.24 19.28
C ARG J 118 -33.22 -11.18 18.86
N ALA J 119 -32.83 -9.93 18.96
CA ALA J 119 -33.51 -8.82 18.32
C ALA J 119 -32.70 -8.40 17.10
N VAL J 120 -33.39 -8.12 16.00
CA VAL J 120 -32.72 -7.65 14.78
C VAL J 120 -32.59 -6.15 14.93
N SER J 121 -31.58 -5.74 15.68
CA SER J 121 -31.28 -4.35 15.99
C SER J 121 -29.83 -4.31 16.47
N ILE J 122 -29.19 -3.15 16.33
CA ILE J 122 -27.88 -2.93 16.91
C ILE J 122 -28.07 -2.12 18.19
N ASP J 123 -27.57 -2.64 19.30
CA ASP J 123 -27.84 -2.08 20.63
C ASP J 123 -26.57 -1.56 21.25
N TYR J 124 -26.57 -0.28 21.61
CA TYR J 124 -25.56 0.28 22.50
C TYR J 124 -26.05 0.12 23.93
N GLY J 125 -25.31 -0.64 24.74
CA GLY J 125 -25.70 -0.90 26.11
C GLY J 125 -24.62 -0.47 27.08
N ILE J 126 -25.04 0.14 28.19
CA ILE J 126 -24.12 0.59 29.24
C ILE J 126 -24.68 0.17 30.59
N VAL J 127 -23.79 -0.25 31.49
CA VAL J 127 -24.17 -0.62 32.85
C VAL J 127 -24.25 0.66 33.68
N VAL J 128 -25.44 0.95 34.20
CA VAL J 128 -25.61 2.13 35.03
C VAL J 128 -25.29 1.83 36.49
N GLU J 129 -25.73 0.69 37.00
CA GLU J 129 -25.38 0.27 38.34
C GLU J 129 -25.35 -1.25 38.40
N GLY J 130 -24.30 -1.80 39.01
CA GLY J 130 -24.21 -3.22 39.26
C GLY J 130 -23.19 -3.91 38.37
N VAL J 131 -23.28 -5.23 38.35
CA VAL J 131 -22.46 -6.09 37.48
C VAL J 131 -23.38 -7.02 36.74
N PHE J 132 -23.24 -7.06 35.42
CA PHE J 132 -24.04 -7.93 34.57
C PHE J 132 -23.12 -8.87 33.78
N LYS J 133 -23.61 -10.07 33.51
CA LYS J 133 -22.96 -10.98 32.59
C LYS J 133 -23.74 -11.00 31.28
N LEU J 134 -23.06 -10.72 30.18
CA LEU J 134 -23.64 -10.85 28.84
C LEU J 134 -23.18 -12.17 28.26
N VAL J 135 -24.13 -13.07 28.02
CA VAL J 135 -23.85 -14.40 27.50
C VAL J 135 -24.35 -14.46 26.06
N LEU J 136 -23.53 -15.01 25.17
CA LEU J 136 -23.90 -15.18 23.77
C LEU J 136 -24.22 -16.65 23.51
N ASP J 137 -24.95 -16.89 22.41
CA ASP J 137 -25.46 -18.24 22.15
C ASP J 137 -24.35 -19.21 21.79
N SER J 138 -23.12 -18.75 21.59
CA SER J 138 -21.98 -19.64 21.49
C SER J 138 -21.45 -20.10 22.84
N GLY J 139 -21.93 -19.49 23.93
CA GLY J 139 -21.40 -19.76 25.24
C GLY J 139 -20.34 -18.79 25.70
N GLU J 140 -19.79 -17.97 24.79
CA GLU J 140 -18.89 -16.90 25.18
C GLU J 140 -19.60 -15.91 26.08
N GLU J 141 -18.85 -15.28 26.98
CA GLU J 141 -19.45 -14.39 27.96
C GLU J 141 -18.47 -13.26 28.27
N ARG J 142 -19.04 -12.14 28.73
CA ARG J 142 -18.26 -11.00 29.18
C ARG J 142 -18.92 -10.44 30.43
N ILE J 143 -18.15 -10.35 31.51
CA ILE J 143 -18.63 -9.70 32.73
C ILE J 143 -18.52 -8.20 32.53
N MET J 144 -19.63 -7.49 32.64
CA MET J 144 -19.69 -6.06 32.42
C MET J 144 -19.98 -5.35 33.73
N ARG J 145 -19.14 -4.38 34.07
CA ARG J 145 -19.26 -3.59 35.27
C ARG J 145 -19.68 -2.17 34.91
N GLN J 146 -19.99 -1.38 35.94
CA GLN J 146 -20.56 -0.05 35.73
C GLN J 146 -19.68 0.78 34.80
N GLY J 147 -20.31 1.41 33.81
CA GLY J 147 -19.60 2.22 32.84
C GLY J 147 -19.07 1.46 31.65
N ASP J 148 -19.14 0.13 31.67
CA ASP J 148 -18.73 -0.65 30.51
C ASP J 148 -19.81 -0.61 29.44
N VAL J 149 -19.39 -0.68 28.19
CA VAL J 149 -20.27 -0.50 27.05
C VAL J 149 -20.17 -1.72 26.14
N SER J 150 -21.31 -2.18 25.65
CA SER J 150 -21.37 -3.25 24.68
C SER J 150 -22.05 -2.74 23.42
N VAL J 151 -21.56 -3.19 22.27
CA VAL J 151 -22.22 -2.96 20.98
C VAL J 151 -22.74 -4.32 20.51
N GLN J 152 -24.04 -4.51 20.63
CA GLN J 152 -24.70 -5.77 20.28
C GLN J 152 -25.20 -5.66 18.84
N ARG J 153 -24.57 -6.41 17.93
CA ARG J 153 -24.90 -6.36 16.51
C ARG J 153 -25.80 -7.54 16.16
N ALA J 154 -27.09 -7.39 16.50
CA ALA J 154 -28.14 -8.35 16.13
C ALA J 154 -27.78 -9.78 16.53
N THR J 155 -27.11 -9.93 17.67
CA THR J 155 -26.63 -11.22 18.12
C THR J 155 -27.59 -11.82 19.14
N ALA J 156 -27.62 -13.16 19.19
CA ALA J 156 -28.41 -13.87 20.17
C ALA J 156 -27.69 -13.88 21.51
N HIS J 157 -28.38 -13.46 22.58
CA HIS J 157 -27.71 -13.21 23.84
C HIS J 157 -28.70 -13.32 24.98
N LYS J 158 -28.16 -13.23 26.20
CA LYS J 158 -28.95 -13.06 27.40
C LYS J 158 -28.15 -12.22 28.39
N TRP J 159 -28.86 -11.46 29.21
CA TRP J 159 -28.27 -10.63 30.25
C TRP J 159 -28.55 -11.26 31.61
N ILE J 160 -27.52 -11.44 32.41
CA ILE J 160 -27.65 -12.00 33.76
C ILE J 160 -27.17 -10.95 34.75
N ASN J 161 -28.08 -10.51 35.62
CA ASN J 161 -27.70 -9.66 36.74
C ASN J 161 -26.99 -10.51 37.79
N ILE J 162 -25.69 -10.28 37.97
CA ILE J 162 -24.89 -11.02 38.93
C ILE J 162 -24.42 -10.14 40.09
N THR J 163 -25.01 -8.96 40.24
CA THR J 163 -24.50 -7.97 41.19
C THR J 163 -24.49 -8.52 42.62
N ASP J 164 -23.34 -8.34 43.28
CA ASP J 164 -23.10 -8.82 44.64
C ASP J 164 -23.52 -10.29 44.81
N ASN J 165 -23.00 -11.13 43.92
CA ASN J 165 -23.20 -12.58 43.99
C ASN J 165 -24.69 -12.94 43.96
N GLY J 166 -25.47 -12.19 43.18
CA GLY J 166 -26.86 -12.48 42.98
C GLY J 166 -27.82 -11.94 44.02
N THR J 167 -27.37 -11.04 44.89
CA THR J 167 -28.21 -10.52 45.97
C THR J 167 -28.56 -9.04 45.81
N ALA J 168 -28.17 -8.40 44.72
CA ALA J 168 -28.36 -6.97 44.60
C ALA J 168 -29.01 -6.61 43.28
N PRO J 169 -29.83 -5.56 43.26
CA PRO J 169 -30.41 -5.09 42.00
C PRO J 169 -29.36 -4.44 41.12
N GLY J 170 -29.65 -4.45 39.81
CA GLY J 170 -28.80 -3.80 38.84
C GLY J 170 -29.63 -3.04 37.83
N ARG J 171 -28.97 -2.10 37.15
CA ARG J 171 -29.63 -1.24 36.19
C ARG J 171 -28.83 -1.23 34.89
N MET J 172 -29.52 -1.43 33.77
CA MET J 172 -28.94 -1.32 32.44
C MET J 172 -29.68 -0.25 31.65
N MET J 173 -28.98 0.34 30.68
CA MET J 173 -29.62 1.22 29.71
C MET J 173 -29.14 0.85 28.32
N TRP J 174 -30.08 0.63 27.40
CA TRP J 174 -29.79 0.35 26.01
C TRP J 174 -30.34 1.46 25.12
N ILE J 175 -29.60 1.78 24.07
CA ILE J 175 -30.13 2.56 22.95
C ILE J 175 -30.16 1.63 21.75
N LEU J 176 -31.36 1.36 21.24
CA LEU J 176 -31.58 0.36 20.21
C LEU J 176 -31.83 1.05 18.87
N LEU J 177 -31.08 0.67 17.85
CA LEU J 177 -31.18 1.24 16.52
C LEU J 177 -31.61 0.17 15.53
N ASP J 178 -32.30 0.60 14.47
CA ASP J 178 -32.77 -0.32 13.45
C ASP J 178 -31.58 -0.83 12.64
N CYS J 179 -31.52 -2.14 12.41
CA CYS J 179 -30.51 -2.71 11.54
C CYS J 179 -31.16 -3.61 10.51
N HIS J 180 -30.40 -3.91 9.46
CA HIS J 180 -30.84 -4.90 8.49
C HIS J 180 -30.58 -6.29 9.04
N ASP J 181 -31.32 -7.27 8.51
CA ASP J 181 -31.10 -8.66 8.87
C ASP J 181 -29.63 -9.03 8.65
N VAL J 182 -29.10 -9.87 9.54
CA VAL J 182 -27.75 -10.38 9.41
C VAL J 182 -27.82 -11.66 8.60
N VAL J 183 -27.08 -11.71 7.50
CA VAL J 183 -27.11 -12.82 6.56
C VAL J 183 -25.79 -13.55 6.65
N VAL J 184 -25.84 -14.79 7.15
CA VAL J 184 -24.66 -15.63 7.33
C VAL J 184 -24.75 -16.82 6.38
N ASN J 185 -23.77 -16.94 5.50
CA ASN J 185 -23.64 -18.08 4.59
C ASN J 185 -24.95 -18.44 3.91
N GLY J 186 -25.74 -17.43 3.54
CA GLY J 186 -26.94 -17.65 2.77
C GLY J 186 -28.26 -17.35 3.45
N GLN J 187 -28.40 -17.71 4.72
CA GLN J 187 -29.69 -17.61 5.40
C GLN J 187 -29.73 -16.45 6.39
N VAL J 188 -30.94 -15.91 6.57
CA VAL J 188 -31.17 -14.87 7.56
C VAL J 188 -31.20 -15.48 8.95
N MET J 189 -30.55 -14.82 9.91
CA MET J 189 -30.63 -15.19 11.31
C MET J 189 -31.78 -14.42 11.94
N GLU J 190 -32.90 -15.10 12.16
CA GLU J 190 -34.14 -14.43 12.55
C GLU J 190 -34.14 -14.13 14.04
N GLY J 191 -34.94 -13.11 14.40
CA GLY J 191 -35.16 -12.83 15.80
C GLY J 191 -36.05 -13.86 16.45
N TYR J 192 -35.82 -14.08 17.75
CA TYR J 192 -36.70 -14.93 18.54
C TYR J 192 -36.77 -14.36 19.94
N LEU J 193 -37.93 -14.48 20.56
CA LEU J 193 -38.20 -13.84 21.84
C LEU J 193 -37.78 -14.69 23.04
N GLY J 194 -37.57 -15.98 22.85
CA GLY J 194 -36.99 -16.82 23.87
C GLY J 194 -38.02 -17.35 24.86
N ASP J 195 -37.55 -18.28 25.69
CA ASP J 195 -38.37 -18.92 26.71
C ASP J 195 -37.50 -19.19 27.93
N LEU J 196 -37.97 -18.72 29.08
CA LEU J 196 -37.30 -18.92 30.37
C LEU J 196 -35.84 -18.47 30.34
N VAL K 13 -37.00 24.88 -4.39
CA VAL K 13 -37.13 23.52 -3.80
C VAL K 13 -36.11 22.59 -4.46
N LEU K 14 -35.34 21.87 -3.65
CA LEU K 14 -34.32 20.93 -4.19
C LEU K 14 -35.04 19.82 -4.96
N PRO K 15 -34.52 19.44 -6.14
CA PRO K 15 -35.12 18.36 -6.89
C PRO K 15 -35.05 17.02 -6.16
N GLY K 16 -36.17 16.33 -6.06
CA GLY K 16 -36.15 15.00 -5.48
C GLY K 16 -35.94 14.94 -3.98
N LEU K 17 -36.18 16.03 -3.27
CA LEU K 17 -35.99 16.06 -1.83
C LEU K 17 -36.80 14.98 -1.14
N ASN K 18 -36.12 14.14 -0.36
CA ASN K 18 -36.74 13.08 0.43
C ASN K 18 -37.55 12.11 -0.42
N TYR K 19 -37.17 11.95 -1.69
CA TYR K 19 -37.89 11.02 -2.56
C TYR K 19 -37.50 9.57 -2.28
N VAL K 20 -36.21 9.31 -2.09
CA VAL K 20 -35.70 7.95 -1.89
C VAL K 20 -35.86 7.54 -0.44
N HIS K 21 -36.99 6.93 -0.10
CA HIS K 21 -37.36 6.71 1.29
C HIS K 21 -37.07 5.29 1.80
N SER K 22 -36.58 4.39 0.96
CA SER K 22 -36.27 3.03 1.41
C SER K 22 -34.97 2.53 0.77
N GLY K 23 -33.96 3.39 0.72
CA GLY K 23 -32.69 2.99 0.15
C GLY K 23 -32.84 2.55 -1.29
N PHE K 24 -32.10 1.50 -1.66
CA PHE K 24 -32.26 0.92 -2.99
C PHE K 24 -33.38 -0.10 -2.98
N PRO K 25 -34.25 -0.14 -4.01
CA PRO K 25 -34.30 0.79 -5.14
C PRO K 25 -35.20 1.99 -4.87
N ALA K 26 -35.00 3.08 -5.60
CA ALA K 26 -35.85 4.25 -5.47
C ALA K 26 -37.29 3.89 -5.83
N PRO K 27 -38.27 4.62 -5.29
CA PRO K 27 -39.67 4.35 -5.64
C PRO K 27 -39.91 4.52 -7.13
N GLY K 28 -40.55 3.52 -7.74
CA GLY K 28 -40.80 3.51 -9.16
C GLY K 28 -39.78 2.73 -9.96
N LEU K 29 -38.68 2.31 -9.36
CA LEU K 29 -37.67 1.49 -10.00
C LEU K 29 -37.65 0.11 -9.39
N ARG K 30 -37.13 -0.86 -10.14
CA ARG K 30 -37.27 -2.27 -9.80
C ARG K 30 -36.11 -2.76 -8.94
N GLN K 31 -36.43 -3.67 -8.01
CA GLN K 31 -35.42 -4.44 -7.32
C GLN K 31 -34.75 -5.39 -8.29
N ILE K 32 -33.45 -5.64 -8.08
CA ILE K 32 -32.63 -6.38 -9.03
C ILE K 32 -32.22 -7.72 -8.43
N ASN K 33 -31.60 -8.54 -9.27
CA ASN K 33 -30.83 -9.71 -8.87
C ASN K 33 -29.38 -9.50 -9.34
N ARG K 34 -28.44 -9.63 -8.41
CA ARG K 34 -27.02 -9.71 -8.76
C ARG K 34 -26.56 -11.13 -8.47
N HIS K 35 -26.01 -11.80 -9.49
CA HIS K 35 -25.51 -13.17 -9.35
C HIS K 35 -23.99 -13.15 -9.46
N ILE K 36 -23.32 -13.78 -8.50
CA ILE K 36 -21.88 -13.98 -8.52
C ILE K 36 -21.61 -15.47 -8.72
N THR K 37 -20.72 -15.79 -9.64
CA THR K 37 -20.36 -17.18 -9.91
C THR K 37 -18.99 -17.50 -9.35
N GLY K 38 -18.74 -18.80 -9.19
CA GLY K 38 -17.47 -19.26 -8.69
C GLY K 38 -17.33 -20.75 -8.89
N HIS K 39 -16.27 -21.30 -8.28
CA HIS K 39 -15.99 -22.73 -8.35
C HIS K 39 -16.13 -23.35 -6.98
N ASP K 40 -16.71 -24.54 -6.91
CA ASP K 40 -16.80 -25.28 -5.67
C ASP K 40 -15.53 -26.11 -5.48
N ASP K 41 -15.52 -26.94 -4.43
CA ASP K 41 -14.30 -27.66 -4.07
C ASP K 41 -13.87 -28.66 -5.13
N ASN K 42 -14.79 -29.12 -5.99
CA ASN K 42 -14.44 -30.03 -7.07
C ASN K 42 -14.22 -29.33 -8.40
N GLY K 43 -14.18 -27.99 -8.40
CA GLY K 43 -13.98 -27.25 -9.62
C GLY K 43 -15.20 -27.10 -10.50
N LYS K 44 -16.39 -27.39 -9.98
CA LYS K 44 -17.62 -27.18 -10.73
C LYS K 44 -18.02 -25.70 -10.65
N SER K 45 -18.46 -25.16 -11.79
CA SER K 45 -18.89 -23.77 -11.84
C SER K 45 -20.27 -23.64 -11.21
N VAL K 46 -20.37 -22.87 -10.14
CA VAL K 46 -21.57 -22.78 -9.32
C VAL K 46 -21.91 -21.31 -9.07
N PHE K 47 -23.12 -21.08 -8.57
CA PHE K 47 -23.57 -19.76 -8.15
C PHE K 47 -23.28 -19.61 -6.66
N LEU K 48 -22.48 -18.59 -6.31
CA LEU K 48 -22.16 -18.35 -4.91
C LEU K 48 -23.18 -17.50 -4.20
N SER K 49 -23.85 -16.58 -4.90
CA SER K 49 -24.78 -15.68 -4.22
C SER K 49 -25.76 -15.08 -5.23
N THR K 50 -26.93 -14.73 -4.71
CA THR K 50 -27.93 -13.97 -5.45
C THR K 50 -28.51 -12.94 -4.48
N ASP K 51 -28.30 -11.66 -4.76
CA ASP K 51 -28.60 -10.62 -3.78
C ASP K 51 -29.00 -9.34 -4.49
N HIS K 52 -29.15 -8.27 -3.70
CA HIS K 52 -29.56 -6.96 -4.19
C HIS K 52 -28.37 -6.04 -4.44
N GLY K 53 -27.18 -6.59 -4.62
CA GLY K 53 -26.00 -5.76 -4.73
C GLY K 53 -25.33 -5.54 -3.39
N ASP K 54 -24.66 -4.42 -3.21
CA ASP K 54 -23.83 -4.20 -2.04
C ASP K 54 -23.55 -2.71 -1.88
N HIS K 55 -23.22 -2.32 -0.65
CA HIS K 55 -22.73 -0.98 -0.33
C HIS K 55 -23.67 0.12 -0.85
N HIS K 56 -24.94 0.00 -0.48
CA HIS K 56 -25.92 1.02 -0.82
C HIS K 56 -25.63 2.29 -0.04
N ARG K 57 -25.59 3.43 -0.75
CA ARG K 57 -25.39 4.72 -0.11
C ARG K 57 -26.40 5.71 -0.63
N ILE K 58 -27.17 6.32 0.28
CA ILE K 58 -28.00 7.46 -0.07
C ILE K 58 -27.12 8.63 -0.46
N MET K 59 -27.57 9.40 -1.45
CA MET K 59 -26.85 10.59 -1.89
C MET K 59 -27.79 11.79 -1.84
N GLY K 60 -27.22 12.95 -1.52
CA GLY K 60 -28.05 14.12 -1.36
C GLY K 60 -29.00 13.94 -0.19
N GLU K 61 -30.07 14.73 -0.20
CA GLU K 61 -31.12 14.62 0.81
C GLU K 61 -32.14 13.59 0.36
N LYS K 62 -31.69 12.33 0.36
CA LYS K 62 -32.47 11.22 -0.18
C LYS K 62 -32.91 11.51 -1.62
N GLN K 63 -31.98 12.09 -2.39
CA GLN K 63 -32.23 12.42 -3.79
C GLN K 63 -31.74 11.33 -4.73
N ALA K 64 -30.90 10.42 -4.25
CA ALA K 64 -30.40 9.33 -5.06
C ALA K 64 -29.88 8.23 -4.14
N VAL K 65 -29.67 7.05 -4.70
CA VAL K 65 -29.11 5.94 -3.94
C VAL K 65 -28.22 5.12 -4.85
N ALA K 66 -26.97 4.93 -4.46
CA ALA K 66 -26.01 4.17 -5.25
C ALA K 66 -25.98 2.71 -4.81
N ASN K 67 -25.62 1.84 -5.74
CA ASN K 67 -25.54 0.41 -5.49
C ASN K 67 -24.29 -0.11 -6.18
N ILE K 68 -23.40 -0.72 -5.40
CA ILE K 68 -22.12 -1.20 -5.92
C ILE K 68 -22.29 -2.68 -6.28
N LEU K 69 -22.29 -2.97 -7.58
CA LEU K 69 -22.49 -4.35 -8.01
C LEU K 69 -21.22 -5.17 -7.90
N TYR K 70 -20.05 -4.56 -8.06
CA TYR K 70 -18.78 -5.24 -7.84
C TYR K 70 -17.66 -4.22 -7.90
N SER K 71 -16.46 -4.68 -7.53
CA SER K 71 -15.26 -3.86 -7.61
C SER K 71 -14.05 -4.78 -7.60
N THR K 72 -12.96 -4.29 -8.19
CA THR K 72 -11.68 -4.99 -8.21
C THR K 72 -10.58 -3.99 -7.91
N GLN K 73 -9.49 -4.48 -7.32
CA GLN K 73 -8.41 -3.60 -6.86
C GLN K 73 -7.05 -3.95 -7.45
N GLU K 74 -6.99 -4.89 -8.40
CA GLU K 74 -5.73 -5.23 -9.04
C GLU K 74 -6.02 -5.67 -10.47
N THR K 75 -5.00 -5.63 -11.31
CA THR K 75 -5.10 -6.06 -12.70
C THR K 75 -3.87 -6.86 -13.07
N PRO K 76 -4.02 -8.13 -13.48
CA PRO K 76 -5.27 -8.89 -13.60
C PRO K 76 -5.91 -9.21 -12.25
N VAL K 77 -7.23 -9.42 -12.26
CA VAL K 77 -7.95 -9.71 -11.03
C VAL K 77 -7.58 -11.08 -10.50
N GLN K 78 -7.25 -11.16 -9.21
CA GLN K 78 -6.93 -12.42 -8.55
C GLN K 78 -8.22 -13.02 -7.99
N LEU K 79 -8.58 -14.21 -8.50
CA LEU K 79 -9.83 -14.85 -8.10
C LEU K 79 -9.65 -16.03 -7.15
N ASN K 80 -8.46 -16.61 -7.08
CA ASN K 80 -8.27 -17.80 -6.27
C ASN K 80 -8.43 -17.47 -4.79
N GLY K 81 -8.92 -18.45 -4.04
CA GLY K 81 -9.29 -18.24 -2.66
C GLY K 81 -10.47 -17.31 -2.45
N ASN K 82 -11.11 -16.85 -3.53
CA ASN K 82 -12.22 -15.90 -3.48
C ASN K 82 -11.80 -14.58 -2.84
N VAL K 83 -10.52 -14.22 -2.97
CA VAL K 83 -10.03 -12.98 -2.38
C VAL K 83 -10.64 -11.76 -3.04
N ASP K 84 -11.06 -11.88 -4.30
CA ASP K 84 -11.74 -10.77 -4.96
C ASP K 84 -13.10 -10.50 -4.33
N ILE K 85 -13.80 -11.57 -3.94
CA ILE K 85 -15.12 -11.40 -3.33
C ILE K 85 -15.01 -10.76 -1.96
N ASP K 86 -14.05 -11.22 -1.15
CA ASP K 86 -13.84 -10.64 0.17
C ASP K 86 -13.46 -9.17 0.07
N LYS K 87 -12.59 -8.82 -0.89
CA LYS K 87 -12.19 -7.43 -1.06
C LYS K 87 -13.37 -6.55 -1.44
N ALA K 88 -14.28 -7.06 -2.27
CA ALA K 88 -15.41 -6.25 -2.71
C ALA K 88 -16.40 -6.02 -1.58
N ALA K 89 -16.64 -7.04 -0.76
CA ALA K 89 -17.64 -6.94 0.30
C ALA K 89 -17.12 -6.26 1.56
N LYS K 90 -15.81 -6.25 1.77
CA LYS K 90 -15.26 -5.82 3.05
C LYS K 90 -15.39 -4.32 3.26
N GLU K 91 -15.16 -3.52 2.22
CA GLU K 91 -15.16 -2.07 2.33
C GLU K 91 -16.04 -1.46 1.27
N GLU K 92 -16.65 -0.33 1.60
CA GLU K 92 -17.31 0.47 0.57
C GLU K 92 -16.22 1.13 -0.27
N PRO K 93 -16.19 0.89 -1.58
CA PRO K 93 -15.08 1.40 -2.40
C PRO K 93 -15.14 2.91 -2.54
N PRO K 94 -14.02 3.54 -2.91
CA PRO K 94 -14.03 4.98 -3.21
C PRO K 94 -14.62 5.27 -4.57
N LEU K 95 -14.48 6.52 -5.02
CA LEU K 95 -14.98 6.92 -6.35
C LEU K 95 -14.53 5.95 -7.43
N HIS K 96 -13.24 5.64 -7.46
CA HIS K 96 -12.72 4.62 -8.38
C HIS K 96 -11.46 4.01 -7.77
N TYR K 97 -11.07 2.85 -8.30
CA TYR K 97 -9.96 2.07 -7.77
C TYR K 97 -8.78 2.13 -8.73
N HIS K 98 -7.62 2.49 -8.22
CA HIS K 98 -6.40 2.44 -9.02
C HIS K 98 -6.11 1.01 -9.42
N ASN K 99 -5.81 0.82 -10.71
CA ASN K 99 -5.56 -0.50 -11.28
C ASN K 99 -6.74 -1.44 -11.09
N GLY K 100 -7.94 -0.89 -10.95
CA GLY K 100 -9.10 -1.71 -10.68
C GLY K 100 -10.37 -1.25 -11.38
N SER K 101 -11.50 -1.79 -10.96
CA SER K 101 -12.79 -1.50 -11.58
C SER K 101 -13.84 -1.31 -10.51
N ILE K 102 -14.88 -0.55 -10.85
CA ILE K 102 -16.06 -0.41 -9.99
C ILE K 102 -17.30 -0.42 -10.88
N VAL K 103 -18.29 -1.21 -10.50
CA VAL K 103 -19.59 -1.22 -11.16
C VAL K 103 -20.55 -0.53 -10.20
N ARG K 104 -20.90 0.72 -10.51
CA ARG K 104 -21.77 1.51 -9.66
C ARG K 104 -23.09 1.78 -10.38
N MET K 105 -24.19 1.44 -9.73
CA MET K 105 -25.55 1.70 -10.21
C MET K 105 -26.17 2.77 -9.32
N ILE K 106 -26.81 3.76 -9.94
CA ILE K 106 -27.37 4.88 -9.19
C ILE K 106 -28.81 5.10 -9.63
N ASP K 107 -29.71 5.19 -8.66
CA ASP K 107 -31.11 5.53 -8.90
C ASP K 107 -31.29 7.02 -8.65
N PHE K 108 -31.71 7.76 -9.68
CA PHE K 108 -31.97 9.19 -9.57
C PHE K 108 -33.43 9.43 -9.24
N ALA K 109 -33.69 10.28 -8.25
CA ALA K 109 -35.02 10.79 -8.03
C ALA K 109 -35.40 11.72 -9.20
N PRO K 110 -36.69 12.03 -9.37
CA PRO K 110 -37.09 12.92 -10.46
C PRO K 110 -36.31 14.23 -10.48
N ALA K 111 -35.87 14.61 -11.68
CA ALA K 111 -35.22 15.88 -11.99
C ALA K 111 -33.87 16.05 -11.30
N VAL K 112 -33.33 15.00 -10.68
CA VAL K 112 -32.13 15.14 -9.86
C VAL K 112 -30.91 15.27 -10.77
N GLU K 113 -29.92 16.01 -10.29
CA GLU K 113 -28.79 16.50 -11.08
C GLU K 113 -27.51 16.29 -10.29
N SER K 114 -26.49 15.75 -10.94
CA SER K 114 -25.19 15.62 -10.31
C SER K 114 -24.43 16.94 -10.45
N PRO K 115 -23.48 17.21 -9.55
CA PRO K 115 -22.65 18.40 -9.72
C PRO K 115 -21.75 18.24 -10.94
N LEU K 116 -21.45 19.37 -11.59
CA LEU K 116 -20.42 19.36 -12.61
C LEU K 116 -19.09 18.98 -11.97
N HIS K 117 -18.46 17.94 -12.50
CA HIS K 117 -17.33 17.33 -11.82
C HIS K 117 -16.48 16.59 -12.84
N ARG K 118 -15.28 16.20 -12.42
CA ARG K 118 -14.40 15.40 -13.23
C ARG K 118 -13.74 14.34 -12.35
N ALA K 119 -13.89 13.09 -12.74
CA ALA K 119 -13.13 12.00 -12.16
C ALA K 119 -12.00 11.61 -13.10
N VAL K 120 -10.83 11.31 -12.55
CA VAL K 120 -9.69 10.86 -13.37
C VAL K 120 -9.87 9.36 -13.54
N SER K 121 -10.71 8.99 -14.50
CA SER K 121 -11.08 7.61 -14.79
C SER K 121 -11.78 7.60 -16.14
N ILE K 122 -11.84 6.42 -16.74
CA ILE K 122 -12.66 6.18 -17.93
C ILE K 122 -13.86 5.35 -17.52
N ASP K 123 -15.05 5.85 -17.85
CA ASP K 123 -16.30 5.25 -17.38
C ASP K 123 -17.14 4.80 -18.57
N TYR K 124 -17.56 3.53 -18.53
CA TYR K 124 -18.58 3.03 -19.44
C TYR K 124 -19.94 3.21 -18.77
N GLY K 125 -20.80 4.03 -19.37
CA GLY K 125 -22.12 4.30 -18.81
C GLY K 125 -23.20 3.76 -19.72
N ILE K 126 -24.22 3.16 -19.12
CA ILE K 126 -25.40 2.67 -19.84
C ILE K 126 -26.63 3.17 -19.11
N VAL K 127 -27.63 3.61 -19.88
CA VAL K 127 -28.92 4.00 -19.32
C VAL K 127 -29.73 2.73 -19.09
N VAL K 128 -29.97 2.40 -17.82
CA VAL K 128 -30.73 1.21 -17.51
C VAL K 128 -32.23 1.49 -17.59
N GLU K 129 -32.67 2.64 -17.09
CA GLU K 129 -34.07 3.01 -17.13
C GLU K 129 -34.19 4.53 -17.19
N GLY K 130 -35.02 5.02 -18.10
CA GLY K 130 -35.33 6.43 -18.17
C GLY K 130 -34.55 7.16 -19.25
N VAL K 131 -34.55 8.48 -19.12
CA VAL K 131 -33.88 9.38 -20.05
C VAL K 131 -32.98 10.31 -19.25
N PHE K 132 -31.71 10.38 -19.64
CA PHE K 132 -30.74 11.23 -18.97
C PHE K 132 -30.12 12.21 -19.96
N LYS K 133 -29.72 13.36 -19.45
CA LYS K 133 -28.99 14.36 -20.22
C LYS K 133 -27.56 14.40 -19.71
N LEU K 134 -26.62 14.06 -20.58
CA LEU K 134 -25.20 14.14 -20.26
C LEU K 134 -24.68 15.49 -20.74
N VAL K 135 -24.22 16.32 -19.80
CA VAL K 135 -23.77 17.67 -20.11
C VAL K 135 -22.29 17.78 -19.78
N LEU K 136 -21.52 18.25 -20.75
CA LEU K 136 -20.08 18.47 -20.58
C LEU K 136 -19.81 19.95 -20.29
N ASP K 137 -18.66 20.22 -19.71
CA ASP K 137 -18.34 21.57 -19.25
C ASP K 137 -18.23 22.58 -20.38
N SER K 138 -18.10 22.12 -21.63
CA SER K 138 -18.13 23.03 -22.77
C SER K 138 -19.53 23.54 -23.07
N GLY K 139 -20.56 22.94 -22.47
CA GLY K 139 -21.93 23.23 -22.81
C GLY K 139 -22.57 22.23 -23.75
N GLU K 140 -21.76 21.43 -24.45
CA GLU K 140 -22.30 20.38 -25.30
C GLU K 140 -23.02 19.33 -24.46
N GLU K 141 -24.07 18.75 -25.05
CA GLU K 141 -24.87 17.77 -24.32
C GLU K 141 -25.39 16.73 -25.30
N ARG K 142 -25.68 15.55 -24.76
CA ARG K 142 -26.36 14.47 -25.47
C ARG K 142 -27.47 13.94 -24.59
N ILE K 143 -28.59 13.61 -25.21
CA ILE K 143 -29.70 12.99 -24.51
C ILE K 143 -29.58 11.50 -24.69
N MET K 144 -29.56 10.78 -23.57
CA MET K 144 -29.37 9.33 -23.58
C MET K 144 -30.63 8.65 -23.06
N ARG K 145 -31.13 7.70 -23.84
CA ARG K 145 -32.31 6.94 -23.49
C ARG K 145 -31.92 5.50 -23.17
N GLN K 146 -32.90 4.70 -22.78
CA GLN K 146 -32.65 3.33 -22.34
C GLN K 146 -31.82 2.55 -23.36
N GLY K 147 -30.68 2.05 -22.92
CA GLY K 147 -29.82 1.23 -23.76
C GLY K 147 -28.66 1.97 -24.41
N ASP K 148 -28.63 3.29 -24.33
CA ASP K 148 -27.52 4.04 -24.91
C ASP K 148 -26.29 3.97 -24.01
N VAL K 149 -25.12 4.19 -24.62
CA VAL K 149 -23.84 3.92 -23.97
C VAL K 149 -22.94 5.14 -24.12
N SER K 150 -22.30 5.53 -23.02
CA SER K 150 -21.34 6.63 -23.02
C SER K 150 -19.97 6.12 -22.61
N VAL K 151 -18.94 6.60 -23.29
CA VAL K 151 -17.55 6.37 -22.92
C VAL K 151 -17.01 7.70 -22.42
N GLN K 152 -16.94 7.87 -21.11
CA GLN K 152 -16.50 9.11 -20.48
C GLN K 152 -15.00 9.01 -20.22
N ARG K 153 -14.20 9.76 -20.97
CA ARG K 153 -12.74 9.68 -20.90
C ARG K 153 -12.20 10.81 -20.02
N ALA K 154 -12.49 10.69 -18.72
CA ALA K 154 -11.99 11.61 -17.70
C ALA K 154 -12.35 13.06 -17.98
N THR K 155 -13.55 13.26 -18.53
CA THR K 155 -14.01 14.60 -18.88
C THR K 155 -14.83 15.21 -17.74
N ALA K 156 -14.99 16.52 -17.79
CA ALA K 156 -15.82 17.24 -16.84
C ALA K 156 -17.26 17.24 -17.33
N HIS K 157 -18.19 16.81 -16.48
CA HIS K 157 -19.53 16.50 -16.94
C HIS K 157 -20.51 16.55 -15.77
N LYS K 158 -21.80 16.52 -16.12
CA LYS K 158 -22.86 16.34 -15.15
C LYS K 158 -23.95 15.49 -15.78
N TRP K 159 -24.60 14.68 -14.95
CA TRP K 159 -25.72 13.87 -15.37
C TRP K 159 -27.00 14.49 -14.84
N ILE K 160 -28.00 14.65 -15.73
CA ILE K 160 -29.30 15.18 -15.35
C ILE K 160 -30.35 14.14 -15.70
N ASN K 161 -31.10 13.69 -14.70
CA ASN K 161 -32.27 12.86 -14.95
C ASN K 161 -33.41 13.74 -15.45
N ILE K 162 -33.89 13.48 -16.66
CA ILE K 162 -34.99 14.22 -17.27
C ILE K 162 -36.17 13.33 -17.58
N THR K 163 -36.21 12.13 -17.02
CA THR K 163 -37.22 11.13 -17.38
C THR K 163 -38.63 11.67 -17.19
N ASP K 164 -39.45 11.53 -18.24
CA ASP K 164 -40.83 11.98 -18.27
C ASP K 164 -40.96 13.43 -17.81
N ASN K 165 -40.25 14.30 -18.53
CA ASN K 165 -40.29 15.75 -18.28
C ASN K 165 -39.99 16.08 -16.81
N GLY K 166 -39.04 15.36 -16.23
CA GLY K 166 -38.59 15.62 -14.88
C GLY K 166 -39.48 15.10 -13.77
N THR K 167 -40.40 14.19 -14.04
CA THR K 167 -41.31 13.69 -13.03
C THR K 167 -41.08 12.23 -12.66
N ALA K 168 -40.09 11.57 -13.27
CA ALA K 168 -39.92 10.14 -13.09
C ALA K 168 -38.50 9.82 -12.62
N PRO K 169 -38.33 8.73 -11.87
CA PRO K 169 -36.99 8.28 -11.50
C PRO K 169 -36.29 7.61 -12.69
N GLY K 170 -34.96 7.60 -12.61
CA GLY K 170 -34.16 6.93 -13.62
C GLY K 170 -33.00 6.20 -12.97
N ARG K 171 -32.40 5.30 -13.75
CA ARG K 171 -31.31 4.47 -13.25
C ARG K 171 -30.19 4.41 -14.26
N MET K 172 -28.98 4.67 -13.81
CA MET K 172 -27.77 4.54 -14.61
C MET K 172 -26.88 3.45 -14.03
N MET K 173 -25.99 2.92 -14.86
CA MET K 173 -24.94 2.03 -14.40
C MET K 173 -23.64 2.35 -15.11
N TRP K 174 -22.57 2.50 -14.34
CA TRP K 174 -21.25 2.79 -14.89
C TRP K 174 -20.28 1.69 -14.51
N ILE K 175 -19.26 1.52 -15.34
CA ILE K 175 -18.08 0.72 -15.01
C ILE K 175 -16.89 1.66 -15.06
N LEU K 176 -16.27 1.89 -13.90
CA LEU K 176 -15.22 2.90 -13.75
C LEU K 176 -13.87 2.21 -13.74
N LEU K 177 -13.00 2.59 -14.68
CA LEU K 177 -11.67 2.03 -14.82
C LEU K 177 -10.61 3.10 -14.58
N ASP K 178 -9.41 2.66 -14.22
CA ASP K 178 -8.33 3.58 -13.90
C ASP K 178 -7.72 4.12 -15.19
N CYS K 179 -7.45 5.42 -15.22
CA CYS K 179 -6.80 6.02 -16.38
C CYS K 179 -5.62 6.88 -15.92
N HIS K 180 -4.75 7.17 -16.87
CA HIS K 180 -3.68 8.11 -16.61
C HIS K 180 -4.22 9.54 -16.67
N ASP K 181 -3.49 10.45 -16.04
CA ASP K 181 -3.88 11.85 -16.05
C ASP K 181 -3.94 12.37 -17.49
N VAL K 182 -5.01 13.08 -17.81
CA VAL K 182 -5.13 13.75 -19.10
C VAL K 182 -4.37 15.07 -19.03
N VAL K 183 -3.58 15.36 -20.05
CA VAL K 183 -2.73 16.55 -20.09
C VAL K 183 -2.98 17.28 -21.40
N VAL K 184 -3.36 18.55 -21.30
CA VAL K 184 -3.66 19.40 -22.46
C VAL K 184 -2.76 20.63 -22.37
N ASN K 185 -1.95 20.84 -23.41
CA ASN K 185 -1.00 21.97 -23.45
C ASN K 185 -0.06 21.93 -22.24
N GLY K 186 0.44 20.75 -21.92
CA GLY K 186 1.31 20.58 -20.77
C GLY K 186 0.64 20.78 -19.43
N GLN K 187 -0.68 20.84 -19.37
CA GLN K 187 -1.43 21.11 -18.15
C GLN K 187 -2.29 19.91 -17.80
N VAL K 188 -2.23 19.49 -16.53
CA VAL K 188 -3.05 18.38 -16.05
C VAL K 188 -4.49 18.86 -15.88
N MET K 189 -5.44 18.11 -16.42
CA MET K 189 -6.86 18.36 -16.18
C MET K 189 -7.23 17.66 -14.88
N GLU K 190 -7.15 18.41 -13.78
CA GLU K 190 -7.32 17.82 -12.46
C GLU K 190 -8.77 17.43 -12.21
N GLY K 191 -8.95 16.34 -11.47
CA GLY K 191 -10.28 15.96 -11.04
C GLY K 191 -10.78 16.88 -9.93
N TYR K 192 -12.09 17.08 -9.91
CA TYR K 192 -12.71 17.88 -8.86
C TYR K 192 -14.12 17.35 -8.63
N LEU K 193 -14.54 17.38 -7.36
CA LEU K 193 -15.86 16.87 -7.02
C LEU K 193 -16.96 17.88 -7.32
N GLY K 194 -16.66 19.17 -7.21
CA GLY K 194 -17.61 20.20 -7.58
C GLY K 194 -18.62 20.52 -6.48
N ASP K 195 -19.45 21.50 -6.77
CA ASP K 195 -20.46 21.99 -5.85
C ASP K 195 -21.70 22.38 -6.62
N LEU K 196 -22.85 21.85 -6.21
CA LEU K 196 -24.10 22.08 -6.92
C LEU K 196 -24.78 23.38 -6.47
N VAL L 13 -33.68 -27.89 -36.85
CA VAL L 13 -33.04 -26.76 -37.52
C VAL L 13 -32.29 -25.89 -36.51
N LEU L 14 -31.41 -25.02 -37.00
CA LEU L 14 -30.68 -24.12 -36.12
C LEU L 14 -31.64 -23.06 -35.58
N PRO L 15 -31.64 -22.78 -34.29
CA PRO L 15 -32.43 -21.66 -33.77
C PRO L 15 -31.93 -20.33 -34.32
N GLY L 16 -32.87 -19.47 -34.67
CA GLY L 16 -32.52 -18.16 -35.21
C GLY L 16 -31.80 -18.19 -36.53
N LEU L 17 -31.90 -19.29 -37.27
CA LEU L 17 -31.25 -19.42 -38.57
C LEU L 17 -31.66 -18.29 -39.49
N ASN L 18 -30.67 -17.49 -39.91
CA ASN L 18 -30.84 -16.39 -40.85
C ASN L 18 -31.72 -15.26 -40.31
N TYR L 19 -31.89 -15.19 -38.98
CA TYR L 19 -32.74 -14.16 -38.40
C TYR L 19 -32.11 -12.77 -38.51
N VAL L 20 -30.79 -12.69 -38.37
CA VAL L 20 -30.08 -11.41 -38.34
C VAL L 20 -29.70 -11.09 -39.78
N HIS L 21 -30.58 -10.38 -40.48
CA HIS L 21 -30.44 -10.15 -41.91
C HIS L 21 -29.79 -8.82 -42.26
N SER L 22 -29.52 -7.96 -41.26
CA SER L 22 -28.95 -6.65 -41.53
C SER L 22 -27.92 -6.25 -40.48
N GLY L 23 -27.19 -7.22 -39.93
CA GLY L 23 -26.18 -6.89 -38.93
C GLY L 23 -26.79 -6.39 -37.65
N PHE L 24 -26.19 -5.33 -37.09
CA PHE L 24 -26.68 -4.74 -35.84
C PHE L 24 -27.51 -3.51 -36.15
N PRO L 25 -28.71 -3.36 -35.57
CA PRO L 25 -29.31 -4.27 -34.59
C PRO L 25 -30.12 -5.40 -35.23
N ALA L 26 -30.26 -6.51 -34.50
CA ALA L 26 -31.07 -7.62 -34.97
C ALA L 26 -32.54 -7.19 -35.06
N PRO L 27 -33.33 -7.82 -35.93
CA PRO L 27 -34.73 -7.44 -36.07
C PRO L 27 -35.49 -7.61 -34.76
N GLY L 28 -36.21 -6.56 -34.37
CA GLY L 28 -36.93 -6.53 -33.11
C GLY L 28 -36.20 -5.84 -31.98
N LEU L 29 -34.97 -5.41 -32.20
CA LEU L 29 -34.18 -4.69 -31.19
C LEU L 29 -33.78 -3.33 -31.74
N ARG L 30 -33.42 -2.44 -30.83
CA ARG L 30 -33.28 -1.03 -31.16
C ARG L 30 -31.85 -0.66 -31.55
N GLN L 31 -31.73 0.20 -32.55
CA GLN L 31 -30.46 0.86 -32.83
C GLN L 31 -30.10 1.77 -31.67
N ILE L 32 -28.80 1.90 -31.40
CA ILE L 32 -28.34 2.61 -30.22
C ILE L 32 -27.59 3.88 -30.60
N ASN L 33 -27.19 4.63 -29.58
CA ASN L 33 -26.19 5.69 -29.70
C ASN L 33 -25.05 5.37 -28.76
N ARG L 34 -23.83 5.42 -29.26
CA ARG L 34 -22.64 5.37 -28.43
C ARG L 34 -21.94 6.72 -28.51
N HIS L 35 -21.76 7.36 -27.36
CA HIS L 35 -21.08 8.65 -27.28
C HIS L 35 -19.71 8.48 -26.65
N ILE L 36 -18.72 9.12 -27.25
CA ILE L 36 -17.36 9.17 -26.72
C ILE L 36 -17.02 10.62 -26.41
N THR L 37 -16.63 10.88 -25.17
CA THR L 37 -16.21 12.21 -24.78
C THR L 37 -14.70 12.37 -24.91
N GLY L 38 -14.25 13.62 -24.86
CA GLY L 38 -12.83 13.92 -24.95
C GLY L 38 -12.60 15.40 -24.74
N HIS L 39 -11.34 15.79 -24.87
CA HIS L 39 -10.94 17.18 -24.67
C HIS L 39 -10.52 17.80 -26.00
N ASP L 40 -10.97 19.03 -26.23
CA ASP L 40 -10.55 19.76 -27.42
C ASP L 40 -9.23 20.47 -27.15
N ASP L 41 -8.83 21.37 -28.03
CA ASP L 41 -7.53 22.02 -27.93
C ASP L 41 -7.46 23.07 -26.82
N ASN L 42 -8.60 23.49 -26.25
CA ASN L 42 -8.62 24.44 -25.15
C ASN L 42 -8.91 23.76 -23.81
N GLY L 43 -8.73 22.44 -23.72
CA GLY L 43 -9.01 21.73 -22.49
C GLY L 43 -10.47 21.61 -22.14
N LYS L 44 -11.38 22.02 -23.02
CA LYS L 44 -12.81 21.85 -22.78
C LYS L 44 -13.23 20.43 -23.10
N SER L 45 -14.13 19.89 -22.27
CA SER L 45 -14.66 18.55 -22.49
C SER L 45 -15.73 18.59 -23.59
N VAL L 46 -15.54 17.79 -24.63
CA VAL L 46 -16.43 17.79 -25.78
C VAL L 46 -16.80 16.35 -26.13
N PHE L 47 -17.87 16.21 -26.91
CA PHE L 47 -18.19 14.92 -27.50
C PHE L 47 -17.37 14.75 -28.77
N LEU L 48 -16.70 13.60 -28.89
CA LEU L 48 -15.87 13.34 -30.04
C LEU L 48 -16.58 12.55 -31.14
N SER L 49 -17.66 11.84 -30.81
CA SER L 49 -18.36 11.04 -31.81
C SER L 49 -19.69 10.57 -31.23
N THR L 50 -20.63 10.30 -32.14
CA THR L 50 -21.89 9.64 -31.81
C THR L 50 -22.18 8.66 -32.93
N ASP L 51 -22.25 7.37 -32.62
CA ASP L 51 -22.29 6.35 -33.67
C ASP L 51 -23.00 5.11 -33.15
N HIS L 52 -22.93 4.04 -33.95
CA HIS L 52 -23.61 2.78 -33.67
C HIS L 52 -22.74 1.75 -32.99
N GLY L 53 -21.57 2.15 -32.48
CA GLY L 53 -20.63 1.19 -31.94
C GLY L 53 -19.53 0.87 -32.93
N ASP L 54 -18.98 -0.34 -32.86
CA ASP L 54 -17.80 -0.66 -33.66
C ASP L 54 -17.66 -2.17 -33.78
N HIS L 55 -16.93 -2.58 -34.81
CA HIS L 55 -16.54 -3.97 -35.03
C HIS L 55 -17.73 -4.92 -34.92
N HIS L 56 -18.78 -4.62 -35.68
CA HIS L 56 -19.93 -5.51 -35.73
C HIS L 56 -19.54 -6.85 -36.33
N ARG L 57 -20.04 -7.94 -35.74
CA ARG L 57 -19.62 -9.28 -36.11
C ARG L 57 -20.82 -10.22 -36.07
N ILE L 58 -21.19 -10.76 -37.22
CA ILE L 58 -22.22 -11.80 -37.27
C ILE L 58 -21.66 -13.08 -36.67
N MET L 59 -22.47 -13.76 -35.85
CA MET L 59 -22.08 -15.01 -35.21
C MET L 59 -23.05 -16.11 -35.62
N GLY L 60 -22.52 -17.32 -35.80
CA GLY L 60 -23.33 -18.43 -36.24
C GLY L 60 -23.84 -18.19 -37.65
N GLU L 61 -24.94 -18.88 -37.97
CA GLU L 61 -25.59 -18.74 -39.27
C GLU L 61 -26.57 -17.57 -39.21
N LYS L 62 -25.99 -16.37 -39.07
CA LYS L 62 -26.75 -15.14 -38.87
C LYS L 62 -27.70 -15.28 -37.67
N GLN L 63 -27.21 -15.94 -36.62
CA GLN L 63 -27.99 -16.17 -35.42
C GLN L 63 -27.75 -15.13 -34.33
N ALA L 64 -26.68 -14.34 -34.46
CA ALA L 64 -26.38 -13.32 -33.48
C ALA L 64 -25.42 -12.32 -34.11
N VAL L 65 -25.37 -11.12 -33.53
CA VAL L 65 -24.45 -10.10 -33.98
C VAL L 65 -23.85 -9.42 -32.74
N ALA L 66 -22.53 -9.28 -32.72
CA ALA L 66 -21.83 -8.64 -31.62
C ALA L 66 -21.48 -7.21 -31.98
N ASN L 67 -21.46 -6.36 -30.97
CA ASN L 67 -21.17 -4.93 -31.13
C ASN L 67 -20.17 -4.53 -30.05
N ILE L 68 -18.97 -4.14 -30.46
CA ILE L 68 -17.92 -3.75 -29.53
C ILE L 68 -18.05 -2.25 -29.27
N LEU L 69 -18.49 -1.89 -28.07
CA LEU L 69 -18.70 -0.48 -27.74
C LEU L 69 -17.40 0.21 -27.35
N TYR L 70 -16.47 -0.50 -26.72
CA TYR L 70 -15.14 0.04 -26.47
C TYR L 70 -14.22 -1.10 -26.06
N SER L 71 -12.93 -0.77 -25.96
CA SER L 71 -11.93 -1.70 -25.47
C SER L 71 -10.71 -0.90 -25.04
N THR L 72 -10.01 -1.43 -24.05
CA THR L 72 -8.75 -0.87 -23.60
C THR L 72 -7.71 -1.98 -23.55
N GLN L 73 -6.43 -1.60 -23.61
CA GLN L 73 -5.36 -2.59 -23.72
C GLN L 73 -4.25 -2.40 -22.70
N GLU L 74 -4.40 -1.47 -21.76
CA GLU L 74 -3.41 -1.30 -20.70
C GLU L 74 -4.09 -0.77 -19.46
N THR L 75 -3.39 -0.89 -18.34
CA THR L 75 -3.90 -0.44 -17.04
C THR L 75 -2.81 0.28 -16.26
N PRO L 76 -3.03 1.55 -15.86
CA PRO L 76 -4.18 2.41 -16.19
C PRO L 76 -4.25 2.78 -17.68
N VAL L 77 -5.42 3.21 -18.13
CA VAL L 77 -5.65 3.51 -19.54
C VAL L 77 -5.00 4.85 -19.89
N GLN L 78 -4.33 4.90 -21.04
CA GLN L 78 -3.68 6.10 -21.52
C GLN L 78 -4.60 6.79 -22.52
N LEU L 79 -5.07 7.98 -22.17
CA LEU L 79 -6.00 8.73 -23.02
C LEU L 79 -5.33 9.84 -23.82
N ASN L 80 -4.12 10.23 -23.47
CA ASN L 80 -3.48 11.38 -24.10
C ASN L 80 -3.14 11.07 -25.56
N GLY L 81 -3.29 12.08 -26.41
CA GLY L 81 -3.17 11.88 -27.84
C GLY L 81 -4.27 11.02 -28.44
N ASN L 82 -5.29 10.67 -27.65
CA ASN L 82 -6.41 9.83 -28.10
C ASN L 82 -5.92 8.49 -28.62
N VAL L 83 -4.86 7.94 -28.04
CA VAL L 83 -4.34 6.66 -28.51
C VAL L 83 -5.26 5.52 -28.09
N ASP L 84 -6.05 5.71 -27.02
CA ASP L 84 -7.02 4.69 -26.63
C ASP L 84 -8.13 4.57 -27.67
N ILE L 85 -8.58 5.70 -28.22
CA ILE L 85 -9.61 5.67 -29.27
C ILE L 85 -9.09 4.97 -30.50
N ASP L 86 -7.88 5.34 -30.95
CA ASP L 86 -7.30 4.71 -32.12
C ASP L 86 -7.10 3.22 -31.93
N LYS L 87 -6.60 2.82 -30.75
CA LYS L 87 -6.41 1.39 -30.47
C LYS L 87 -7.74 0.65 -30.52
N ALA L 88 -8.81 1.25 -30.00
CA ALA L 88 -10.11 0.59 -30.00
C ALA L 88 -10.69 0.50 -31.41
N ALA L 89 -10.41 1.48 -32.26
CA ALA L 89 -11.03 1.52 -33.59
C ALA L 89 -10.21 0.82 -34.65
N LYS L 90 -8.88 0.72 -34.49
CA LYS L 90 -8.04 0.27 -35.59
C LYS L 90 -7.96 -1.24 -35.74
N GLU L 91 -8.31 -2.01 -34.71
CA GLU L 91 -8.34 -3.46 -34.87
C GLU L 91 -9.45 -4.04 -34.02
N GLU L 92 -10.08 -5.09 -34.55
CA GLU L 92 -11.13 -5.77 -33.83
C GLU L 92 -10.54 -6.49 -32.62
N PRO L 93 -11.10 -6.30 -31.42
CA PRO L 93 -10.56 -6.96 -30.24
C PRO L 93 -10.82 -8.45 -30.27
N PRO L 94 -9.99 -9.23 -29.57
CA PRO L 94 -10.28 -10.66 -29.37
C PRO L 94 -11.29 -10.86 -28.26
N LEU L 95 -11.47 -12.10 -27.82
CA LEU L 95 -12.40 -12.40 -26.73
C LEU L 95 -12.17 -11.47 -25.53
N HIS L 96 -10.93 -11.38 -25.06
CA HIS L 96 -10.62 -10.48 -23.94
C HIS L 96 -9.17 -10.01 -24.06
N TYR L 97 -8.94 -8.79 -23.60
CA TYR L 97 -7.63 -8.15 -23.67
C TYR L 97 -6.87 -8.36 -22.36
N HIS L 98 -5.62 -8.78 -22.47
CA HIS L 98 -4.75 -8.84 -21.29
C HIS L 98 -4.53 -7.44 -20.74
N ASN L 99 -4.60 -7.32 -19.41
CA ASN L 99 -4.45 -6.04 -18.73
C ASN L 99 -5.40 -4.98 -19.28
N GLY L 100 -6.54 -5.42 -19.82
CA GLY L 100 -7.44 -4.50 -20.50
C GLY L 100 -8.92 -4.83 -20.35
N SER L 101 -9.75 -4.15 -21.13
CA SER L 101 -11.20 -4.27 -21.03
C SER L 101 -11.81 -4.36 -22.41
N ILE L 102 -12.99 -4.98 -22.48
CA ILE L 102 -13.80 -5.01 -23.69
C ILE L 102 -15.26 -4.87 -23.27
N VAL L 103 -15.97 -3.95 -23.91
CA VAL L 103 -17.42 -3.84 -23.77
C VAL L 103 -18.03 -4.49 -25.02
N ARG L 104 -18.71 -5.62 -24.83
CA ARG L 104 -19.27 -6.39 -25.94
C ARG L 104 -20.77 -6.50 -25.78
N MET L 105 -21.50 -6.08 -26.79
CA MET L 105 -22.96 -6.18 -26.85
C MET L 105 -23.33 -7.19 -27.93
N ILE L 106 -24.24 -8.10 -27.61
CA ILE L 106 -24.62 -9.16 -28.54
C ILE L 106 -26.14 -9.21 -28.64
N ASP L 107 -26.65 -9.18 -29.86
CA ASP L 107 -28.07 -9.41 -30.14
C ASP L 107 -28.29 -10.90 -30.38
N PHE L 108 -29.16 -11.51 -29.59
CA PHE L 108 -29.50 -12.91 -29.74
C PHE L 108 -30.78 -13.06 -30.56
N ALA L 109 -30.75 -13.91 -31.58
CA ALA L 109 -31.96 -14.29 -32.26
C ALA L 109 -32.80 -15.18 -31.35
N PRO L 110 -34.10 -15.33 -31.64
CA PRO L 110 -34.95 -16.15 -30.76
C PRO L 110 -34.39 -17.55 -30.52
N ALA L 111 -34.37 -17.94 -29.25
CA ALA L 111 -33.99 -19.27 -28.77
C ALA L 111 -32.53 -19.62 -29.02
N VAL L 112 -31.69 -18.65 -29.36
CA VAL L 112 -30.29 -18.91 -29.64
C VAL L 112 -29.52 -19.03 -28.33
N GLU L 113 -28.57 -19.96 -28.29
CA GLU L 113 -27.75 -20.13 -27.11
C GLU L 113 -26.29 -20.33 -27.50
N SER L 114 -25.40 -19.83 -26.64
CA SER L 114 -23.98 -20.04 -26.81
C SER L 114 -23.63 -21.49 -26.46
N PRO L 115 -22.45 -21.96 -26.86
CA PRO L 115 -21.97 -23.24 -26.36
C PRO L 115 -21.61 -23.14 -24.88
N LEU L 116 -21.53 -24.30 -24.24
CA LEU L 116 -20.90 -24.37 -22.92
C LEU L 116 -19.42 -24.07 -23.08
N HIS L 117 -18.93 -23.05 -22.37
CA HIS L 117 -17.59 -22.55 -22.63
C HIS L 117 -17.06 -21.83 -21.40
N ARG L 118 -15.74 -21.66 -21.36
CA ARG L 118 -15.08 -20.88 -20.33
C ARG L 118 -14.11 -19.91 -20.97
N ALA L 119 -14.19 -18.65 -20.57
CA ALA L 119 -13.16 -17.66 -20.83
C ALA L 119 -12.46 -17.35 -19.52
N VAL L 120 -11.13 -17.26 -19.55
CA VAL L 120 -10.40 -16.92 -18.33
C VAL L 120 -10.41 -15.40 -18.22
N SER L 121 -11.52 -14.89 -17.68
CA SER L 121 -11.75 -13.46 -17.54
C SER L 121 -12.88 -13.30 -16.53
N ILE L 122 -13.01 -12.11 -15.97
CA ILE L 122 -14.13 -11.77 -15.10
C ILE L 122 -15.02 -10.80 -15.86
N ASP L 123 -16.28 -11.16 -16.06
CA ASP L 123 -17.19 -10.44 -16.94
C ASP L 123 -18.36 -9.89 -16.12
N TYR L 124 -18.58 -8.59 -16.23
CA TYR L 124 -19.80 -7.96 -15.70
C TYR L 124 -20.84 -7.97 -16.81
N GLY L 125 -21.93 -8.71 -16.59
CA GLY L 125 -22.99 -8.83 -17.59
C GLY L 125 -24.29 -8.26 -17.07
N ILE L 126 -25.07 -7.68 -17.99
CA ILE L 126 -26.37 -7.10 -17.67
C ILE L 126 -27.30 -7.33 -18.84
N VAL L 127 -28.57 -7.64 -18.53
CA VAL L 127 -29.59 -7.85 -19.55
C VAL L 127 -30.10 -6.50 -20.01
N VAL L 128 -29.83 -6.15 -21.27
CA VAL L 128 -30.34 -4.90 -21.83
C VAL L 128 -31.78 -5.06 -22.27
N GLU L 129 -32.12 -6.19 -22.86
CA GLU L 129 -33.51 -6.46 -23.25
C GLU L 129 -33.70 -7.97 -23.33
N GLY L 130 -34.86 -8.43 -22.90
CA GLY L 130 -35.21 -9.84 -22.99
C GLY L 130 -35.04 -10.57 -21.67
N VAL L 131 -35.01 -11.90 -21.79
CA VAL L 131 -34.84 -12.79 -20.65
C VAL L 131 -33.85 -13.87 -21.05
N PHE L 132 -32.78 -14.03 -20.27
CA PHE L 132 -31.74 -15.00 -20.54
C PHE L 132 -31.63 -15.98 -19.39
N LYS L 133 -31.29 -17.23 -19.72
CA LYS L 133 -30.95 -18.25 -18.74
C LYS L 133 -29.44 -18.41 -18.72
N LEU L 134 -28.85 -18.31 -17.54
CA LEU L 134 -27.42 -18.54 -17.35
C LEU L 134 -27.23 -19.92 -16.76
N VAL L 135 -26.60 -20.81 -17.52
CA VAL L 135 -26.43 -22.21 -17.13
C VAL L 135 -24.94 -22.47 -16.97
N LEU L 136 -24.54 -22.94 -15.79
CA LEU L 136 -23.15 -23.28 -15.53
C LEU L 136 -22.94 -24.78 -15.73
N ASP L 137 -21.67 -25.18 -15.85
CA ASP L 137 -21.35 -26.57 -16.15
C ASP L 137 -21.77 -27.53 -15.04
N SER L 138 -22.16 -27.02 -13.87
CA SER L 138 -22.70 -27.84 -12.80
C SER L 138 -24.18 -28.13 -12.96
N GLY L 139 -24.83 -27.58 -13.98
CA GLY L 139 -26.26 -27.67 -14.10
C GLY L 139 -27.04 -26.64 -13.31
N GLU L 140 -26.37 -25.83 -12.49
CA GLU L 140 -27.04 -24.73 -11.81
C GLU L 140 -27.37 -23.65 -12.82
N GLU L 141 -28.54 -23.04 -12.66
CA GLU L 141 -29.00 -22.04 -13.60
C GLU L 141 -29.69 -20.90 -12.87
N ARG L 142 -29.64 -19.72 -13.50
CA ARG L 142 -30.40 -18.55 -13.05
C ARG L 142 -31.05 -17.91 -14.27
N ILE L 143 -32.28 -17.46 -14.09
CA ILE L 143 -33.01 -16.74 -15.12
C ILE L 143 -32.85 -15.25 -14.83
N MET L 144 -32.22 -14.53 -15.76
CA MET L 144 -31.94 -13.11 -15.61
C MET L 144 -32.89 -12.32 -16.49
N ARG L 145 -33.61 -11.38 -15.90
CA ARG L 145 -34.50 -10.49 -16.62
C ARG L 145 -33.81 -9.14 -16.81
N GLN L 146 -34.47 -8.25 -17.54
CA GLN L 146 -33.86 -6.96 -17.87
C GLN L 146 -33.47 -6.20 -16.61
N GLY L 147 -32.24 -5.69 -16.61
CA GLY L 147 -31.69 -4.99 -15.46
C GLY L 147 -30.89 -5.84 -14.51
N ASP L 148 -31.02 -7.16 -14.59
CA ASP L 148 -30.26 -8.05 -13.71
C ASP L 148 -28.80 -8.12 -14.16
N VAL L 149 -27.93 -8.40 -13.19
CA VAL L 149 -26.49 -8.31 -13.39
C VAL L 149 -25.83 -9.60 -12.91
N SER L 150 -24.86 -10.09 -13.68
CA SER L 150 -24.07 -11.25 -13.31
C SER L 150 -22.60 -10.86 -13.22
N VAL L 151 -21.89 -11.49 -12.28
CA VAL L 151 -20.45 -11.34 -12.13
C VAL L 151 -19.85 -12.71 -12.42
N GLN L 152 -19.38 -12.92 -13.66
CA GLN L 152 -18.91 -14.22 -14.10
C GLN L 152 -17.42 -14.33 -13.82
N ARG L 153 -17.07 -15.16 -12.83
CA ARG L 153 -15.69 -15.24 -12.35
C ARG L 153 -14.97 -16.43 -13.00
N ALA L 154 -14.78 -16.30 -14.32
CA ALA L 154 -14.03 -17.28 -15.11
C ALA L 154 -14.64 -18.68 -15.03
N THR L 155 -15.97 -18.74 -15.01
CA THR L 155 -16.69 -20.00 -14.86
C THR L 155 -17.16 -20.54 -16.20
N ALA L 156 -17.29 -21.86 -16.28
CA ALA L 156 -17.83 -22.51 -17.47
C ALA L 156 -19.35 -22.33 -17.48
N HIS L 157 -19.88 -21.87 -18.61
CA HIS L 157 -21.26 -21.42 -18.66
C HIS L 157 -21.76 -21.40 -20.10
N LYS L 158 -23.07 -21.20 -20.24
CA LYS L 158 -23.69 -20.94 -21.53
C LYS L 158 -24.86 -19.99 -21.31
N TRP L 159 -25.08 -19.11 -22.30
CA TRP L 159 -26.16 -18.14 -22.27
C TRP L 159 -27.26 -18.60 -23.21
N ILE L 160 -28.50 -18.58 -22.73
CA ILE L 160 -29.65 -19.05 -23.49
C ILE L 160 -30.68 -17.93 -23.56
N ASN L 161 -30.96 -17.46 -24.77
CA ASN L 161 -32.04 -16.50 -24.97
C ASN L 161 -33.38 -17.24 -24.90
N ILE L 162 -34.18 -16.90 -23.89
CA ILE L 162 -35.48 -17.52 -23.70
C ILE L 162 -36.61 -16.49 -23.76
N THR L 163 -36.32 -15.29 -24.26
CA THR L 163 -37.30 -14.21 -24.27
C THR L 163 -38.60 -14.62 -24.96
N ASP L 164 -39.71 -14.33 -24.28
CA ASP L 164 -41.06 -14.69 -24.75
C ASP L 164 -41.12 -16.14 -25.20
N ASN L 165 -40.70 -17.04 -24.31
CA ASN L 165 -40.74 -18.47 -24.54
C ASN L 165 -40.04 -18.85 -25.84
N GLY L 166 -38.92 -18.21 -26.11
CA GLY L 166 -38.08 -18.58 -27.23
C GLY L 166 -38.45 -17.99 -28.57
N THR L 167 -39.36 -17.01 -28.62
CA THR L 167 -39.82 -16.45 -29.89
C THR L 167 -39.37 -15.00 -30.10
N ALA L 168 -38.52 -14.47 -29.24
CA ALA L 168 -38.17 -13.06 -29.31
C ALA L 168 -36.67 -12.85 -29.20
N PRO L 169 -36.15 -11.79 -29.80
CA PRO L 169 -34.74 -11.46 -29.64
C PRO L 169 -34.45 -10.85 -28.29
N GLY L 170 -33.20 -11.02 -27.84
CA GLY L 170 -32.74 -10.42 -26.61
C GLY L 170 -31.36 -9.83 -26.78
N ARG L 171 -30.97 -9.00 -25.82
CA ARG L 171 -29.69 -8.29 -25.90
C ARG L 171 -28.96 -8.33 -24.58
N MET L 172 -27.69 -8.72 -24.63
CA MET L 172 -26.82 -8.72 -23.47
C MET L 172 -25.67 -7.75 -23.72
N MET L 173 -25.09 -7.24 -22.63
CA MET L 173 -23.85 -6.47 -22.71
C MET L 173 -22.93 -6.92 -21.60
N TRP L 174 -21.67 -7.20 -21.95
CA TRP L 174 -20.66 -7.61 -20.99
C TRP L 174 -19.51 -6.62 -20.99
N ILE L 175 -18.91 -6.46 -19.82
CA ILE L 175 -17.62 -5.80 -19.68
C ILE L 175 -16.65 -6.86 -19.19
N LEU L 176 -15.70 -7.23 -20.04
CA LEU L 176 -14.77 -8.32 -19.77
C LEU L 176 -13.43 -7.75 -19.32
N LEU L 177 -12.96 -8.19 -18.16
CA LEU L 177 -11.68 -7.76 -17.62
C LEU L 177 -10.76 -8.96 -17.50
N ASP L 178 -9.46 -8.67 -17.43
CA ASP L 178 -8.46 -9.72 -17.30
C ASP L 178 -8.41 -10.22 -15.86
N CYS L 179 -8.40 -11.54 -15.70
CA CYS L 179 -8.21 -12.16 -14.40
C CYS L 179 -7.14 -13.24 -14.53
N HIS L 180 -6.53 -13.57 -13.38
CA HIS L 180 -5.55 -14.65 -13.37
C HIS L 180 -6.27 -16.00 -13.47
N ASP L 181 -5.48 -17.03 -13.81
CA ASP L 181 -6.01 -18.38 -13.89
C ASP L 181 -6.65 -18.80 -12.58
N VAL L 182 -7.66 -19.65 -12.68
CA VAL L 182 -8.30 -20.24 -11.51
C VAL L 182 -7.68 -21.61 -11.27
N VAL L 183 -7.27 -21.86 -10.02
CA VAL L 183 -6.63 -23.10 -9.63
C VAL L 183 -7.48 -23.76 -8.54
N VAL L 184 -7.87 -25.01 -8.77
CA VAL L 184 -8.64 -25.79 -7.80
C VAL L 184 -7.92 -27.11 -7.62
N ASN L 185 -7.36 -27.32 -6.43
CA ASN L 185 -6.65 -28.56 -6.08
C ASN L 185 -5.59 -28.91 -7.12
N GLY L 186 -4.74 -27.93 -7.42
CA GLY L 186 -3.60 -28.13 -8.29
C GLY L 186 -3.91 -28.13 -9.78
N GLN L 187 -5.16 -27.96 -10.19
CA GLN L 187 -5.54 -28.03 -11.59
C GLN L 187 -6.02 -26.67 -12.07
N VAL L 188 -5.42 -26.17 -13.14
CA VAL L 188 -5.85 -24.93 -13.76
C VAL L 188 -7.15 -25.17 -14.52
N MET L 189 -8.14 -24.32 -14.28
CA MET L 189 -9.41 -24.39 -15.00
C MET L 189 -9.22 -23.69 -16.34
N GLU L 190 -8.89 -24.48 -17.36
CA GLU L 190 -8.52 -23.92 -18.66
C GLU L 190 -9.74 -23.36 -19.39
N GLY L 191 -9.49 -22.33 -20.19
CA GLY L 191 -10.53 -21.83 -21.07
C GLY L 191 -10.71 -22.74 -22.28
N TYR L 192 -11.94 -22.77 -22.79
CA TYR L 192 -12.24 -23.56 -23.98
C TYR L 192 -13.45 -22.94 -24.67
N LEU L 193 -13.50 -23.11 -25.99
CA LEU L 193 -14.47 -22.40 -26.82
C LEU L 193 -15.82 -23.11 -26.94
N GLY L 194 -15.86 -24.43 -26.74
CA GLY L 194 -17.13 -25.11 -26.75
C GLY L 194 -17.29 -26.15 -27.84
N ASP L 195 -18.54 -26.57 -28.07
CA ASP L 195 -18.85 -27.69 -28.97
C ASP L 195 -18.32 -27.51 -30.39
C10 XP3 M . 16.47 -13.93 13.90
C17 XP3 M . 17.15 -15.93 12.46
C01 XP3 M . 15.48 -6.18 19.15
C02 XP3 M . 16.88 -6.75 18.95
C03 XP3 M . 17.00 -7.86 17.92
C04 XP3 M . 16.36 -7.57 16.58
C05 XP3 M . 16.95 -8.32 15.38
C06 XP3 M . 16.92 -9.81 15.47
C07 XP3 M . 17.38 -10.59 14.51
C08 XP3 M . 17.92 -11.96 14.61
C09 XP3 M . 16.89 -13.01 15.03
C11 XP3 M . 15.28 -13.78 13.20
C12 XP3 M . 14.30 -12.66 13.35
C14 XP3 M . 14.94 -14.86 12.23
C16 XP3 M . 15.66 -16.16 12.38
C19 XP3 M . 17.47 -15.02 13.63
O13 XP3 M . 13.28 -12.99 14.28
O15 XP3 M . 14.13 -14.68 11.34
O18 XP3 M . 17.84 -17.16 12.63
H171 XP3 M . 17.46 -15.50 11.62
H012 XP3 M . 15.48 -5.60 19.94
H011 XP3 M . 15.22 -5.68 18.37
H013 XP3 M . 14.85 -6.91 19.29
H021 XP3 M . 17.20 -7.08 19.81
H022 XP3 M . 17.47 -6.01 18.69
H032 XP3 M . 17.95 -8.05 17.79
H031 XP3 M . 16.59 -8.67 18.30
H041 XP3 M . 16.43 -6.60 16.39
H042 XP3 M . 15.40 -7.77 16.63
H051 XP3 M . 17.88 -8.03 15.26
H052 XP3 M . 16.47 -8.05 14.57
H061 XP3 M . 16.57 -10.21 16.26
H071 XP3 M . 17.38 -10.21 13.64
H082 XP3 M . 18.29 -12.21 13.74
H081 XP3 M . 18.65 -11.97 15.25
H091 XP3 M . 16.10 -12.56 15.39
H092 XP3 M . 17.27 -13.56 15.74
H122 XP3 M . 14.75 -11.84 13.65
H121 XP3 M . 13.88 -12.47 12.48
H162 XP3 M . 15.35 -16.61 13.18
H161 XP3 M . 15.45 -16.72 11.61
H192 XP3 M . 17.55 -15.57 14.42
H191 XP3 M . 18.34 -14.61 13.47
H131 XP3 M . 13.64 -13.13 15.03
H181 XP3 M . 18.67 -17.01 12.62
C10 XP3 N . 22.11 -21.33 -13.15
C17 XP3 N . 20.30 -20.29 -11.72
C01 XP3 N . 29.87 -21.80 -19.06
C02 XP3 N . 28.67 -20.88 -18.95
C03 XP3 N . 27.67 -21.26 -17.88
C04 XP3 N . 28.10 -20.93 -16.45
C05 XP3 N . 27.56 -19.62 -15.89
C06 XP3 N . 26.49 -19.78 -14.86
C07 XP3 N . 25.31 -20.33 -15.02
C08 XP3 N . 24.21 -20.23 -14.03
C09 XP3 N . 23.01 -21.12 -14.36
C11 XP3 N . 22.22 -22.41 -12.30
C12 XP3 N . 23.29 -23.48 -12.35
C14 XP3 N . 21.18 -22.54 -11.25
C16 XP3 N . 19.94 -21.72 -11.42
C19 XP3 N . 21.10 -20.23 -13.01
O13 XP3 N . 22.86 -24.62 -13.08
O15 XP3 N . 21.33 -23.24 -10.28
O18 XP3 N . 19.16 -19.47 -11.84
H171 XP3 N . 20.88 -19.95 -10.98
H012 XP3 N . 30.43 -21.52 -19.81
H011 XP3 N . 30.39 -21.77 -18.24
H013 XP3 N . 29.57 -22.72 -19.21
H021 XP3 N . 28.21 -20.88 -19.82
H022 XP3 N . 28.99 -19.97 -18.78
H032 XP3 N . 26.82 -20.81 -18.07
H031 XP3 N . 27.51 -22.23 -17.94
H041 XP3 N . 29.07 -20.90 -16.41
H042 XP3 N . 27.81 -21.66 -15.86
H051 XP3 N . 27.20 -19.07 -16.62
H052 XP3 N . 28.30 -19.11 -15.49
H061 XP3 N . 26.71 -19.47 -13.98
H071 XP3 N . 25.14 -20.80 -15.83
H082 XP3 N . 24.55 -20.46 -13.15
H081 XP3 N . 23.91 -19.30 -14.00
H091 XP3 N . 23.33 -21.99 -14.68
H092 XP3 N . 22.49 -20.70 -15.08
H122 XP3 N . 24.11 -23.12 -12.75
H121 XP3 N . 23.51 -23.75 -11.43
H162 XP3 N . 19.41 -22.09 -12.13
H161 XP3 N . 19.43 -21.76 -10.60
H192 XP3 N . 20.48 -20.27 -13.76
H191 XP3 N . 21.56 -19.38 -13.05
H131 XP3 N . 22.66 -24.37 -13.86
H181 XP3 N . 18.62 -19.82 -12.39
C10 XP3 O . 20.62 20.71 -9.95
C17 XP3 O . 22.72 22.04 -9.23
C01 XP3 O . 14.77 13.86 -14.23
C02 XP3 O . 16.12 14.41 -14.60
C03 XP3 O . 16.50 15.69 -13.87
C04 XP3 O . 16.92 15.53 -12.42
C05 XP3 O . 18.39 15.19 -12.19
C06 XP3 O . 19.08 16.15 -11.26
C07 XP3 O . 19.30 17.44 -11.48
C08 XP3 O . 20.17 18.30 -10.65
C09 XP3 O . 20.05 19.78 -10.99
C11 XP3 O . 19.89 21.16 -8.87
C12 XP3 O . 18.45 20.82 -8.57
C14 XP3 O . 20.59 22.09 -7.96
C16 XP3 O . 21.68 22.92 -8.58
C19 XP3 O . 22.07 21.08 -10.21
O13 XP3 O . 17.54 21.69 -9.24
O15 XP3 O . 20.34 22.15 -6.77
O18 XP3 O . 23.66 22.83 -9.96
H171 XP3 O . 23.19 21.53 -8.53
H012 XP3 O . 14.58 13.07 -14.77
H011 XP3 O . 14.75 13.62 -13.29
H013 XP3 O . 14.09 14.53 -14.40
H021 XP3 O . 16.15 14.59 -15.56
H022 XP3 O . 16.80 13.74 -14.41
H032 XP3 O . 17.24 16.11 -14.37
H031 XP3 O . 15.74 16.30 -13.92
H041 XP3 O . 16.37 14.82 -12.02
H042 XP3 O . 16.71 16.36 -11.95
H051 XP3 O . 18.86 15.18 -13.04
H052 XP3 O . 18.46 14.28 -11.79
H061 XP3 O . 19.38 15.80 -10.44
H071 XP3 O . 18.87 17.83 -12.23
H082 XP3 O . 19.95 18.17 -9.70
H081 XP3 O . 21.10 18.02 -10.77
H091 XP3 O . 19.10 20.00 -11.13
H092 XP3 O . 20.51 19.94 -11.85
H122 XP3 O . 18.27 19.89 -8.84
H121 XP3 O . 18.30 20.88 -7.60
H162 XP3 O . 21.29 23.52 -9.24
H161 XP3 O . 22.09 23.46 -7.89
H192 XP3 O . 22.12 21.46 -11.10
H191 XP3 O . 22.58 20.26 -10.21
H131 XP3 O . 17.72 22.48 -9.01
H181 XP3 O . 24.06 23.31 -9.42
C10 XP3 P . 36.85 22.56 13.55
C17 XP3 P . 34.40 22.72 12.82
C01 XP3 P . 45.39 19.25 16.83
C02 XP3 P . 44.13 18.50 16.47
C03 XP3 P . 42.90 19.37 16.29
C04 XP3 P . 42.84 20.11 14.96
C05 XP3 P . 42.19 19.32 13.82
C06 XP3 P . 40.72 19.53 13.58
C07 XP3 P . 39.85 20.30 14.21
C08 XP3 P . 38.56 20.71 13.61
C09 XP3 P . 37.82 21.78 14.41
C11 XP3 P . 37.21 23.62 12.76
C12 XP3 P . 38.63 24.06 12.47
C14 XP3 P . 36.11 24.35 12.10
C16 XP3 P . 34.74 24.18 12.69
C19 XP3 P . 35.44 22.02 13.68
O13 XP3 P . 38.78 25.47 12.32
O15 XP3 P . 36.28 25.01 11.09
O18 XP3 P . 33.12 22.53 13.42
H171 XP3 P . 34.40 22.31 11.91
H012 XP3 P . 46.13 18.62 16.92
H011 XP3 P . 45.59 19.89 16.13
H013 XP3 P . 45.26 19.72 17.67
H021 XP3 P . 43.94 17.84 17.18
H022 XP3 P . 44.28 18.01 15.65
H032 XP3 P . 42.10 18.81 16.37
H031 XP3 P . 42.87 20.03 17.02
H041 XP3 P . 43.76 20.34 14.69
H042 XP3 P . 42.35 20.95 15.09
H051 XP3 P . 42.34 18.36 13.98
H052 XP3 P . 42.66 19.53 12.99
H061 XP3 P . 40.36 19.03 12.86
H071 XP3 P . 40.06 20.61 15.07
H082 XP3 P . 38.71 21.03 12.70
H081 XP3 P . 37.99 19.92 13.53
H091 XP3 P . 38.47 22.40 14.80
H092 XP3 P . 37.35 21.35 15.14
H122 XP3 P . 39.24 23.76 13.18
H121 XP3 P . 38.93 23.63 11.63
H162 XP3 P . 34.72 24.61 13.57
H161 XP3 P . 34.10 24.62 12.13
H192 XP3 P . 35.16 22.09 14.61
H191 XP3 P . 35.45 21.08 13.45
H131 XP3 P . 38.47 25.71 11.57
H181 XP3 P . 32.53 22.86 12.91
C10 XP3 Q . 57.03 1.34 -17.03
C17 XP3 Q . 57.82 -0.91 -15.97
C01 XP3 Q . 53.23 9.58 -20.23
C02 XP3 Q . 52.95 8.15 -20.63
C03 XP3 Q . 53.41 7.09 -19.65
C04 XP3 Q . 52.85 7.25 -18.24
C05 XP3 Q . 52.66 5.94 -17.45
C06 XP3 Q . 53.93 5.28 -17.05
C07 XP3 Q . 54.30 4.05 -17.35
C08 XP3 Q . 55.66 3.53 -17.20
C09 XP3 Q . 55.84 2.08 -17.63
C11 XP3 Q . 58.22 1.95 -16.77
C12 XP3 Q . 58.93 3.04 -17.50
C14 XP3 Q . 58.96 1.30 -15.66
C16 XP3 Q . 59.15 -0.18 -15.86
C19 XP3 Q . 56.81 -0.14 -16.81
O13 XP3 Q . 60.00 2.53 -18.30
O15 XP3 Q . 59.37 1.92 -14.69
O18 XP3 Q . 58.01 -2.18 -16.57
H171 XP3 Q . 57.45 -1.02 -15.05
H012 XP3 Q . 53.03 10.18 -20.97
H011 XP3 Q . 52.65 9.82 -19.47
H013 XP3 Q . 54.16 9.68 -19.97
H021 XP3 Q . 53.40 7.99 -21.49
H022 XP3 Q . 51.98 8.05 -20.78
H032 XP3 Q . 53.15 6.21 -19.99
H031 XP3 Q . 54.40 7.11 -19.60
H041 XP3 Q . 51.98 7.71 -18.30
H042 XP3 Q . 53.45 7.83 -17.73
H051 XP3 Q . 52.14 5.33 -18.00
H052 XP3 Q . 52.14 6.14 -16.65
H061 XP3 Q . 54.54 5.80 -16.54
H071 XP3 Q . 53.63 3.46 -17.69
H082 XP3 Q . 56.24 4.11 -17.75
H081 XP3 Q . 55.96 3.64 -16.27
H091 XP3 Q . 55.91 2.05 -18.60
H092 XP3 Q . 55.02 1.59 -17.39
H122 XP3 Q . 58.31 3.51 -18.09
H121 XP3 Q . 59.29 3.70 -16.87
H162 XP3 Q . 59.67 -0.32 -16.66
H161 XP3 Q . 59.66 -0.53 -15.11
H192 XP3 Q . 56.77 -0.56 -17.68
H191 XP3 Q . 55.94 -0.26 -16.40
H131 XP3 Q . 59.70 1.92 -18.79
H181 XP3 Q . 58.50 -2.64 -16.07
C10 XP3 R . 57.95 -13.51 7.52
C17 XP3 R . 58.82 -11.21 6.72
C01 XP3 R . 52.45 -18.67 13.64
C02 XP3 R . 51.77 -18.62 12.29
C03 XP3 R . 52.48 -17.78 11.25
C04 XP3 R . 52.69 -16.32 11.62
C05 XP3 R . 52.69 -15.33 10.46
C06 XP3 R . 53.87 -15.42 9.55
C07 XP3 R . 54.69 -14.42 9.26
C08 XP3 R . 55.66 -14.38 8.15
C09 XP3 R . 57.11 -14.18 8.58
C11 XP3 R . 58.53 -14.16 6.46
C12 XP3 R . 58.62 -15.66 6.23
C14 XP3 R . 59.17 -13.30 5.45
C16 XP3 R . 59.82 -12.06 5.98
C19 XP3 R . 58.11 -12.03 7.79
O13 XP3 R . 59.15 -16.35 7.35
O15 XP3 R . 59.15 -13.57 4.25
O18 XP3 R . 59.47 -10.13 7.36
H171 XP3 R . 58.16 -10.88 6.08
H012 XP3 R . 53.39 -18.92 13.52
H011 XP3 R . 52.40 -17.80 14.07
H013 XP3 R . 52.01 -19.34 14.19
H021 XP3 R . 50.87 -18.27 12.41
H022 XP3 R . 51.69 -19.53 11.94
H032 XP3 R . 53.35 -18.18 11.05
H031 XP3 R . 51.95 -17.81 10.41
H041 XP3 R . 53.55 -16.24 12.10
H042 XP3 R . 51.99 -16.05 12.26
H051 XP3 R . 52.63 -14.42 10.82
H052 XP3 R . 51.87 -15.46 9.93
H061 XP3 R . 54.04 -16.25 9.13
H071 XP3 R . 54.64 -13.64 9.81
H082 XP3 R . 55.59 -15.21 7.65
H081 XP3 R . 55.41 -13.65 7.54
H091 XP3 R . 57.49 -15.06 8.79
H092 XP3 R . 57.13 -13.65 9.40
H122 XP3 R . 57.72 -16.01 6.04
H121 XP3 R . 59.18 -15.83 5.45
H162 XP3 R . 60.56 -12.32 6.56
H161 XP3 R . 60.20 -11.56 5.23
H192 XP3 R . 58.59 -11.92 8.62
H191 XP3 R . 57.22 -11.65 7.92
H131 XP3 R . 59.90 -16.03 7.53
H181 XP3 R . 59.82 -9.65 6.77
C10 XP3 S . -54.59 -14.36 -0.55
C17 XP3 S . -56.67 -13.18 -1.41
C01 XP3 S . -46.61 -19.51 0.17
C02 XP3 S . -46.79 -19.09 -1.27
C03 XP3 S . -48.01 -18.22 -1.53
C04 XP3 S . -48.03 -16.88 -0.80
C05 XP3 S . -48.72 -15.75 -1.55
C06 XP3 S . -50.17 -15.96 -1.81
C07 XP3 S . -51.16 -15.22 -1.31
C08 XP3 S . -52.53 -15.08 -1.85
C09 XP3 S . -53.61 -15.48 -0.83
C11 XP3 S . -54.43 -13.47 0.48
C12 XP3 S . -53.29 -13.43 1.48
C14 XP3 S . -55.52 -12.47 0.66
C16 XP3 S . -56.84 -12.80 0.04
C19 XP3 S . -55.74 -14.36 -1.52
O13 XP3 S . -53.55 -14.23 2.62
O15 XP3 S . -55.33 -11.40 1.24
O18 XP3 S . -57.92 -13.53 -2.00
H171 XP3 S . -56.29 -12.42 -1.90
H012 XP3 S . -45.84 -20.13 0.23
H011 XP3 S . -46.44 -18.74 0.72
H013 XP3 S . -47.41 -19.96 0.48
H021 XP3 S . -46.86 -19.89 -1.82
H022 XP3 S . -45.99 -18.60 -1.55
H032 XP3 S . -48.06 -18.05 -2.49
H031 XP3 S . -48.81 -18.72 -1.27
H041 XP3 S . -47.10 -16.61 -0.61
H042 XP3 S . -48.48 -17.01 0.07
H051 XP3 S . -48.27 -15.61 -2.40
H052 XP3 S . -48.61 -14.91 -1.04
H061 XP3 S . -50.41 -16.68 -2.39
H071 XP3 S . -50.95 -14.73 -0.53
H082 XP3 S . -52.66 -14.14 -2.11
H081 XP3 S . -52.63 -15.62 -2.65
H091 XP3 S . -53.17 -15.76 0.00
H092 XP3 S . -54.10 -16.25 -1.19
H122 XP3 S . -52.47 -13.74 1.04
H121 XP3 S . -53.14 -12.50 1.77
H162 XP3 S . -57.25 -13.52 0.54
H161 XP3 S . -57.42 -12.03 0.12
H192 XP3 S . -56.25 -15.18 -1.39
H191 XP3 S . -55.38 -14.39 -2.41
H131 XP3 S . -53.69 -15.02 2.36
H181 XP3 S . -58.42 -12.84 -2.00
C10 XP3 T . -63.18 11.73 -7.66
C17 XP3 T . -61.95 10.45 -5.82
C01 XP3 T . -64.63 17.48 -16.17
C02 XP3 T . -64.68 16.27 -15.28
C03 XP3 T . -63.46 15.39 -15.43
C04 XP3 T . -63.43 14.14 -14.55
C05 XP3 T . -62.81 14.33 -13.17
C06 XP3 T . -62.85 13.08 -12.34
C07 XP3 T . -62.26 12.94 -11.18
C08 XP3 T . -62.65 12.01 -10.11
C09 XP3 T . -63.01 12.70 -8.80
C11 XP3 T . -64.35 11.03 -7.45
C12 XP3 T . -65.69 11.25 -8.10
C14 XP3 T . -64.30 9.97 -6.43
C16 XP3 T . -63.35 10.21 -5.29
C19 XP3 T . -61.96 11.62 -6.78
O13 XP3 T . -65.83 10.51 -9.30
O15 XP3 T . -64.97 8.94 -6.52
O18 XP3 T . -61.04 10.70 -4.75
H171 XP3 T . -61.67 9.64 -6.31
H012 XP3 T . -64.58 17.19 -17.11
H011 XP3 T . -65.45 18.01 -16.05
H013 XP3 T . -63.85 18.03 -15.95
H021 XP3 T . -65.48 15.74 -15.49
H022 XP3 T . -64.75 16.57 -14.34
H032 XP3 T . -63.39 15.10 -16.37
H031 XP3 T . -62.67 15.92 -15.23
H041 XP3 T . -62.94 13.44 -15.02
H042 XP3 T . -64.36 13.82 -14.43
H051 XP3 T . -63.27 15.05 -12.70
H052 XP3 T . -61.87 14.60 -13.30
H061 XP3 T . -63.35 12.35 -12.68
H071 XP3 T . -61.50 13.48 -11.01
H082 XP3 T . -63.41 11.47 -10.40
H081 XP3 T . -61.91 11.38 -9.95
H091 XP3 T . -62.30 13.34 -8.58
H092 XP3 T . -63.84 13.21 -8.93
H122 XP3 T . -66.41 10.98 -7.49
H121 XP3 T . -65.81 12.21 -8.30
H162 XP3 T . -63.66 10.97 -4.78
H161 XP3 T . -63.35 9.43 -4.71
H192 XP3 T . -61.88 12.45 -6.27
H191 XP3 T . -61.18 11.55 -7.35
H131 XP3 T . -65.64 9.70 -9.14
H181 XP3 T . -61.00 10.02 -4.26
C10 XP3 U . -20.09 18.02 23.29
C17 XP3 U . -22.50 17.16 23.25
C01 XP3 U . -11.87 22.44 26.88
C02 XP3 U . -13.36 22.48 26.61
C03 XP3 U . -13.84 21.40 25.67
C04 XP3 U . -14.00 20.02 26.30
C05 XP3 U . -15.41 19.72 26.83
C06 XP3 U . -16.43 19.37 25.79
C07 XP3 U . -17.69 19.14 26.09
C08 XP3 U . -18.67 18.31 25.36
C09 XP3 U . -19.14 18.94 24.04
C11 XP3 U . -19.71 17.18 22.28
C12 XP3 U . -18.33 17.07 21.67
C14 XP3 U . -20.76 16.31 21.71
C16 XP3 U . -22.17 16.83 21.82
C19 XP3 U . -21.51 18.14 23.81
O13 XP3 U . -18.12 18.05 20.67
O15 XP3 U . -20.53 15.22 21.24
O18 XP3 U . -23.80 17.73 23.35
H171 XP3 U . -22.48 16.32 23.79
H012 XP3 U . -11.64 23.18 27.48
H011 XP3 U . -11.63 21.60 27.30
H013 XP3 U . -11.38 22.53 26.05
H021 XP3 U . -13.59 23.35 26.23
H022 XP3 U . -13.83 22.38 27.46
H032 XP3 U . -14.70 21.68 25.29
H031 XP3 U . -13.21 21.32 24.93
H041 XP3 U . -13.37 19.93 27.04
H042 XP3 U . -13.77 19.33 25.64
H051 XP3 U . -15.72 20.51 27.32
H052 XP3 U . -15.35 18.99 27.47
H061 XP3 U . -16.15 19.29 24.89
H071 XP3 U . -18.01 19.56 26.87
H082 XP3 U . -18.29 17.45 25.19
H081 XP3 U . -19.44 18.18 25.95
H091 XP3 U . -18.36 19.12 23.48
H092 XP3 U . -19.59 19.78 24.23
H122 XP3 U . -17.65 17.19 22.38
H121 XP3 U . -18.20 16.18 21.29
H162 XP3 U . -22.26 17.61 21.27
H161 XP3 U . -22.77 16.14 21.49
H192 XP3 U . -21.82 19.04 23.62
H191 XP3 U . -21.49 18.04 24.79
H131 XP3 U . -18.72 17.96 20.08
H181 XP3 U . -24.37 17.16 23.10
C10 XP3 V . -33.65 -6.81 26.47
C17 XP3 V . -31.69 -5.90 25.06
C01 XP3 V . -38.55 -11.95 33.92
C02 XP3 V . -37.71 -11.15 32.96
C03 XP3 V . -36.92 -10.06 33.66
C04 XP3 V . -35.66 -9.62 32.95
C05 XP3 V . -35.91 -8.70 31.75
C06 XP3 V . -34.69 -8.43 30.94
C07 XP3 V . -34.67 -7.66 29.87
C08 XP3 V . -33.58 -7.54 28.89
C09 XP3 V . -34.02 -7.88 27.47
C11 XP3 V . -34.49 -5.77 26.11
C12 XP3 V . -35.98 -5.60 26.32
C14 XP3 V . -33.82 -4.68 25.37
C16 XP3 V . -32.78 -5.10 24.39
C19 XP3 V . -32.26 -7.00 25.92
O13 XP3 V . -36.71 -6.80 26.11
O15 XP3 V . -34.10 -3.50 25.55
O18 XP3 V . -30.84 -6.50 24.09
H171 XP3 V . -31.15 -5.29 25.63
H012 XP3 V . -39.17 -12.52 33.43
H011 XP3 V . -37.97 -12.50 34.48
H013 XP3 V . -39.06 -11.34 34.49
H021 XP3 V . -38.30 -10.73 32.29
H022 XP3 V . -37.10 -11.75 32.49
H032 XP3 V . -37.51 -9.29 33.78
H031 XP3 V . -36.68 -10.39 34.55
H041 XP3 V . -35.16 -10.41 32.64
H042 XP3 V . -35.08 -9.14 33.59
H051 XP3 V . -36.28 -7.86 32.07
H052 XP3 V . -36.59 -9.11 31.17
H061 XP3 V . -33.88 -8.84 31.21
H071 XP3 V . -35.45 -7.13 29.72
H082 XP3 V . -33.22 -6.64 28.91
H081 XP3 V . -32.85 -8.15 29.15
H091 XP3 V . -34.99 -8.02 27.46
H092 XP3 V . -33.60 -8.72 27.19
H122 XP3 V . -36.13 -5.28 27.23
H121 XP3 V . -36.31 -4.91 25.70
H162 XP3 V . -33.20 -5.63 23.70
H161 XP3 V . -32.40 -4.31 23.98
H192 XP3 V . -32.26 -7.83 25.40
H191 XP3 V . -31.66 -7.14 26.68
H131 XP3 V . -36.54 -7.09 25.34
H181 XP3 V . -30.46 -5.89 23.64
C10 XP3 W . -21.44 10.01 -10.80
C17 XP3 W . -20.28 9.04 -12.88
C01 XP3 W . -26.15 14.56 -4.40
C02 XP3 W . -27.44 14.37 -5.16
C03 XP3 W . -27.25 13.97 -6.62
C04 XP3 W . -26.46 12.68 -6.84
C05 XP3 W . -26.70 12.04 -8.20
C06 XP3 W . -25.58 11.15 -8.65
C07 XP3 W . -24.89 11.30 -9.76
C08 XP3 W . -23.86 10.39 -10.30
C09 XP3 W . -22.46 11.01 -10.35
C11 XP3 W . -20.80 9.12 -9.95
C12 XP3 W . -20.99 8.99 -8.46
C14 XP3 W . -19.84 8.20 -10.59
C16 XP3 W . -19.21 8.67 -11.87
C19 XP3 W . -21.20 10.08 -12.29
O13 XP3 W . -19.79 8.64 -7.79
O15 XP3 W . -19.60 7.08 -10.15
O18 XP3 W . -19.70 9.55 -14.05
H171 XP3 W . -20.80 8.22 -13.09
H012 XP3 W . -26.33 15.01 -3.56
H011 XP3 W . -25.76 13.68 -4.21
H013 XP3 W . -25.53 15.08 -4.93
H021 XP3 W . -27.95 15.22 -5.15
H022 XP3 W . -27.98 13.69 -4.71
H032 XP3 W . -28.13 13.86 -7.01
H031 XP3 W . -26.80 14.69 -7.08
H041 XP3 W . -26.69 12.04 -6.15
H042 XP3 W . -25.50 12.88 -6.75
H051 XP3 W . -26.82 12.75 -8.87
H052 XP3 W . -27.53 11.52 -8.17
H061 XP3 W . -25.37 10.41 -8.10
H071 XP3 W . -25.10 12.05 -10.29
H082 XP3 W . -23.83 9.60 -9.76
H081 XP3 W . -24.12 10.12 -11.21
H091 XP3 W . -22.23 11.36 -9.46
H092 XP3 W . -22.47 11.77 -10.97
H122 XP3 W . -21.32 9.85 -8.10
H121 XP3 W . -21.67 8.32 -8.28
H162 XP3 W . -18.65 9.44 -11.68
H161 XP3 W . -18.65 7.97 -12.22
H192 XP3 W . -20.84 10.96 -12.50
H191 XP3 W . -22.06 10.01 -12.73
H131 XP3 W . -19.96 8.55 -6.96
H181 XP3 W . -20.31 9.63 -14.63
C10 XP3 X . -20.22 -14.84 -24.88
C17 XP3 X . -19.99 -13.85 -22.55
C01 XP3 X . -24.17 -19.23 -32.66
C02 XP3 X . -24.78 -19.06 -31.30
C03 XP3 X . -23.82 -18.55 -30.23
C04 XP3 X . -23.47 -17.07 -30.35
C05 XP3 X . -24.33 -16.12 -29.52
C06 XP3 X . -23.80 -15.66 -28.20
C07 XP3 X . -22.75 -16.04 -27.48
C08 XP3 X . -22.26 -15.29 -26.31
C09 XP3 X . -20.94 -15.84 -25.74
C11 XP3 X . -19.28 -13.97 -25.38
C12 XP3 X . -18.92 -13.78 -26.84
C14 XP3 X . -18.51 -13.16 -24.40
C16 XP3 X . -18.56 -13.61 -22.98
C19 XP3 X . -20.59 -14.93 -23.42
O13 XP3 X . -17.84 -14.61 -27.22
O15 XP3 X . -17.89 -12.16 -24.73
O18 XP3 X . -20.06 -14.21 -21.19
H171 XP3 X . -20.50 -13.01 -22.69
H012 XP3 X . -24.80 -19.69 -33.24
H011 XP3 X . -23.96 -18.36 -33.04
H013 XP3 X . -23.35 -19.75 -32.60
H021 XP3 X . -25.13 -19.92 -30.99
H022 XP3 X . -25.52 -18.43 -31.36
H032 XP3 X . -24.23 -18.71 -29.35
H031 XP3 X . -22.99 -19.07 -30.27
H041 XP3 X . -23.53 -16.81 -31.29
H042 XP3 X . -22.53 -16.95 -30.08
H051 XP3 X . -25.21 -16.53 -29.38
H052 XP3 X . -24.51 -15.32 -30.07
H061 XP3 X . -24.27 -14.93 -27.83
H071 XP3 X . -22.30 -16.83 -27.74
H082 XP3 X . -22.13 -14.36 -26.55
H081 XP3 X . -22.94 -15.32 -25.61
H091 XP3 X . -20.37 -16.11 -26.49
H092 XP3 X . -21.14 -16.65 -25.21
H122 XP3 X . -19.71 -13.99 -27.40
H121 XP3 X . -18.69 -12.84 -27.01
H162 XP3 X . -18.04 -14.42 -22.88
H161 XP3 X . -18.16 -12.92 -22.42
H192 XP3 X . -20.32 -15.79 -23.08
H191 XP3 X . -21.56 -14.88 -23.35
H131 XP3 X . -17.67 -14.47 -28.03
H181 XP3 X . -19.52 -14.83 -21.03
#